data_9OOU
#
_entry.id   9OOU
#
_cell.length_a   1.00
_cell.length_b   1.00
_cell.length_c   1.00
_cell.angle_alpha   90.00
_cell.angle_beta   90.00
_cell.angle_gamma   90.00
#
_symmetry.space_group_name_H-M   'P 1'
#
loop_
_entity.id
_entity.type
_entity.pdbx_description
1 polymer 'Glutamate receptor ionotropic, NMDA 1'
2 polymer 'Glutamate receptor ionotropic, NMDA 2B'
3 non-polymer '(2S)-3-(hexadecanoyloxy)-2-[(9Z)-octadec-9-enoyloxy]propyl 2-(trimethylammonio)ethyl phosphate'
4 non-polymer (5M)-5-(3-bromo-4-fluorophenyl)-6-ethynyl-3-[2-(3-fluoro-3-methylazetidin-1-yl)-2-oxoethyl]thieno[2,3-d]pyrimidin-4(3H)-one
5 non-polymer CHOLESTEROL
6 water water
#
loop_
_entity_poly.entity_id
_entity_poly.type
_entity_poly.pdbx_seq_one_letter_code
_entity_poly.pdbx_strand_id
1 'polypeptide(L)'
;MSTMHLLTFALLFSCSFARAASDPKIVNIGAVLSTRKHEQMFREAVNQANKRHGSWKIQLQATSVTHKPNAIQMALSVCE
DLISSQVYAILVSHPPTPNDHFTPTPVSYTAGFYRIPVLGLTTRMSIYSDKSIHLSFLRTVPPYSHQSSVWFEMMRVYNW
NHIILLVSDDHEGRAAQKRLETLLEERESKAEKVLQFDPGTKNVTALLMEARELEARVIILSASEDDAATVYRAAAMLDM
TGSGYVWLVGEREISGNALRYAPDGIIGLQLINGKNESAHISDAVGVVAQAVHELLEKENITDPPRGCVGNTNIWKTGPL
FKRVLMSSKYADGVTGRVEFNEDGDRKFAQYSIMNLQNRKLVQVGIYNGTHVIPNDRKIIWPGGETEKPRGYQMSTRLKI
VTIHQEPFVYVKPTMSDGTCKEEFTVNGDPVKKVICTGPNDTSPGSPRHTVPQCCYGFCIDLLIKLARTMQFTYEVHLVA
DGKFGTQERVQNSNKKEWNGMMGELLSGQADMIVAPLTINNERAQYIEFSKPFKYQGLTILVKKEIPRSTLDSFMQPFQS
TLWLLVGLSVHVVAVMLYLLDRFSPFGRFKVNSEEEEEDALTLSSAMWFSWGVLLNSGIGEGAPRSFSARILGMVWAGFA
MIIVASYTANLAAFLVLDRPEERITGINDPRLRNPSDKFIYATVKQSSVDIYFRRQVELSTMYRHMEKHNYESAAEAIQA
VRDNKLHAFIWDSAVLEFEASQKCDLVTTGELFFRSGFGIGMRKDSPWKQQVSLSILKSHENGFMEDLDKTWVRYQECDS
RSNAPATLTFENMAGVFMLVAGGIVAGIFLIFIEIAYKRHKDANGAQ
;
A,C
2 'polypeptide(L)'
;GWSHPQFEKGGGSGGGSGGSAWSHPQFEKGALVPRGRSQKSPPSIGIAVILVGTSDEVAIKDAHEKDDFHHLSVVPRVEL
VAMNETDPKSIITRICDLMSDRKIQGVVFADDTDQEAIAQILDFISAQTLTPILGIHGGSSMIMADKDESSMFFQFGPSI
EQQASVMLNIMEEYDWYIFSIVTTYFPGYQDFVNKIRSTIENSFVGWELEEVLLLDMSLDDGDSKIQNQLKKLQSPIILL
YCTKEEATYIFEVANSVGLTGYGYTWIVPSLVAGDTDTVPSEFPTGLISVSYDEWDYGLPARVRDGIAIITTAASDMLSE
HSFIPEPKSSCYNTHEKRIYQSNMLNRYLINVTFEGRNLSFSEDGYQMHPKLVIILLNKERKWERVGKWKDKSLQMKYYV
WPRMCPETEEQEDDHLSIVTLEEAPFVIVESVDPLSGTCMRNTVPCQKRIISENKTDEEPGYIKKCCKGFCIDILKKISK
SVKFTYDLYLVTNGKHGKKINGTWNGMIGEVVMKRAYMAVGSLTINEERSEVVDFSVPFIETGISVMVSRSNGTVSPSAF
LEPFSADVWVMMFVMLLIVSAVAVFVFEYFSPVGYNRCLADGREPGGPSFTIGKAIWLLWGLVFNNSVPVQNPKGTTSKI
MVSVWAFFAVIFLASYTANLAAFMIQEEYVDQVSGLSDKKFQRPNDFSPPFRFGTVPNGSTERNIRNNYAEMHAYMGKFN
QRGVDDALLSLKTGKLDAFIYDAAVLNYMAGRDEGCKLVTIGSGKVFASTGYGIAIQKDSGWKRQVDLAILQLFGDGEME
ELEALWLTGICHNEKNEVMSSQLDIDNMAGVFYMLGAAMALSLITFICEHLFYWQFRHSFMG
;
B,D
#
# COMPACT_ATOMS: atom_id res chain seq x y z
N THR A 396 -18.38 -49.62 -19.04
CA THR A 396 -17.92 -50.29 -17.84
C THR A 396 -16.43 -50.09 -17.64
N ARG A 397 -15.64 -50.62 -18.58
CA ARG A 397 -14.19 -50.53 -18.49
C ARG A 397 -13.74 -49.12 -18.88
N LEU A 398 -13.05 -48.44 -17.96
CA LEU A 398 -12.67 -47.05 -18.16
C LEU A 398 -11.19 -46.87 -17.84
N LYS A 399 -10.52 -46.04 -18.65
CA LYS A 399 -9.12 -45.73 -18.49
C LYS A 399 -8.97 -44.28 -18.04
N ILE A 400 -8.20 -44.06 -16.99
CA ILE A 400 -8.09 -42.74 -16.35
C ILE A 400 -6.62 -42.37 -16.24
N VAL A 401 -6.30 -41.13 -16.62
CA VAL A 401 -4.95 -40.59 -16.47
C VAL A 401 -4.98 -39.52 -15.39
N THR A 402 -3.89 -39.45 -14.63
CA THR A 402 -3.78 -38.54 -13.50
C THR A 402 -2.37 -37.97 -13.43
N ILE A 403 -2.26 -36.76 -12.91
CA ILE A 403 -0.99 -36.08 -12.70
C ILE A 403 -0.71 -36.02 -11.21
N HIS A 404 0.57 -35.92 -10.87
CA HIS A 404 0.97 -35.84 -9.47
C HIS A 404 0.84 -34.40 -8.98
N GLN A 405 0.00 -34.21 -7.96
CA GLN A 405 -0.14 -32.93 -7.29
C GLN A 405 -0.29 -33.18 -5.81
N GLU A 406 0.63 -32.63 -5.02
CA GLU A 406 0.73 -32.98 -3.60
C GLU A 406 -0.56 -32.83 -2.81
N PRO A 407 -1.33 -31.73 -2.92
CA PRO A 407 -2.56 -31.64 -2.14
C PRO A 407 -3.73 -32.44 -2.71
N PHE A 408 -3.61 -32.94 -3.94
CA PHE A 408 -4.68 -33.70 -4.56
C PHE A 408 -4.29 -35.14 -4.88
N VAL A 409 -3.10 -35.36 -5.43
CA VAL A 409 -2.68 -36.67 -5.88
C VAL A 409 -1.35 -36.99 -5.22
N TYR A 410 -1.38 -37.88 -4.24
CA TYR A 410 -0.18 -38.43 -3.62
C TYR A 410 0.15 -39.72 -4.34
N VAL A 411 1.33 -39.77 -4.97
CA VAL A 411 1.79 -40.93 -5.72
C VAL A 411 2.98 -41.52 -4.98
N LYS A 412 2.93 -42.84 -4.73
CA LYS A 412 4.05 -43.46 -4.05
C LYS A 412 4.29 -44.84 -4.63
N PRO A 413 5.52 -45.15 -5.04
CA PRO A 413 5.82 -46.47 -5.60
C PRO A 413 5.53 -47.58 -4.59
N THR A 414 4.86 -48.62 -5.07
CA THR A 414 4.49 -49.73 -4.21
C THR A 414 5.69 -50.65 -3.96
N MET A 415 5.64 -51.34 -2.83
CA MET A 415 6.70 -52.27 -2.45
C MET A 415 6.12 -53.64 -2.13
N SER A 416 6.96 -54.55 -1.64
CA SER A 416 6.59 -55.94 -1.35
C SER A 416 6.09 -56.56 -2.65
N ASP A 417 4.86 -57.05 -2.72
CA ASP A 417 4.35 -57.63 -3.96
C ASP A 417 3.90 -56.58 -4.97
N GLY A 418 3.71 -55.32 -4.54
CA GLY A 418 3.16 -54.32 -5.42
C GLY A 418 1.93 -53.66 -4.82
N THR A 419 1.67 -53.94 -3.55
CA THR A 419 0.59 -53.30 -2.80
C THR A 419 1.20 -52.54 -1.63
N CYS A 420 0.87 -51.26 -1.51
CA CYS A 420 1.40 -50.44 -0.43
C CYS A 420 0.58 -50.67 0.84
N LYS A 421 0.98 -49.99 1.91
CA LYS A 421 0.38 -50.22 3.22
C LYS A 421 -1.06 -49.70 3.27
N GLU A 422 -1.70 -49.93 4.41
CA GLU A 422 -3.06 -49.46 4.65
C GLU A 422 -3.04 -48.51 5.84
N GLU A 423 -2.10 -47.56 5.82
CA GLU A 423 -1.98 -46.59 6.90
C GLU A 423 -3.27 -45.81 7.06
N PHE A 424 -3.58 -45.46 8.30
CA PHE A 424 -4.80 -44.76 8.64
C PHE A 424 -4.54 -43.28 8.88
N THR A 425 -5.62 -42.50 8.80
CA THR A 425 -5.53 -41.06 9.00
C THR A 425 -5.40 -40.76 10.49
N VAL A 426 -5.43 -39.48 10.84
CA VAL A 426 -5.31 -39.08 12.24
C VAL A 426 -6.53 -39.53 13.03
N ASN A 427 -7.71 -39.48 12.41
CA ASN A 427 -8.96 -39.86 13.06
C ASN A 427 -9.27 -41.34 12.92
N GLY A 428 -8.26 -42.16 12.69
CA GLY A 428 -8.47 -43.60 12.57
C GLY A 428 -9.27 -44.02 11.35
N ASP A 429 -9.00 -43.42 10.20
CA ASP A 429 -9.70 -43.78 8.98
C ASP A 429 -8.71 -44.26 7.94
N PRO A 430 -9.06 -45.29 7.16
CA PRO A 430 -8.08 -45.85 6.22
C PRO A 430 -7.86 -44.93 5.04
N VAL A 431 -6.61 -44.89 4.58
CA VAL A 431 -6.24 -44.09 3.41
C VAL A 431 -6.44 -45.00 2.20
N LYS A 432 -7.55 -44.80 1.49
CA LYS A 432 -7.85 -45.62 0.33
C LYS A 432 -6.81 -45.41 -0.76
N LYS A 433 -6.42 -46.51 -1.42
CA LYS A 433 -5.40 -46.49 -2.43
C LYS A 433 -5.97 -46.99 -3.75
N VAL A 434 -5.38 -46.55 -4.86
CA VAL A 434 -5.69 -47.09 -6.17
C VAL A 434 -4.40 -47.40 -6.89
N ILE A 435 -4.48 -48.34 -7.83
CA ILE A 435 -3.33 -48.80 -8.58
C ILE A 435 -3.00 -47.77 -9.66
N CYS A 436 -1.71 -47.50 -9.84
CA CYS A 436 -1.23 -46.52 -10.83
C CYS A 436 -0.08 -47.16 -11.58
N THR A 437 -0.34 -47.69 -12.77
CA THR A 437 0.73 -48.22 -13.63
C THR A 437 1.45 -47.06 -14.30
N GLY A 438 2.16 -46.29 -13.46
CA GLY A 438 2.74 -45.04 -13.89
C GLY A 438 4.23 -45.11 -14.11
N PRO A 439 4.78 -44.12 -14.82
CA PRO A 439 6.22 -44.14 -15.10
C PRO A 439 7.04 -44.05 -13.82
N ASN A 440 8.22 -44.68 -13.85
CA ASN A 440 9.11 -44.63 -12.70
C ASN A 440 9.56 -43.20 -12.42
N ASP A 441 9.87 -42.45 -13.48
CA ASP A 441 10.23 -41.04 -13.35
C ASP A 441 9.54 -40.27 -14.46
N THR A 442 9.32 -38.97 -14.21
CA THR A 442 8.72 -38.11 -15.22
C THR A 442 9.62 -38.05 -16.46
N SER A 443 8.99 -37.97 -17.64
CA SER A 443 9.69 -38.11 -18.91
C SER A 443 10.48 -39.41 -18.89
N PRO A 444 9.80 -40.57 -19.01
CA PRO A 444 10.41 -41.87 -18.69
C PRO A 444 11.86 -42.03 -19.13
N GLY A 445 12.15 -41.82 -20.40
CA GLY A 445 13.52 -41.92 -20.87
C GLY A 445 14.09 -43.32 -20.66
N SER A 446 15.31 -43.39 -20.12
CA SER A 446 15.94 -44.69 -19.92
C SER A 446 15.20 -45.57 -18.91
N PRO A 447 14.76 -45.08 -17.72
CA PRO A 447 13.94 -45.95 -16.85
C PRO A 447 12.48 -45.94 -17.27
N ARG A 448 12.22 -46.28 -18.53
CA ARG A 448 10.87 -46.28 -19.08
C ARG A 448 10.19 -47.58 -18.68
N HIS A 449 9.73 -47.62 -17.43
CA HIS A 449 9.02 -48.76 -16.89
C HIS A 449 7.75 -48.28 -16.19
N THR A 450 6.65 -49.01 -16.42
CA THR A 450 5.36 -48.69 -15.81
C THR A 450 5.28 -49.40 -14.46
N VAL A 451 5.80 -48.73 -13.44
CA VAL A 451 5.74 -49.30 -12.09
C VAL A 451 4.30 -49.23 -11.58
N PRO A 452 3.79 -50.31 -10.99
CA PRO A 452 2.45 -50.29 -10.34
C PRO A 452 2.48 -49.62 -8.98
N GLN A 453 2.62 -48.29 -9.00
CA GLN A 453 2.61 -47.51 -7.78
C GLN A 453 1.19 -47.44 -7.21
N CYS A 454 1.04 -46.82 -6.05
CA CYS A 454 -0.29 -46.58 -5.51
C CYS A 454 -0.50 -45.09 -5.29
N CYS A 455 -1.70 -44.64 -5.64
CA CYS A 455 -2.08 -43.24 -5.55
C CYS A 455 -3.23 -43.07 -4.56
N TYR A 456 -3.25 -41.92 -3.90
CA TYR A 456 -4.29 -41.63 -2.92
C TYR A 456 -4.39 -40.11 -2.76
N GLY A 457 -5.57 -39.65 -2.42
CA GLY A 457 -5.77 -38.23 -2.20
C GLY A 457 -7.20 -37.81 -2.46
N PHE A 458 -7.36 -36.50 -2.59
CA PHE A 458 -8.69 -35.90 -2.77
C PHE A 458 -9.37 -36.44 -4.02
N CYS A 459 -8.69 -36.39 -5.16
CA CYS A 459 -9.27 -36.88 -6.40
C CYS A 459 -9.53 -38.37 -6.35
N ILE A 460 -8.70 -39.12 -5.63
CA ILE A 460 -8.89 -40.56 -5.54
C ILE A 460 -10.17 -40.90 -4.78
N ASP A 461 -10.42 -40.19 -3.67
CA ASP A 461 -11.66 -40.40 -2.94
C ASP A 461 -12.87 -39.96 -3.75
N LEU A 462 -12.73 -38.88 -4.53
CA LEU A 462 -13.82 -38.51 -5.43
C LEU A 462 -14.09 -39.61 -6.45
N LEU A 463 -13.01 -40.21 -6.98
CA LEU A 463 -13.16 -41.33 -7.90
C LEU A 463 -13.88 -42.49 -7.25
N ILE A 464 -13.54 -42.81 -6.00
CA ILE A 464 -14.18 -43.95 -5.35
C ILE A 464 -15.66 -43.69 -5.09
N LYS A 465 -16.00 -42.45 -4.69
CA LYS A 465 -17.40 -42.11 -4.52
C LYS A 465 -18.16 -42.24 -5.84
N LEU A 466 -17.60 -41.71 -6.92
CA LEU A 466 -18.26 -41.84 -8.21
C LEU A 466 -18.25 -43.29 -8.69
N ALA A 467 -17.29 -44.09 -8.23
CA ALA A 467 -17.24 -45.50 -8.61
C ALA A 467 -18.41 -46.26 -7.99
N ARG A 468 -18.68 -46.01 -6.70
CA ARG A 468 -19.83 -46.69 -6.10
C ARG A 468 -21.14 -46.15 -6.65
N THR A 469 -21.20 -44.84 -6.95
CA THR A 469 -22.47 -44.29 -7.44
C THR A 469 -22.77 -44.75 -8.87
N MET A 470 -21.79 -44.65 -9.77
CA MET A 470 -22.02 -44.90 -11.19
C MET A 470 -21.88 -46.37 -11.58
N GLN A 471 -21.29 -47.20 -10.72
CA GLN A 471 -21.11 -48.62 -10.99
C GLN A 471 -20.29 -48.85 -12.26
N PHE A 472 -19.04 -48.43 -12.21
CA PHE A 472 -18.11 -48.61 -13.32
C PHE A 472 -16.76 -49.10 -12.80
N THR A 473 -16.00 -49.72 -13.70
CA THR A 473 -14.64 -50.13 -13.41
C THR A 473 -13.67 -49.12 -14.02
N TYR A 474 -12.52 -48.96 -13.36
CA TYR A 474 -11.57 -47.95 -13.76
C TYR A 474 -10.15 -48.42 -13.47
N GLU A 475 -9.20 -47.82 -14.18
CA GLU A 475 -7.78 -47.96 -13.88
C GLU A 475 -7.14 -46.60 -13.99
N VAL A 476 -6.06 -46.40 -13.23
CA VAL A 476 -5.35 -45.13 -13.18
C VAL A 476 -3.93 -45.36 -13.67
N HIS A 477 -3.48 -44.51 -14.59
CA HIS A 477 -2.09 -44.53 -15.04
C HIS A 477 -1.63 -43.10 -15.28
N LEU A 478 -0.49 -42.74 -14.70
CA LEU A 478 0.01 -41.38 -14.80
C LEU A 478 0.45 -41.06 -16.21
N VAL A 479 0.32 -39.78 -16.58
CA VAL A 479 0.75 -39.33 -17.90
C VAL A 479 2.27 -39.33 -17.98
N ALA A 480 2.80 -39.85 -19.09
CA ALA A 480 4.24 -39.99 -19.23
C ALA A 480 4.95 -38.64 -19.29
N ASP A 481 4.40 -37.69 -20.04
CA ASP A 481 5.06 -36.40 -20.17
C ASP A 481 4.96 -35.56 -18.91
N GLY A 482 3.98 -35.85 -18.05
CA GLY A 482 3.83 -35.11 -16.80
C GLY A 482 3.43 -33.66 -16.97
N LYS A 483 2.53 -33.38 -17.92
CA LYS A 483 2.05 -32.03 -18.16
C LYS A 483 0.52 -32.03 -18.23
N PHE A 484 -0.07 -30.89 -17.89
CA PHE A 484 -1.52 -30.77 -17.91
C PHE A 484 -2.05 -30.74 -19.35
N GLY A 485 -1.41 -29.97 -20.22
CA GLY A 485 -1.80 -29.96 -21.61
C GLY A 485 -1.91 -28.59 -22.24
N THR A 486 -1.21 -28.41 -23.36
CA THR A 486 -1.30 -27.20 -24.17
C THR A 486 -1.36 -27.60 -25.64
N GLN A 487 -1.61 -26.61 -26.49
CA GLN A 487 -1.78 -26.84 -27.92
C GLN A 487 -0.50 -26.42 -28.64
N GLU A 488 0.10 -27.37 -29.36
CA GLU A 488 1.31 -27.11 -30.14
C GLU A 488 1.16 -27.76 -31.51
N ARG A 489 2.18 -27.55 -32.34
CA ARG A 489 2.26 -28.16 -33.66
C ARG A 489 3.66 -28.71 -33.86
N VAL A 490 3.78 -29.71 -34.74
CA VAL A 490 5.05 -30.35 -35.03
C VAL A 490 5.24 -30.42 -36.54
N GLN A 491 6.50 -30.49 -36.96
CA GLN A 491 6.88 -30.61 -38.37
C GLN A 491 6.37 -29.44 -39.20
N ASN A 492 6.18 -28.29 -38.56
CA ASN A 492 5.69 -27.07 -39.23
C ASN A 492 4.39 -27.35 -39.98
N SER A 493 3.49 -28.11 -39.35
CA SER A 493 2.23 -28.50 -39.95
C SER A 493 1.11 -27.60 -39.46
N ASN A 494 0.08 -27.45 -40.30
CA ASN A 494 -1.07 -26.64 -39.93
C ASN A 494 -1.82 -27.23 -38.75
N LYS A 495 -1.90 -28.57 -38.70
CA LYS A 495 -2.63 -29.23 -37.62
C LYS A 495 -1.97 -28.97 -36.29
N LYS A 496 -2.80 -28.87 -35.24
CA LYS A 496 -2.33 -28.63 -33.89
C LYS A 496 -2.53 -29.88 -33.04
N GLU A 497 -1.51 -30.22 -32.26
CA GLU A 497 -1.53 -31.42 -31.43
C GLU A 497 -1.52 -31.03 -29.95
N TRP A 498 -2.16 -31.87 -29.14
CA TRP A 498 -2.30 -31.62 -27.71
C TRP A 498 -1.26 -32.40 -26.92
N ASN A 499 -1.12 -32.03 -25.65
CA ASN A 499 -0.10 -32.59 -24.78
C ASN A 499 -0.74 -33.06 -23.48
N GLY A 500 -0.01 -33.93 -22.78
CA GLY A 500 -0.44 -34.34 -21.46
C GLY A 500 -1.75 -35.11 -21.49
N MET A 501 -2.71 -34.62 -20.70
CA MET A 501 -3.98 -35.32 -20.57
C MET A 501 -4.72 -35.37 -21.89
N MET A 502 -4.80 -34.25 -22.60
CA MET A 502 -5.49 -34.21 -23.88
C MET A 502 -4.67 -34.83 -25.00
N GLY A 503 -3.39 -35.08 -24.77
CA GLY A 503 -2.63 -35.88 -25.71
C GLY A 503 -2.94 -37.35 -25.65
N GLU A 504 -3.69 -37.79 -24.65
CA GLU A 504 -4.09 -39.18 -24.50
C GLU A 504 -5.60 -39.38 -24.41
N LEU A 505 -6.31 -38.49 -23.71
CA LEU A 505 -7.77 -38.60 -23.67
C LEU A 505 -8.38 -38.39 -25.04
N LEU A 506 -7.88 -37.42 -25.79
CA LEU A 506 -8.40 -37.18 -27.14
C LEU A 506 -8.07 -38.33 -28.08
N SER A 507 -7.03 -39.10 -27.79
CA SER A 507 -6.66 -40.25 -28.59
C SER A 507 -7.45 -41.51 -28.23
N GLY A 508 -8.37 -41.40 -27.28
CA GLY A 508 -9.11 -42.55 -26.81
C GLY A 508 -8.39 -43.37 -25.75
N GLN A 509 -7.15 -43.02 -25.42
CA GLN A 509 -6.40 -43.75 -24.41
C GLN A 509 -6.96 -43.54 -23.01
N ALA A 510 -7.68 -42.44 -22.78
CA ALA A 510 -8.28 -42.16 -21.49
C ALA A 510 -9.75 -41.81 -21.69
N ASP A 511 -10.59 -42.39 -20.82
CA ASP A 511 -12.03 -42.11 -20.85
C ASP A 511 -12.42 -41.03 -19.85
N MET A 512 -11.89 -41.09 -18.63
CA MET A 512 -12.19 -40.13 -17.59
C MET A 512 -10.92 -39.41 -17.18
N ILE A 513 -11.02 -38.10 -16.97
CA ILE A 513 -9.92 -37.28 -16.48
C ILE A 513 -10.24 -36.83 -15.06
N VAL A 514 -9.34 -37.16 -14.14
CA VAL A 514 -9.49 -36.82 -12.73
C VAL A 514 -8.17 -36.21 -12.28
N ALA A 515 -8.07 -34.89 -12.34
CA ALA A 515 -6.87 -34.16 -11.93
C ALA A 515 -7.24 -32.70 -11.76
N PRO A 516 -6.51 -31.96 -10.94
CA PRO A 516 -6.80 -30.52 -10.81
C PRO A 516 -6.56 -29.76 -12.10
N LEU A 517 -7.35 -30.04 -13.12
CA LEU A 517 -7.20 -29.38 -14.41
C LEU A 517 -8.08 -28.13 -14.45
N THR A 518 -7.44 -26.98 -14.61
CA THR A 518 -8.16 -25.71 -14.62
C THR A 518 -9.00 -25.59 -15.88
N ILE A 519 -10.20 -25.04 -15.73
CA ILE A 519 -11.08 -24.83 -16.88
C ILE A 519 -10.54 -23.67 -17.70
N ASN A 520 -10.49 -23.84 -19.01
CA ASN A 520 -9.91 -22.84 -19.89
C ASN A 520 -10.57 -22.93 -21.26
N ASN A 521 -10.45 -21.85 -22.03
CA ASN A 521 -11.06 -21.80 -23.36
C ASN A 521 -10.49 -22.89 -24.26
N GLU A 522 -9.17 -22.93 -24.40
CA GLU A 522 -8.55 -23.94 -25.25
C GLU A 522 -8.80 -25.34 -24.72
N ARG A 523 -8.95 -25.47 -23.39
CA ARG A 523 -9.25 -26.76 -22.80
C ARG A 523 -10.70 -27.15 -23.00
N ALA A 524 -11.62 -26.17 -22.99
CA ALA A 524 -13.03 -26.48 -23.15
C ALA A 524 -13.45 -26.65 -24.60
N GLN A 525 -12.64 -26.17 -25.55
CA GLN A 525 -12.99 -26.36 -26.95
C GLN A 525 -12.96 -27.83 -27.35
N TYR A 526 -11.97 -28.57 -26.85
CA TYR A 526 -11.78 -29.95 -27.27
C TYR A 526 -12.51 -30.96 -26.40
N ILE A 527 -12.71 -30.65 -25.11
CA ILE A 527 -13.48 -31.50 -24.22
C ILE A 527 -14.44 -30.62 -23.43
N GLU A 528 -15.51 -31.23 -22.96
CA GLU A 528 -16.52 -30.53 -22.16
C GLU A 528 -16.25 -30.78 -20.69
N PHE A 529 -16.05 -29.70 -19.93
CA PHE A 529 -15.81 -29.80 -18.51
C PHE A 529 -17.12 -29.89 -17.74
N SER A 530 -17.08 -30.58 -16.60
CA SER A 530 -18.22 -30.64 -15.71
C SER A 530 -18.24 -29.40 -14.84
N LYS A 531 -19.14 -29.36 -13.85
CA LYS A 531 -19.14 -28.26 -12.90
C LYS A 531 -17.88 -28.33 -12.04
N PRO A 532 -17.32 -27.18 -11.65
CA PRO A 532 -16.11 -27.20 -10.84
C PRO A 532 -16.37 -27.80 -9.47
N PHE A 533 -15.57 -28.79 -9.11
CA PHE A 533 -15.67 -29.41 -7.80
C PHE A 533 -14.89 -28.67 -6.73
N LYS A 534 -14.03 -27.74 -7.12
CA LYS A 534 -13.30 -26.91 -6.16
C LYS A 534 -12.92 -25.61 -6.88
N TYR A 535 -13.59 -24.52 -6.53
CA TYR A 535 -13.32 -23.24 -7.15
C TYR A 535 -12.06 -22.63 -6.54
N GLN A 536 -11.17 -22.12 -7.38
CA GLN A 536 -9.92 -21.56 -6.89
C GLN A 536 -9.39 -20.58 -7.93
N GLY A 537 -8.34 -19.85 -7.53
CA GLY A 537 -7.70 -18.91 -8.43
C GLY A 537 -6.19 -18.97 -8.26
N LEU A 538 -5.51 -18.42 -9.27
CA LEU A 538 -4.06 -18.40 -9.24
C LEU A 538 -3.55 -17.50 -8.13
N THR A 539 -2.44 -17.90 -7.52
CA THR A 539 -1.82 -17.14 -6.44
C THR A 539 -0.31 -17.23 -6.56
N ILE A 540 0.37 -16.43 -5.75
CA ILE A 540 1.81 -16.25 -5.79
C ILE A 540 2.40 -16.72 -4.46
N LEU A 541 3.40 -17.59 -4.54
CA LEU A 541 4.15 -18.07 -3.39
C LEU A 541 5.54 -17.42 -3.40
N VAL A 542 5.90 -16.77 -2.30
CA VAL A 542 7.17 -16.10 -2.21
C VAL A 542 8.14 -16.96 -1.42
N LYS A 543 9.43 -16.60 -1.47
CA LYS A 543 10.46 -17.41 -0.84
C LYS A 543 10.39 -17.30 0.68
N LYS A 544 10.58 -16.09 1.21
CA LYS A 544 10.53 -15.81 2.65
C LYS A 544 11.60 -16.59 3.42
N GLU A 545 12.45 -17.33 2.71
CA GLU A 545 13.55 -18.01 3.37
C GLU A 545 14.49 -17.02 4.05
N ILE A 546 14.79 -15.92 3.36
CA ILE A 546 15.54 -14.80 3.93
C ILE A 546 14.76 -13.52 3.64
N PRO A 547 14.14 -12.91 4.65
CA PRO A 547 13.52 -11.59 4.45
C PRO A 547 14.52 -10.45 4.35
N ARG A 548 15.82 -10.73 4.31
CA ARG A 548 16.89 -9.76 4.10
C ARG A 548 16.94 -8.71 5.20
N SER A 549 16.40 -9.03 6.38
CA SER A 549 16.53 -8.21 7.57
C SER A 549 16.82 -9.12 8.76
N THR A 550 17.75 -10.04 8.57
CA THR A 550 18.02 -11.07 9.56
C THR A 550 19.17 -10.63 10.45
N LEU A 551 18.87 -10.41 11.73
CA LEU A 551 19.88 -10.18 12.76
C LEU A 551 20.57 -11.51 13.00
N ASP A 552 21.65 -11.73 12.27
CA ASP A 552 22.57 -12.80 12.59
C ASP A 552 23.65 -12.36 13.56
N SER A 553 23.61 -11.11 14.00
CA SER A 553 24.54 -10.61 14.99
C SER A 553 23.90 -9.42 15.69
N PHE A 554 24.23 -9.24 16.96
CA PHE A 554 23.69 -8.11 17.68
C PHE A 554 24.56 -6.88 17.56
N MET A 555 25.71 -6.99 16.93
CA MET A 555 26.57 -5.87 16.62
C MET A 555 26.16 -5.19 15.34
N GLN A 556 25.13 -5.67 14.69
CA GLN A 556 24.72 -5.14 13.41
C GLN A 556 24.21 -3.71 13.45
N PRO A 557 23.34 -3.32 14.39
CA PRO A 557 22.81 -1.96 14.38
C PRO A 557 23.81 -0.84 14.14
N PHE A 558 25.09 -1.05 14.44
CA PHE A 558 26.17 -0.11 14.19
C PHE A 558 27.18 -0.76 13.27
N GLN A 559 27.85 0.05 12.47
CA GLN A 559 28.80 -0.52 11.53
C GLN A 559 30.21 -0.40 12.08
N SER A 560 31.06 -1.35 11.70
CA SER A 560 32.20 -1.70 12.53
C SER A 560 33.25 -0.61 12.64
N THR A 561 33.17 0.43 11.84
CA THR A 561 33.99 1.60 12.08
C THR A 561 33.27 2.66 12.89
N LEU A 562 32.15 2.32 13.51
CA LEU A 562 31.53 3.10 14.56
C LEU A 562 31.59 2.41 15.90
N TRP A 563 31.61 1.08 15.94
CA TRP A 563 31.89 0.41 17.19
C TRP A 563 33.30 0.75 17.67
N LEU A 564 34.27 0.74 16.76
CA LEU A 564 35.62 1.09 17.16
C LEU A 564 35.70 2.51 17.66
N LEU A 565 35.06 3.43 16.95
CA LEU A 565 35.15 4.83 17.31
C LEU A 565 34.27 5.20 18.49
N VAL A 566 33.41 4.30 18.94
CA VAL A 566 32.74 4.48 20.23
C VAL A 566 33.56 3.88 21.35
N GLY A 567 34.24 2.78 21.07
CA GLY A 567 35.10 2.12 22.02
C GLY A 567 36.48 2.70 22.11
N LEU A 568 36.82 3.63 21.23
CA LEU A 568 38.02 4.44 21.35
C LEU A 568 37.73 5.79 21.94
N SER A 569 36.55 6.34 21.70
CA SER A 569 36.19 7.60 22.31
C SER A 569 35.86 7.47 23.76
N VAL A 570 35.94 6.27 24.34
CA VAL A 570 35.78 6.11 25.77
C VAL A 570 37.09 6.38 26.48
N HIS A 571 38.18 5.80 25.97
CA HIS A 571 39.48 5.99 26.59
C HIS A 571 39.97 7.41 26.45
N VAL A 572 39.70 8.07 25.33
CA VAL A 572 40.11 9.45 25.16
C VAL A 572 39.43 10.33 26.19
N VAL A 573 38.12 10.17 26.36
CA VAL A 573 37.43 10.99 27.35
C VAL A 573 37.80 10.61 28.77
N ALA A 574 38.16 9.35 29.03
CA ALA A 574 38.63 9.01 30.36
C ALA A 574 39.95 9.71 30.66
N VAL A 575 40.91 9.62 29.74
CA VAL A 575 42.22 10.22 29.97
C VAL A 575 42.19 11.73 29.83
N MET A 576 41.04 12.31 29.46
CA MET A 576 40.93 13.73 29.75
C MET A 576 40.17 14.05 31.01
N LEU A 577 39.24 13.22 31.46
CA LEU A 577 38.66 13.49 32.77
C LEU A 577 39.75 13.44 33.83
N TYR A 578 40.64 12.47 33.72
CA TYR A 578 41.70 12.33 34.70
C TYR A 578 42.63 13.52 34.65
N LEU A 579 42.99 14.00 33.47
CA LEU A 579 43.96 15.09 33.40
C LEU A 579 43.32 16.43 33.75
N LEU A 580 42.08 16.66 33.37
CA LEU A 580 41.45 17.91 33.79
C LEU A 580 41.20 17.92 35.28
N ASP A 581 41.12 16.76 35.93
CA ASP A 581 40.98 16.78 37.37
C ASP A 581 42.31 16.84 38.10
N ARG A 582 43.32 16.19 37.56
CA ARG A 582 44.61 16.14 38.22
C ARG A 582 45.27 17.50 38.26
N PHE A 583 45.16 18.27 37.19
CA PHE A 583 45.91 19.52 37.05
C PHE A 583 45.02 20.75 37.09
N SER A 584 44.05 20.79 37.98
CA SER A 584 43.26 22.00 38.08
C SER A 584 43.59 22.79 39.33
N THR A 602 41.15 9.92 39.98
CA THR A 602 42.25 9.01 39.63
C THR A 602 42.00 8.29 38.32
N LEU A 603 43.02 7.63 37.78
CA LEU A 603 42.91 7.11 36.42
C LEU A 603 41.98 5.92 36.36
N SER A 604 42.09 5.00 37.30
CA SER A 604 41.16 3.87 37.30
C SER A 604 39.74 4.34 37.50
N SER A 605 39.52 5.27 38.42
CA SER A 605 38.17 5.74 38.69
C SER A 605 37.72 6.84 37.75
N ALA A 606 38.55 7.24 36.80
CA ALA A 606 38.06 8.01 35.67
C ALA A 606 37.65 7.08 34.55
N MET A 607 38.47 6.07 34.28
CA MET A 607 38.16 5.08 33.28
C MET A 607 36.94 4.27 33.65
N TRP A 608 36.56 4.23 34.93
CA TRP A 608 35.32 3.56 35.34
C TRP A 608 34.09 4.44 35.21
N PHE A 609 34.19 5.71 35.53
CA PHE A 609 33.11 6.63 35.19
C PHE A 609 32.84 6.58 33.70
N SER A 610 33.90 6.60 32.90
CA SER A 610 33.76 6.72 31.46
C SER A 610 32.95 5.58 30.88
N TRP A 611 33.21 4.35 31.34
CA TRP A 611 32.45 3.21 30.88
C TRP A 611 31.09 3.15 31.52
N GLY A 612 31.04 3.00 32.84
CA GLY A 612 29.77 2.85 33.51
C GLY A 612 28.79 3.98 33.30
N VAL A 613 29.15 5.01 32.54
CA VAL A 613 28.13 5.92 32.04
C VAL A 613 27.59 5.46 30.69
N LEU A 614 28.41 4.78 29.90
CA LEU A 614 27.96 4.31 28.60
C LEU A 614 27.00 3.15 28.76
N LEU A 615 27.49 2.04 29.32
CA LEU A 615 26.72 0.82 29.46
C LEU A 615 25.55 0.96 30.41
N ASN A 616 25.47 2.05 31.13
CA ASN A 616 24.50 2.23 32.19
C ASN A 616 24.64 1.17 33.26
N SER A 617 25.87 0.72 33.52
CA SER A 617 26.08 -0.24 34.57
C SER A 617 26.14 0.39 35.93
N GLY A 618 26.18 1.71 36.01
CA GLY A 618 26.16 2.36 37.31
C GLY A 618 27.28 1.91 38.22
N ILE A 619 28.40 1.51 37.66
CA ILE A 619 29.51 0.98 38.42
C ILE A 619 30.61 2.01 38.42
N GLY A 620 31.29 2.13 39.54
CA GLY A 620 32.24 3.20 39.67
C GLY A 620 31.48 4.43 40.09
N GLU A 621 31.65 4.85 41.33
CA GLU A 621 30.93 6.00 41.85
C GLU A 621 31.76 7.27 41.80
N GLY A 622 32.96 7.23 41.24
CA GLY A 622 33.75 8.44 41.10
C GLY A 622 33.10 9.38 40.11
N ALA A 623 32.93 10.63 40.51
CA ALA A 623 32.41 11.64 39.64
C ALA A 623 33.48 12.71 39.41
N PRO A 624 33.58 13.27 38.22
CA PRO A 624 34.60 14.29 37.98
C PRO A 624 34.46 15.42 38.97
N ARG A 625 35.58 15.84 39.52
CA ARG A 625 35.56 16.77 40.64
C ARG A 625 35.62 18.21 40.19
N SER A 626 36.58 18.53 39.34
CA SER A 626 36.88 19.90 38.97
C SER A 626 35.94 20.43 37.90
N PHE A 627 35.69 21.74 37.92
CA PHE A 627 34.69 22.32 37.04
C PHE A 627 35.02 22.11 35.57
N SER A 628 36.29 22.00 35.21
CA SER A 628 36.60 21.71 33.82
C SER A 628 36.08 20.35 33.43
N ALA A 629 36.26 19.35 34.29
CA ALA A 629 35.91 17.99 33.95
C ALA A 629 34.45 17.65 34.17
N ARG A 630 33.72 18.48 34.90
CA ARG A 630 32.29 18.23 34.97
C ARG A 630 31.59 18.60 33.67
N ILE A 631 32.07 19.60 32.94
CA ILE A 631 31.51 19.90 31.62
C ILE A 631 31.73 18.73 30.68
N LEU A 632 32.95 18.21 30.65
CA LEU A 632 33.23 17.10 29.76
C LEU A 632 32.48 15.84 30.20
N GLY A 633 32.35 15.60 31.51
CA GLY A 633 31.55 14.47 31.96
C GLY A 633 30.07 14.62 31.64
N MET A 634 29.53 15.83 31.78
CA MET A 634 28.14 16.07 31.39
C MET A 634 27.93 15.77 29.91
N VAL A 635 28.80 16.30 29.06
CA VAL A 635 28.61 16.07 27.64
C VAL A 635 28.88 14.62 27.30
N TRP A 636 29.76 13.94 28.03
CA TRP A 636 29.93 12.53 27.76
C TRP A 636 28.72 11.74 28.20
N ALA A 637 28.00 12.19 29.21
CA ALA A 637 26.73 11.53 29.53
C ALA A 637 25.73 11.73 28.39
N GLY A 638 25.70 12.92 27.82
CA GLY A 638 24.82 13.13 26.68
C GLY A 638 25.20 12.29 25.48
N PHE A 639 26.49 12.20 25.20
CA PHE A 639 26.95 11.35 24.12
C PHE A 639 26.61 9.89 24.38
N ALA A 640 26.77 9.43 25.61
CA ALA A 640 26.44 8.05 25.92
C ALA A 640 24.95 7.78 25.73
N MET A 641 24.09 8.70 26.13
CA MET A 641 22.66 8.50 25.91
C MET A 641 22.34 8.44 24.43
N ILE A 642 22.88 9.35 23.64
CA ILE A 642 22.53 9.34 22.23
C ILE A 642 23.07 8.11 21.53
N ILE A 643 24.26 7.66 21.91
CA ILE A 643 24.82 6.45 21.32
C ILE A 643 23.96 5.24 21.65
N VAL A 644 23.62 5.06 22.92
CA VAL A 644 22.86 3.88 23.30
C VAL A 644 21.44 3.94 22.77
N ALA A 645 20.84 5.12 22.76
CA ALA A 645 19.49 5.25 22.20
C ALA A 645 19.47 5.05 20.70
N SER A 646 20.56 5.38 19.99
CA SER A 646 20.61 5.07 18.58
C SER A 646 20.79 3.59 18.35
N TYR A 647 21.61 2.93 19.16
CA TYR A 647 21.69 1.47 19.05
C TYR A 647 20.33 0.85 19.27
N THR A 648 19.63 1.27 20.31
CA THR A 648 18.34 0.69 20.64
C THR A 648 17.31 0.94 19.55
N ALA A 649 17.20 2.19 19.10
CA ALA A 649 16.21 2.51 18.08
C ALA A 649 16.50 1.81 16.78
N ASN A 650 17.78 1.65 16.45
CA ASN A 650 18.12 0.98 15.20
C ASN A 650 17.94 -0.51 15.30
N LEU A 651 18.23 -1.11 16.46
CA LEU A 651 17.89 -2.51 16.64
C LEU A 651 16.40 -2.74 16.50
N ALA A 652 15.59 -1.87 17.10
CA ALA A 652 14.15 -1.99 16.95
C ALA A 652 13.76 -1.93 15.48
N ALA A 653 14.24 -0.92 14.75
CA ALA A 653 13.93 -0.85 13.32
C ALA A 653 14.39 -2.08 12.57
N PHE A 654 15.38 -2.80 13.07
CA PHE A 654 15.71 -4.09 12.48
C PHE A 654 14.71 -5.18 12.85
N LEU A 655 14.20 -5.18 14.09
CA LEU A 655 13.27 -6.21 14.55
C LEU A 655 11.83 -5.93 14.17
N VAL A 656 11.45 -4.66 14.11
CA VAL A 656 10.09 -4.23 13.82
C VAL A 656 9.92 -4.30 12.31
N LEU A 657 10.81 -5.04 11.67
CA LEU A 657 10.77 -5.27 10.23
C LEU A 657 9.79 -6.40 9.95
N ASP A 658 8.80 -6.56 10.81
CA ASP A 658 7.74 -7.52 10.59
C ASP A 658 7.01 -7.27 9.28
N ARG A 659 7.07 -6.05 8.75
CA ARG A 659 6.54 -5.75 7.42
C ARG A 659 7.67 -5.81 6.40
N PRO A 660 7.89 -6.95 5.75
CA PRO A 660 9.08 -7.12 4.90
C PRO A 660 8.89 -6.50 3.53
N GLU A 661 9.58 -5.38 3.30
CA GLU A 661 9.63 -4.72 1.99
C GLU A 661 8.26 -4.57 1.35
N GLU A 662 8.19 -4.78 0.03
CA GLU A 662 6.94 -4.69 -0.72
C GLU A 662 6.61 -6.08 -1.24
N ARG A 663 5.50 -6.64 -0.75
CA ARG A 663 5.04 -7.93 -1.22
C ARG A 663 4.19 -7.78 -2.48
N ILE A 664 4.33 -8.72 -3.40
CA ILE A 664 3.58 -8.67 -4.64
C ILE A 664 2.10 -8.86 -4.35
N THR A 665 1.28 -7.98 -4.88
CA THR A 665 -0.17 -8.01 -4.66
C THR A 665 -0.83 -8.38 -5.99
N GLY A 666 -1.09 -9.68 -6.16
CA GLY A 666 -1.68 -10.17 -7.39
C GLY A 666 -0.72 -9.97 -8.55
N ILE A 667 -1.26 -10.11 -9.75
CA ILE A 667 -0.49 -9.77 -10.96
C ILE A 667 -0.76 -8.29 -11.22
N ASN A 668 -0.07 -7.46 -10.45
CA ASN A 668 -0.14 -6.01 -10.56
C ASN A 668 1.21 -5.34 -10.41
N ASP A 669 2.23 -6.05 -9.94
CA ASP A 669 3.49 -5.41 -9.62
C ASP A 669 4.19 -4.93 -10.88
N PRO A 670 4.67 -3.70 -10.92
CA PRO A 670 5.47 -3.26 -12.07
C PRO A 670 6.69 -4.13 -12.30
N ARG A 671 7.26 -4.71 -11.24
CA ARG A 671 8.40 -5.62 -11.42
C ARG A 671 8.00 -6.90 -12.16
N LEU A 672 6.71 -7.27 -12.13
CA LEU A 672 6.24 -8.36 -12.96
C LEU A 672 6.12 -7.95 -14.42
N ARG A 673 5.83 -6.68 -14.69
CA ARG A 673 5.72 -6.22 -16.06
C ARG A 673 7.05 -6.37 -16.80
N ASN A 674 8.15 -6.03 -16.15
CA ASN A 674 9.46 -5.99 -16.78
C ASN A 674 10.39 -7.02 -16.16
N PRO A 675 10.98 -7.92 -16.95
CA PRO A 675 11.97 -8.84 -16.42
C PRO A 675 13.20 -8.09 -15.89
N SER A 676 13.81 -8.67 -14.87
CA SER A 676 15.00 -8.08 -14.26
C SER A 676 15.95 -9.19 -13.84
N ASP A 677 17.21 -8.82 -13.62
CA ASP A 677 18.21 -9.79 -13.20
C ASP A 677 17.88 -10.38 -11.84
N LYS A 678 17.54 -9.51 -10.88
CA LYS A 678 17.26 -9.98 -9.52
C LYS A 678 15.98 -10.81 -9.48
N PHE A 679 14.90 -10.29 -10.05
CA PHE A 679 13.59 -10.91 -9.94
C PHE A 679 13.43 -11.96 -11.03
N ILE A 680 13.18 -13.19 -10.62
CA ILE A 680 12.90 -14.29 -11.54
C ILE A 680 11.66 -15.01 -11.06
N TYR A 681 10.79 -15.38 -12.00
CA TYR A 681 9.55 -16.07 -11.68
C TYR A 681 9.13 -16.87 -12.89
N ALA A 682 8.50 -18.02 -12.64
CA ALA A 682 8.08 -18.90 -13.73
C ALA A 682 7.01 -19.84 -13.20
N THR A 683 6.56 -20.74 -14.07
CA THR A 683 5.54 -21.73 -13.73
C THR A 683 5.93 -23.04 -14.39
N VAL A 684 4.98 -23.98 -14.41
CA VAL A 684 5.23 -25.29 -15.01
C VAL A 684 5.07 -25.20 -16.53
N LYS A 685 5.99 -25.84 -17.24
CA LYS A 685 5.90 -25.87 -18.70
C LYS A 685 4.62 -26.53 -19.16
N GLN A 686 4.04 -25.99 -20.23
CA GLN A 686 2.81 -26.50 -20.83
C GLN A 686 1.71 -26.69 -19.78
N SER A 687 1.43 -25.61 -19.06
CA SER A 687 0.44 -25.61 -18.01
C SER A 687 -0.57 -24.51 -18.26
N SER A 688 -1.59 -24.44 -17.39
CA SER A 688 -2.64 -23.45 -17.54
C SER A 688 -2.09 -22.04 -17.42
N VAL A 689 -1.12 -21.84 -16.53
CA VAL A 689 -0.58 -20.51 -16.31
C VAL A 689 0.17 -20.02 -17.56
N ASP A 690 0.82 -20.92 -18.29
CA ASP A 690 1.45 -20.52 -19.54
C ASP A 690 0.42 -20.01 -20.55
N ILE A 691 -0.72 -20.71 -20.65
CA ILE A 691 -1.78 -20.27 -21.55
C ILE A 691 -2.31 -18.91 -21.09
N TYR A 692 -2.41 -18.71 -19.77
CA TYR A 692 -2.87 -17.42 -19.28
C TYR A 692 -1.86 -16.32 -19.59
N PHE A 693 -0.57 -16.63 -19.49
CA PHE A 693 0.46 -15.63 -19.77
C PHE A 693 0.44 -15.22 -21.23
N ARG A 694 0.37 -16.20 -22.13
CA ARG A 694 0.28 -15.84 -23.55
C ARG A 694 -1.09 -15.30 -23.92
N ARG A 695 -2.09 -15.50 -23.07
CA ARG A 695 -3.46 -15.08 -23.33
C ARG A 695 -3.77 -13.71 -22.76
N GLN A 696 -2.82 -13.09 -22.07
CA GLN A 696 -2.99 -11.74 -21.53
C GLN A 696 -2.30 -10.75 -22.45
N VAL A 697 -2.94 -9.61 -22.66
CA VAL A 697 -2.46 -8.65 -23.66
C VAL A 697 -1.10 -8.09 -23.27
N GLU A 698 -0.97 -7.61 -22.03
CA GLU A 698 0.29 -7.03 -21.60
C GLU A 698 1.36 -8.07 -21.32
N LEU A 699 0.96 -9.33 -21.12
CA LEU A 699 1.88 -10.35 -20.67
C LEU A 699 2.70 -10.98 -21.79
N SER A 700 2.48 -10.57 -23.05
CA SER A 700 3.35 -11.04 -24.11
C SER A 700 4.74 -10.41 -24.05
N THR A 701 4.87 -9.25 -23.39
CA THR A 701 6.14 -8.53 -23.39
C THR A 701 7.19 -9.29 -22.59
N MET A 702 6.85 -9.73 -21.38
CA MET A 702 7.82 -10.44 -20.54
C MET A 702 7.74 -11.95 -20.70
N TYR A 703 6.95 -12.44 -21.67
CA TYR A 703 6.93 -13.87 -21.99
C TYR A 703 8.32 -14.40 -22.31
N ARG A 704 9.24 -13.54 -22.71
CA ARG A 704 10.61 -13.99 -22.97
C ARG A 704 11.27 -14.50 -21.69
N HIS A 705 10.99 -13.86 -20.55
CA HIS A 705 11.68 -14.15 -19.31
C HIS A 705 11.47 -15.58 -18.81
N MET A 706 10.24 -15.93 -18.42
CA MET A 706 10.02 -17.21 -17.77
C MET A 706 10.14 -18.38 -18.74
N GLU A 707 10.22 -18.13 -20.05
CA GLU A 707 10.38 -19.22 -21.00
C GLU A 707 11.67 -20.00 -20.74
N LYS A 708 12.70 -19.32 -20.25
CA LYS A 708 13.94 -19.97 -19.84
C LYS A 708 13.96 -20.38 -18.38
N HIS A 709 12.96 -19.97 -17.59
CA HIS A 709 12.89 -20.32 -16.19
C HIS A 709 11.78 -21.32 -15.87
N ASN A 710 10.93 -21.66 -16.83
CA ASN A 710 9.81 -22.54 -16.57
C ASN A 710 10.29 -23.93 -16.15
N TYR A 711 9.64 -24.50 -15.15
CA TYR A 711 9.99 -25.81 -14.63
C TYR A 711 9.11 -26.89 -15.25
N GLU A 712 9.63 -28.13 -15.22
CA GLU A 712 8.91 -29.25 -15.78
C GLU A 712 7.70 -29.62 -14.95
N SER A 713 7.79 -29.45 -13.63
CA SER A 713 6.68 -29.77 -12.73
C SER A 713 6.70 -28.82 -11.56
N ALA A 714 5.58 -28.76 -10.84
CA ALA A 714 5.47 -27.83 -9.73
C ALA A 714 6.28 -28.26 -8.52
N ALA A 715 6.57 -29.55 -8.38
CA ALA A 715 7.30 -30.02 -7.20
C ALA A 715 8.69 -29.40 -7.13
N GLU A 716 9.46 -29.53 -8.21
CA GLU A 716 10.80 -28.95 -8.21
C GLU A 716 10.75 -27.43 -8.25
N ALA A 717 9.68 -26.85 -8.80
CA ALA A 717 9.52 -25.40 -8.73
C ALA A 717 9.41 -24.93 -7.29
N ILE A 718 8.58 -25.61 -6.49
CA ILE A 718 8.44 -25.26 -5.09
C ILE A 718 9.72 -25.52 -4.32
N GLN A 719 10.43 -26.60 -4.67
CA GLN A 719 11.75 -26.83 -4.06
C GLN A 719 12.69 -25.67 -4.36
N ALA A 720 12.65 -25.16 -5.59
CA ALA A 720 13.47 -23.99 -5.94
C ALA A 720 13.04 -22.76 -5.14
N VAL A 721 11.74 -22.58 -4.94
CA VAL A 721 11.27 -21.45 -4.13
C VAL A 721 11.79 -21.56 -2.71
N ARG A 722 11.79 -22.77 -2.15
CA ARG A 722 12.28 -22.96 -0.79
C ARG A 722 13.73 -22.55 -0.67
N ASP A 723 14.56 -22.96 -1.63
CA ASP A 723 15.96 -22.55 -1.66
C ASP A 723 16.07 -21.18 -2.31
N ASN A 724 17.30 -20.70 -2.46
CA ASN A 724 17.55 -19.41 -3.10
C ASN A 724 17.73 -19.57 -4.60
N LYS A 725 16.77 -20.22 -5.24
CA LYS A 725 16.79 -20.44 -6.68
C LYS A 725 15.61 -19.82 -7.40
N LEU A 726 14.49 -19.62 -6.73
CA LEU A 726 13.35 -18.92 -7.28
C LEU A 726 12.79 -17.97 -6.22
N HIS A 727 12.40 -16.78 -6.65
CA HIS A 727 11.86 -15.78 -5.71
C HIS A 727 10.35 -15.92 -5.60
N ALA A 728 9.63 -15.78 -6.72
CA ALA A 728 8.18 -15.84 -6.74
C ALA A 728 7.72 -16.94 -7.69
N PHE A 729 6.69 -17.67 -7.27
CA PHE A 729 6.09 -18.72 -8.07
C PHE A 729 4.60 -18.47 -8.19
N ILE A 730 4.02 -18.89 -9.31
CA ILE A 730 2.60 -18.70 -9.57
C ILE A 730 1.96 -20.05 -9.81
N TRP A 731 0.87 -20.34 -9.11
CA TRP A 731 0.18 -21.61 -9.30
C TRP A 731 -1.18 -21.55 -8.63
N ASP A 732 -1.95 -22.63 -8.76
CA ASP A 732 -3.28 -22.69 -8.19
C ASP A 732 -3.22 -22.54 -6.67
N SER A 733 -4.22 -21.84 -6.11
CA SER A 733 -4.22 -21.59 -4.68
C SER A 733 -4.34 -22.89 -3.89
N ALA A 734 -5.10 -23.86 -4.40
CA ALA A 734 -5.30 -25.11 -3.69
C ALA A 734 -4.02 -25.89 -3.50
N VAL A 735 -2.96 -25.55 -4.24
CA VAL A 735 -1.67 -26.22 -4.11
C VAL A 735 -0.69 -25.37 -3.32
N LEU A 736 -0.53 -24.10 -3.70
CA LEU A 736 0.43 -23.24 -3.03
C LEU A 736 0.02 -22.98 -1.59
N GLU A 737 -1.27 -22.81 -1.33
CA GLU A 737 -1.72 -22.62 0.04
C GLU A 737 -1.42 -23.84 0.90
N PHE A 738 -1.65 -25.04 0.38
CA PHE A 738 -1.34 -26.24 1.14
C PHE A 738 0.16 -26.33 1.41
N GLU A 739 0.98 -26.04 0.41
CA GLU A 739 2.42 -26.10 0.61
C GLU A 739 2.88 -25.07 1.64
N ALA A 740 2.30 -23.88 1.60
CA ALA A 740 2.62 -22.87 2.59
C ALA A 740 2.12 -23.23 3.98
N SER A 741 1.09 -24.06 4.07
CA SER A 741 0.62 -24.52 5.36
C SER A 741 1.54 -25.62 5.92
N GLN A 742 2.10 -26.45 5.05
CA GLN A 742 2.97 -27.51 5.54
C GLN A 742 4.35 -27.00 5.95
N LYS A 743 4.83 -25.94 5.32
CA LYS A 743 6.17 -25.42 5.58
C LYS A 743 6.10 -23.95 5.98
N CYS A 744 6.74 -23.60 7.09
CA CYS A 744 6.72 -22.23 7.58
C CYS A 744 7.59 -21.30 6.75
N ASP A 745 8.57 -21.83 6.02
CA ASP A 745 9.48 -20.96 5.28
C ASP A 745 8.81 -20.32 4.08
N LEU A 746 7.78 -20.96 3.54
CA LEU A 746 7.09 -20.49 2.35
C LEU A 746 5.70 -19.97 2.72
N VAL A 747 5.38 -18.76 2.25
CA VAL A 747 4.03 -18.22 2.36
C VAL A 747 3.62 -17.65 1.02
N THR A 748 2.32 -17.47 0.84
CA THR A 748 1.75 -16.92 -0.37
C THR A 748 1.22 -15.52 -0.10
N THR A 749 1.27 -14.68 -1.13
CA THR A 749 0.80 -13.31 -1.02
C THR A 749 0.18 -12.88 -2.33
N GLY A 750 -0.65 -11.85 -2.25
CA GLY A 750 -1.28 -11.29 -3.42
C GLY A 750 -2.71 -11.79 -3.60
N GLU A 751 -3.53 -10.95 -4.23
CA GLU A 751 -4.91 -11.33 -4.49
C GLU A 751 -4.96 -12.49 -5.48
N LEU A 752 -6.00 -13.30 -5.35
CA LEU A 752 -6.18 -14.46 -6.22
C LEU A 752 -6.73 -13.98 -7.54
N PHE A 753 -5.89 -13.94 -8.56
CA PHE A 753 -6.32 -13.60 -9.90
C PHE A 753 -6.66 -14.87 -10.68
N PHE A 754 -7.42 -14.70 -11.76
CA PHE A 754 -7.86 -15.81 -12.60
C PHE A 754 -8.63 -16.82 -11.76
N ARG A 755 -9.79 -16.39 -11.26
CA ARG A 755 -10.60 -17.22 -10.38
C ARG A 755 -11.31 -18.32 -11.14
N SER A 756 -10.54 -19.25 -11.70
CA SER A 756 -11.08 -20.36 -12.48
C SER A 756 -10.80 -21.65 -11.74
N GLY A 757 -11.85 -22.39 -11.42
CA GLY A 757 -11.71 -23.61 -10.66
C GLY A 757 -11.25 -24.78 -11.50
N PHE A 758 -11.16 -25.94 -10.85
CA PHE A 758 -10.86 -27.18 -11.54
C PHE A 758 -12.14 -27.74 -12.16
N GLY A 759 -12.07 -28.93 -12.73
CA GLY A 759 -13.24 -29.55 -13.31
C GLY A 759 -12.88 -30.89 -13.90
N ILE A 760 -13.92 -31.63 -14.29
CA ILE A 760 -13.77 -32.93 -14.93
C ILE A 760 -14.18 -32.76 -16.38
N GLY A 761 -13.21 -32.88 -17.28
CA GLY A 761 -13.51 -32.82 -18.70
C GLY A 761 -14.17 -34.09 -19.19
N MET A 762 -14.96 -33.95 -20.25
CA MET A 762 -15.64 -35.08 -20.85
C MET A 762 -15.51 -35.01 -22.36
N ARG A 763 -15.57 -36.18 -22.99
CA ARG A 763 -15.54 -36.24 -24.44
C ARG A 763 -16.84 -35.71 -25.02
N LYS A 764 -16.80 -35.34 -26.30
CA LYS A 764 -17.97 -34.75 -26.95
C LYS A 764 -19.12 -35.75 -27.00
N ASP A 765 -18.81 -37.01 -27.30
CA ASP A 765 -19.83 -38.05 -27.44
C ASP A 765 -19.94 -38.94 -26.20
N SER A 766 -19.29 -38.57 -25.10
CA SER A 766 -19.37 -39.38 -23.89
C SER A 766 -20.73 -39.22 -23.24
N PRO A 767 -21.49 -40.30 -23.03
CA PRO A 767 -22.84 -40.20 -22.45
C PRO A 767 -22.86 -40.13 -20.92
N TRP A 768 -22.00 -39.27 -20.36
CA TRP A 768 -21.91 -39.15 -18.91
C TRP A 768 -21.80 -37.72 -18.42
N LYS A 769 -21.83 -36.72 -19.31
CA LYS A 769 -21.62 -35.35 -18.89
C LYS A 769 -22.68 -34.90 -17.88
N GLN A 770 -23.95 -35.07 -18.22
CA GLN A 770 -25.02 -34.60 -17.37
C GLN A 770 -25.04 -35.34 -16.03
N GLN A 771 -24.86 -36.66 -16.07
CA GLN A 771 -24.99 -37.45 -14.86
C GLN A 771 -23.79 -37.25 -13.93
N VAL A 772 -22.59 -37.13 -14.49
CA VAL A 772 -21.42 -36.85 -13.66
C VAL A 772 -21.52 -35.46 -13.05
N SER A 773 -22.01 -34.48 -13.82
CA SER A 773 -22.22 -33.15 -13.26
C SER A 773 -23.21 -33.18 -12.11
N LEU A 774 -24.31 -33.92 -12.28
CA LEU A 774 -25.27 -34.05 -11.18
C LEU A 774 -24.65 -34.75 -9.98
N SER A 775 -23.78 -35.74 -10.25
CA SER A 775 -23.13 -36.47 -9.15
C SER A 775 -22.24 -35.55 -8.33
N ILE A 776 -21.44 -34.71 -8.99
CA ILE A 776 -20.56 -33.83 -8.24
C ILE A 776 -21.35 -32.74 -7.53
N LEU A 777 -22.43 -32.25 -8.15
CA LEU A 777 -23.27 -31.29 -7.46
C LEU A 777 -23.92 -31.91 -6.22
N LYS A 778 -24.34 -33.18 -6.33
CA LYS A 778 -24.87 -33.89 -5.18
C LYS A 778 -23.83 -34.05 -4.09
N SER A 779 -22.58 -34.34 -4.48
CA SER A 779 -21.50 -34.40 -3.51
C SER A 779 -21.27 -33.06 -2.84
N HIS A 780 -21.49 -31.96 -3.57
CA HIS A 780 -21.40 -30.63 -2.98
C HIS A 780 -22.49 -30.42 -1.94
N GLU A 781 -23.74 -30.72 -2.30
CA GLU A 781 -24.85 -30.36 -1.41
C GLU A 781 -24.86 -31.22 -0.14
N ASN A 782 -24.46 -32.49 -0.23
CA ASN A 782 -24.45 -33.34 0.94
C ASN A 782 -23.20 -33.16 1.80
N GLY A 783 -22.24 -32.36 1.35
CA GLY A 783 -21.05 -32.10 2.14
C GLY A 783 -20.04 -33.21 2.16
N PHE A 784 -20.01 -34.06 1.14
CA PHE A 784 -19.04 -35.15 1.11
C PHE A 784 -17.63 -34.63 0.90
N MET A 785 -17.44 -33.74 -0.08
CA MET A 785 -16.09 -33.24 -0.30
C MET A 785 -15.73 -32.10 0.63
N GLU A 786 -16.68 -31.56 1.40
CA GLU A 786 -16.27 -30.75 2.56
C GLU A 786 -15.53 -31.62 3.57
N ASP A 787 -16.05 -32.82 3.82
CA ASP A 787 -15.33 -33.79 4.64
C ASP A 787 -14.00 -34.15 3.99
N LEU A 788 -13.98 -34.27 2.66
CA LEU A 788 -12.71 -34.53 1.98
C LEU A 788 -11.73 -33.38 2.18
N ASP A 789 -12.21 -32.14 2.15
CA ASP A 789 -11.32 -31.00 2.41
C ASP A 789 -10.74 -31.07 3.81
N LYS A 790 -11.58 -31.37 4.81
CA LYS A 790 -11.07 -31.47 6.17
C LYS A 790 -10.09 -32.64 6.31
N THR A 791 -10.34 -33.74 5.60
CA THR A 791 -9.48 -34.91 5.73
C THR A 791 -8.15 -34.71 5.01
N TRP A 792 -8.18 -34.20 3.79
CA TRP A 792 -7.03 -34.23 2.89
C TRP A 792 -6.15 -32.99 3.06
N VAL A 793 -6.71 -31.80 2.88
CA VAL A 793 -5.92 -30.59 3.06
C VAL A 793 -6.61 -29.66 4.04
N ARG A 794 -6.36 -29.88 5.34
CA ARG A 794 -6.80 -28.94 6.37
C ARG A 794 -5.82 -28.90 7.55
N TYR A 795 -4.57 -29.33 7.36
CA TYR A 795 -3.67 -29.49 8.48
C TYR A 795 -3.38 -28.15 9.15
N GLN A 796 -2.99 -27.15 8.36
CA GLN A 796 -2.66 -25.82 8.85
C GLN A 796 -1.59 -25.93 9.95
N GLU A 797 -0.42 -26.40 9.50
CA GLU A 797 0.69 -26.60 10.42
C GLU A 797 1.31 -25.27 10.84
N CYS A 798 1.22 -24.25 9.98
CA CYS A 798 1.80 -22.95 10.25
C CYS A 798 0.80 -22.09 11.03
N ASP A 799 1.08 -20.79 11.12
CA ASP A 799 0.20 -19.86 11.79
C ASP A 799 0.12 -18.57 10.98
N SER A 800 -0.96 -17.82 11.20
CA SER A 800 -1.15 -16.51 10.56
C SER A 800 -0.28 -15.48 11.28
N ARG A 801 1.03 -15.68 11.16
CA ARG A 801 2.00 -14.80 11.79
C ARG A 801 1.98 -13.39 11.19
N SER A 802 1.45 -13.24 9.98
CA SER A 802 1.34 -11.91 9.39
C SER A 802 0.40 -11.06 10.22
N ASN A 803 0.72 -9.75 10.28
CA ASN A 803 0.03 -8.81 11.15
C ASN A 803 0.13 -9.21 12.62
N ALA A 804 1.26 -9.81 12.99
CA ALA A 804 1.49 -10.24 14.36
C ALA A 804 2.99 -10.21 14.62
N PRO A 805 3.46 -9.42 15.58
CA PRO A 805 4.89 -9.31 15.82
C PRO A 805 5.46 -10.63 16.28
N ALA A 806 6.68 -10.93 15.83
CA ALA A 806 7.24 -12.23 16.10
C ALA A 806 7.81 -12.30 17.50
N THR A 807 8.10 -13.52 17.93
CA THR A 807 8.66 -13.80 19.24
C THR A 807 10.10 -14.26 19.06
N LEU A 808 11.02 -13.63 19.77
CA LEU A 808 12.45 -13.86 19.56
C LEU A 808 12.86 -15.17 20.22
N THR A 809 13.00 -16.21 19.42
CA THR A 809 13.35 -17.52 19.93
C THR A 809 14.77 -17.50 20.49
N PHE A 810 15.17 -18.59 21.11
CA PHE A 810 16.59 -18.91 21.20
C PHE A 810 17.11 -19.23 19.81
N GLU A 811 18.40 -19.04 19.60
CA GLU A 811 19.04 -18.97 18.28
C GLU A 811 18.65 -17.70 17.57
N ASN A 812 17.74 -16.94 18.15
CA ASN A 812 17.41 -15.59 17.76
C ASN A 812 17.78 -14.62 18.85
N MET A 813 18.30 -15.13 19.98
CA MET A 813 18.90 -14.37 21.06
C MET A 813 20.11 -15.10 21.61
N ALA A 814 20.75 -15.94 20.80
CA ALA A 814 21.88 -16.74 21.26
C ALA A 814 23.16 -15.94 21.42
N GLY A 815 23.27 -14.82 20.71
CA GLY A 815 24.50 -14.06 20.78
C GLY A 815 24.73 -13.43 22.11
N VAL A 816 23.67 -12.93 22.76
CA VAL A 816 23.85 -12.32 24.06
C VAL A 816 24.25 -13.38 25.09
N PHE A 817 23.73 -14.60 24.95
CA PHE A 817 24.17 -15.66 25.83
C PHE A 817 25.64 -15.95 25.62
N MET A 818 26.07 -16.00 24.35
CA MET A 818 27.50 -16.19 24.12
C MET A 818 28.32 -15.02 24.61
N LEU A 819 27.76 -13.81 24.60
CA LEU A 819 28.48 -12.65 25.10
C LEU A 819 28.77 -12.78 26.58
N VAL A 820 27.73 -13.09 27.37
CA VAL A 820 27.96 -13.22 28.81
C VAL A 820 28.81 -14.45 29.11
N ALA A 821 28.65 -15.53 28.36
CA ALA A 821 29.49 -16.70 28.55
C ALA A 821 30.95 -16.39 28.29
N GLY A 822 31.23 -15.73 27.16
CA GLY A 822 32.59 -15.34 26.87
C GLY A 822 33.13 -14.35 27.86
N GLY A 823 32.27 -13.54 28.46
CA GLY A 823 32.73 -12.69 29.53
C GLY A 823 33.17 -13.47 30.75
N ILE A 824 32.48 -14.57 31.03
CA ILE A 824 32.91 -15.42 32.15
C ILE A 824 34.26 -16.04 31.85
N VAL A 825 34.41 -16.61 30.66
CA VAL A 825 35.67 -17.31 30.40
C VAL A 825 36.81 -16.34 30.30
N ALA A 826 36.55 -15.09 29.90
CA ALA A 826 37.61 -14.10 29.94
C ALA A 826 37.88 -13.65 31.36
N GLY A 827 36.86 -13.62 32.21
CA GLY A 827 37.08 -13.22 33.58
C GLY A 827 37.94 -14.21 34.34
N ILE A 828 37.78 -15.51 34.06
CA ILE A 828 38.60 -16.45 34.81
C ILE A 828 40.08 -16.28 34.46
N PHE A 829 40.39 -15.68 33.31
CA PHE A 829 41.76 -15.32 32.99
C PHE A 829 42.15 -14.01 33.66
N LEU A 830 41.25 -13.03 33.61
CA LEU A 830 41.55 -11.74 34.19
C LEU A 830 41.75 -11.81 35.70
N ILE A 831 41.14 -12.79 36.36
CA ILE A 831 41.33 -12.93 37.80
C ILE A 831 42.72 -13.44 38.12
N PHE A 832 43.23 -14.37 37.31
CA PHE A 832 44.62 -14.78 37.44
C PHE A 832 45.54 -13.59 37.24
N ILE A 833 45.25 -12.78 36.22
CA ILE A 833 46.08 -11.60 35.97
C ILE A 833 46.03 -10.64 37.16
N GLU A 834 44.86 -10.45 37.75
CA GLU A 834 44.75 -9.51 38.85
C GLU A 834 45.44 -10.00 40.11
N ILE A 835 45.27 -11.27 40.48
CA ILE A 835 45.99 -11.76 41.65
C ILE A 835 47.48 -11.65 41.41
N ALA A 836 47.93 -11.90 40.18
CA ALA A 836 49.35 -11.75 39.91
C ALA A 836 49.77 -10.29 39.94
N TYR A 837 48.84 -9.35 39.74
CA TYR A 837 49.23 -7.95 39.66
C TYR A 837 49.84 -7.45 40.95
N LYS A 838 49.23 -7.78 42.08
CA LYS A 838 49.72 -7.29 43.36
C LYS A 838 51.04 -7.99 43.74
N ASP B 413 -12.94 7.33 -49.34
CA ASP B 413 -12.74 6.07 -48.65
C ASP B 413 -12.17 6.31 -47.25
N ASP B 414 -12.45 5.39 -46.33
CA ASP B 414 -12.00 5.51 -44.95
C ASP B 414 -10.66 4.84 -44.70
N HIS B 415 -10.08 4.17 -45.70
CA HIS B 415 -8.81 3.48 -45.53
C HIS B 415 -7.67 4.48 -45.74
N LEU B 416 -6.82 4.63 -44.72
CA LEU B 416 -5.72 5.57 -44.74
C LEU B 416 -4.53 4.96 -44.02
N SER B 417 -3.34 5.22 -44.52
CA SER B 417 -2.13 4.63 -43.97
C SER B 417 -1.71 5.35 -42.69
N ILE B 418 -0.98 4.63 -41.84
CA ILE B 418 -0.43 5.17 -40.61
C ILE B 418 1.07 4.90 -40.61
N VAL B 419 1.85 5.91 -40.27
CA VAL B 419 3.30 5.78 -40.24
C VAL B 419 3.80 6.07 -38.84
N THR B 420 4.87 5.39 -38.46
CA THR B 420 5.40 5.44 -37.11
C THR B 420 6.91 5.27 -37.16
N LEU B 421 7.54 5.34 -35.99
CA LEU B 421 8.98 5.16 -35.84
C LEU B 421 9.26 4.26 -34.65
N GLU B 422 10.11 3.25 -34.87
CA GLU B 422 10.43 2.27 -33.82
C GLU B 422 11.28 2.95 -32.75
N GLU B 423 10.63 3.37 -31.67
CA GLU B 423 11.28 4.05 -30.56
C GLU B 423 10.25 4.25 -29.45
N ALA B 424 10.75 4.30 -28.21
CA ALA B 424 9.96 4.54 -27.00
C ALA B 424 9.02 3.37 -26.72
N PRO B 425 8.46 3.27 -25.51
CA PRO B 425 7.46 2.22 -25.26
C PRO B 425 6.23 2.35 -26.13
N PHE B 426 5.94 3.54 -26.65
CA PHE B 426 4.78 3.72 -27.51
C PHE B 426 4.91 2.90 -28.78
N VAL B 427 6.12 2.66 -29.25
CA VAL B 427 6.37 1.88 -30.46
C VAL B 427 7.41 0.82 -30.11
N ILE B 428 6.95 -0.35 -29.69
CA ILE B 428 7.78 -1.52 -29.43
C ILE B 428 7.43 -2.57 -30.48
N VAL B 429 8.44 -3.07 -31.17
CA VAL B 429 8.24 -3.97 -32.30
C VAL B 429 8.57 -5.40 -31.89
N GLU B 430 7.75 -6.34 -32.35
CA GLU B 430 7.97 -7.76 -32.16
C GLU B 430 7.91 -8.46 -33.50
N SER B 431 8.61 -9.59 -33.59
CA SER B 431 8.75 -10.32 -34.83
C SER B 431 7.60 -11.34 -34.97
N VAL B 432 7.73 -12.23 -35.95
CA VAL B 432 6.68 -13.19 -36.26
C VAL B 432 6.89 -14.46 -35.44
N ASP B 433 5.81 -15.19 -35.24
CA ASP B 433 5.88 -16.46 -34.52
C ASP B 433 6.50 -17.52 -35.42
N PRO B 434 7.51 -18.26 -34.94
CA PRO B 434 8.13 -19.30 -35.79
C PRO B 434 7.17 -20.39 -36.21
N LEU B 435 6.19 -20.74 -35.38
CA LEU B 435 5.26 -21.81 -35.71
C LEU B 435 4.02 -21.34 -36.43
N SER B 436 3.53 -20.13 -36.13
CA SER B 436 2.31 -19.61 -36.74
C SER B 436 2.57 -18.74 -37.96
N GLY B 437 3.66 -17.96 -37.95
CA GLY B 437 3.96 -17.09 -39.06
C GLY B 437 3.15 -15.82 -39.10
N THR B 438 2.32 -15.56 -38.09
CA THR B 438 1.47 -14.38 -38.04
C THR B 438 1.72 -13.64 -36.73
N CYS B 439 1.32 -12.37 -36.72
CA CYS B 439 1.32 -11.61 -35.48
C CYS B 439 0.38 -12.27 -34.47
N MET B 440 0.49 -11.84 -33.21
CA MET B 440 -0.33 -12.40 -32.15
C MET B 440 -1.77 -11.91 -32.32
N ARG B 441 -2.62 -12.25 -31.35
CA ARG B 441 -3.98 -11.75 -31.39
C ARG B 441 -4.00 -10.25 -31.16
N ASN B 442 -5.11 -9.62 -31.56
CA ASN B 442 -5.35 -8.18 -31.37
C ASN B 442 -4.16 -7.32 -31.79
N THR B 443 -3.41 -7.81 -32.78
CA THR B 443 -2.21 -7.14 -33.25
C THR B 443 -2.40 -6.70 -34.70
N VAL B 444 -2.28 -5.40 -34.94
CA VAL B 444 -2.24 -4.88 -36.31
C VAL B 444 -0.80 -4.93 -36.81
N PRO B 445 -0.54 -5.55 -37.96
CA PRO B 445 0.83 -5.68 -38.45
C PRO B 445 1.42 -4.33 -38.88
N CYS B 446 2.71 -4.36 -39.13
CA CYS B 446 3.47 -3.18 -39.51
C CYS B 446 4.24 -3.46 -40.79
N GLN B 447 4.76 -2.41 -41.41
CA GLN B 447 5.47 -2.52 -42.67
C GLN B 447 6.76 -1.70 -42.60
N LYS B 448 7.75 -2.12 -43.38
CA LYS B 448 9.03 -1.42 -43.42
C LYS B 448 9.73 -1.73 -44.74
N ARG B 449 10.54 -0.80 -45.21
CA ARG B 449 11.28 -0.93 -46.46
C ARG B 449 12.76 -1.06 -46.14
N ILE B 450 13.46 -1.93 -46.87
CA ILE B 450 14.88 -2.12 -46.70
C ILE B 450 15.60 -1.73 -47.98
N ILE B 451 16.85 -1.31 -47.85
CA ILE B 451 17.69 -0.90 -48.97
C ILE B 451 18.83 -1.89 -49.10
N SER B 452 19.05 -2.38 -50.31
CA SER B 452 20.07 -3.38 -50.58
C SER B 452 20.52 -3.23 -52.03
N GLU B 453 21.23 -4.24 -52.53
CA GLU B 453 21.72 -4.28 -53.92
C GLU B 453 22.71 -3.15 -54.18
N ASN B 454 23.59 -2.90 -53.21
CA ASN B 454 24.75 -1.99 -53.37
C ASN B 454 24.23 -0.59 -53.64
N LYS B 455 24.73 0.11 -54.66
CA LYS B 455 24.36 1.50 -54.88
C LYS B 455 22.89 1.66 -55.22
N THR B 456 22.36 0.78 -56.06
CA THR B 456 20.97 0.88 -56.47
C THR B 456 20.04 0.55 -55.32
N ASP B 457 18.77 0.90 -55.49
CA ASP B 457 17.73 0.63 -54.50
C ASP B 457 17.07 -0.70 -54.81
N GLU B 458 17.18 -1.65 -53.89
CA GLU B 458 16.62 -2.97 -54.08
C GLU B 458 15.12 -2.95 -53.75
N GLU B 459 14.48 -4.11 -53.91
CA GLU B 459 13.09 -4.23 -53.54
C GLU B 459 12.92 -4.12 -52.03
N PRO B 460 11.80 -3.59 -51.56
CA PRO B 460 11.57 -3.50 -50.12
C PRO B 460 11.57 -4.87 -49.47
N GLY B 461 12.02 -4.90 -48.21
CA GLY B 461 12.02 -6.16 -47.47
C GLY B 461 10.63 -6.73 -47.29
N TYR B 462 9.63 -5.87 -47.14
CA TYR B 462 8.23 -6.27 -46.94
C TYR B 462 8.09 -7.21 -45.75
N ILE B 463 8.96 -7.07 -44.76
CA ILE B 463 8.83 -7.82 -43.52
C ILE B 463 7.72 -7.17 -42.69
N LYS B 464 6.68 -7.94 -42.38
CA LYS B 464 5.54 -7.43 -41.65
C LYS B 464 5.81 -7.60 -40.16
N LYS B 465 5.86 -6.48 -39.45
CA LYS B 465 6.22 -6.50 -38.04
C LYS B 465 4.96 -6.41 -37.17
N CYS B 466 5.16 -6.52 -35.86
CA CYS B 466 4.08 -6.37 -34.89
C CYS B 466 4.50 -5.24 -33.94
N CYS B 467 4.23 -4.00 -34.32
CA CYS B 467 4.68 -2.84 -33.55
C CYS B 467 3.50 -2.21 -32.81
N LYS B 468 3.57 -2.22 -31.49
CA LYS B 468 2.47 -1.74 -30.65
C LYS B 468 2.98 -0.79 -29.57
N GLY B 469 2.13 -0.47 -28.60
CA GLY B 469 2.55 0.38 -27.49
C GLY B 469 1.40 1.21 -27.00
N PHE B 470 1.75 2.28 -26.28
CA PHE B 470 0.74 3.14 -25.68
C PHE B 470 0.11 4.08 -26.70
N CYS B 471 0.77 4.30 -27.84
CA CYS B 471 0.15 5.09 -28.89
C CYS B 471 -0.61 4.20 -29.87
N ILE B 472 -0.09 3.00 -30.14
CA ILE B 472 -0.72 2.11 -31.10
C ILE B 472 -2.09 1.66 -30.61
N ASP B 473 -2.22 1.37 -29.32
CA ASP B 473 -3.52 0.98 -28.79
C ASP B 473 -4.52 2.14 -28.85
N ILE B 474 -4.06 3.37 -28.63
CA ILE B 474 -4.92 4.53 -28.82
C ILE B 474 -5.36 4.60 -30.26
N LEU B 475 -4.45 4.30 -31.19
CA LEU B 475 -4.83 4.21 -32.60
C LEU B 475 -5.89 3.14 -32.82
N LYS B 476 -5.77 2.00 -32.13
CA LYS B 476 -6.79 0.96 -32.24
C LYS B 476 -8.15 1.48 -31.81
N LYS B 477 -8.23 2.07 -30.62
CA LYS B 477 -9.54 2.47 -30.12
C LYS B 477 -10.11 3.65 -30.88
N ILE B 478 -9.27 4.54 -31.42
CA ILE B 478 -9.83 5.58 -32.28
C ILE B 478 -10.21 5.01 -33.64
N SER B 479 -9.58 3.93 -34.09
CA SER B 479 -10.01 3.25 -35.29
C SER B 479 -11.41 2.67 -35.13
N LYS B 480 -11.69 2.07 -33.97
CA LYS B 480 -13.06 1.69 -33.69
C LYS B 480 -13.97 2.87 -33.36
N SER B 481 -13.40 4.00 -32.92
CA SER B 481 -14.20 5.18 -32.61
C SER B 481 -14.74 5.82 -33.87
N VAL B 482 -13.92 5.89 -34.93
CA VAL B 482 -14.31 6.54 -36.18
C VAL B 482 -14.70 5.54 -37.25
N LYS B 483 -14.47 4.24 -37.01
CA LYS B 483 -14.80 3.17 -37.95
C LYS B 483 -14.01 3.32 -39.25
N PHE B 484 -12.69 3.28 -39.11
CA PHE B 484 -11.80 3.27 -40.27
C PHE B 484 -10.75 2.18 -40.10
N THR B 485 -10.42 1.52 -41.20
CA THR B 485 -9.31 0.59 -41.24
C THR B 485 -8.04 1.32 -41.63
N TYR B 486 -6.91 0.64 -41.50
CA TYR B 486 -5.62 1.25 -41.79
C TYR B 486 -4.57 0.16 -41.91
N ASP B 487 -3.34 0.59 -42.21
CA ASP B 487 -2.15 -0.24 -42.15
C ASP B 487 -1.06 0.56 -41.47
N LEU B 488 -0.04 -0.12 -40.96
CA LEU B 488 1.07 0.50 -40.25
C LEU B 488 2.36 0.31 -41.02
N TYR B 489 3.15 1.38 -41.10
CA TYR B 489 4.47 1.28 -41.71
C TYR B 489 5.40 2.30 -41.07
N LEU B 490 6.70 2.10 -41.28
CA LEU B 490 7.74 2.83 -40.57
C LEU B 490 8.51 3.76 -41.50
N VAL B 491 9.04 4.84 -40.94
CA VAL B 491 9.85 5.79 -41.71
C VAL B 491 11.24 5.19 -41.92
N THR B 492 11.73 5.28 -43.15
CA THR B 492 13.07 4.83 -43.48
C THR B 492 14.06 5.97 -43.62
N ASN B 493 13.63 7.10 -44.17
CA ASN B 493 14.48 8.29 -44.33
C ASN B 493 14.16 9.27 -43.20
N GLY B 494 15.08 9.40 -42.26
CA GLY B 494 14.87 10.24 -41.10
C GLY B 494 14.12 9.52 -39.99
N LYS B 495 14.18 10.10 -38.79
CA LYS B 495 13.50 9.54 -37.63
C LYS B 495 12.41 10.47 -37.11
N HIS B 496 12.74 11.71 -36.76
CA HIS B 496 11.77 12.66 -36.22
C HIS B 496 11.41 13.74 -37.21
N GLY B 497 12.40 14.35 -37.86
CA GLY B 497 12.13 15.36 -38.87
C GLY B 497 12.89 16.64 -38.65
N LYS B 498 13.67 17.04 -39.65
CA LYS B 498 14.38 18.31 -39.63
C LYS B 498 14.21 18.99 -40.98
N LYS B 499 13.90 20.29 -40.96
CA LYS B 499 13.75 21.06 -42.18
C LYS B 499 15.14 21.50 -42.66
N ILE B 500 15.93 20.49 -43.02
CA ILE B 500 17.30 20.73 -43.47
C ILE B 500 17.28 21.15 -44.93
N ASN B 501 17.96 22.25 -45.23
CA ASN B 501 18.00 22.82 -46.57
C ASN B 501 16.60 23.12 -47.11
N GLY B 502 15.66 23.41 -46.20
CA GLY B 502 14.30 23.69 -46.57
C GLY B 502 13.44 22.47 -46.86
N THR B 503 13.99 21.27 -46.72
CA THR B 503 13.24 20.04 -46.99
C THR B 503 12.99 19.30 -45.69
N TRP B 504 11.73 18.99 -45.44
CA TRP B 504 11.38 18.23 -44.24
C TRP B 504 11.85 16.78 -44.38
N ASN B 505 12.08 16.15 -43.24
CA ASN B 505 12.62 14.81 -43.18
C ASN B 505 11.79 13.96 -42.23
N GLY B 506 12.04 12.66 -42.26
CA GLY B 506 11.45 11.77 -41.28
C GLY B 506 9.94 11.82 -41.30
N MET B 507 9.36 12.06 -40.11
CA MET B 507 7.90 12.10 -39.98
C MET B 507 7.32 13.21 -40.86
N ILE B 508 7.84 14.43 -40.71
CA ILE B 508 7.34 15.54 -41.51
C ILE B 508 7.68 15.34 -42.99
N GLY B 509 8.84 14.74 -43.28
CA GLY B 509 9.16 14.44 -44.66
C GLY B 509 8.12 13.54 -45.32
N GLU B 510 7.66 12.53 -44.59
CA GLU B 510 6.59 11.68 -45.11
C GLU B 510 5.28 12.43 -45.21
N VAL B 511 4.93 13.22 -44.18
CA VAL B 511 3.62 13.85 -44.15
C VAL B 511 3.49 14.91 -45.24
N VAL B 512 4.54 15.70 -45.45
CA VAL B 512 4.48 16.75 -46.47
C VAL B 512 4.54 16.17 -47.88
N MET B 513 5.15 15.01 -48.06
CA MET B 513 5.18 14.33 -49.35
C MET B 513 3.98 13.40 -49.52
N LYS B 514 2.97 13.55 -48.68
CA LYS B 514 1.77 12.72 -48.68
C LYS B 514 2.12 11.24 -48.62
N ARG B 515 1.31 10.41 -49.27
CA ARG B 515 1.46 8.96 -49.26
C ARG B 515 1.39 8.39 -47.84
N ALA B 516 1.11 9.24 -46.85
CA ALA B 516 0.89 8.80 -45.48
C ALA B 516 -0.46 9.24 -44.95
N TYR B 517 -0.77 10.54 -45.04
CA TYR B 517 -2.00 11.16 -44.58
C TYR B 517 -2.18 11.06 -43.07
N MET B 518 -1.23 10.41 -42.38
CA MET B 518 -1.35 10.28 -40.93
C MET B 518 0.04 10.02 -40.37
N ALA B 519 0.18 10.23 -39.06
CA ALA B 519 1.45 10.01 -38.39
C ALA B 519 1.20 9.82 -36.90
N VAL B 520 1.49 8.63 -36.38
CA VAL B 520 1.31 8.32 -34.98
C VAL B 520 2.67 7.93 -34.39
N GLY B 521 3.03 8.56 -33.29
CA GLY B 521 4.30 8.29 -32.64
C GLY B 521 4.60 9.36 -31.61
N SER B 522 5.84 9.34 -31.13
CA SER B 522 6.30 10.35 -30.18
C SER B 522 6.78 11.58 -30.96
N LEU B 523 5.81 12.28 -31.54
CA LEU B 523 6.07 13.49 -32.31
C LEU B 523 5.72 14.70 -31.44
N THR B 524 6.69 15.57 -31.24
CA THR B 524 6.54 16.70 -30.33
C THR B 524 5.84 17.85 -31.04
N ILE B 525 4.84 18.42 -30.39
CA ILE B 525 4.11 19.55 -30.95
C ILE B 525 4.92 20.83 -30.73
N ASN B 526 5.20 21.55 -31.81
CA ASN B 526 5.88 22.83 -31.72
C ASN B 526 5.50 23.66 -32.94
N GLU B 527 5.80 24.95 -32.86
CA GLU B 527 5.39 25.88 -33.91
C GLU B 527 6.01 25.52 -35.25
N GLU B 528 7.29 25.15 -35.25
CA GLU B 528 7.96 24.80 -36.50
C GLU B 528 7.34 23.55 -37.14
N ARG B 529 7.06 22.54 -36.34
CA ARG B 529 6.41 21.34 -36.88
C ARG B 529 4.94 21.56 -37.17
N SER B 530 4.34 22.64 -36.67
CA SER B 530 2.92 22.91 -36.87
C SER B 530 2.63 23.85 -38.03
N GLU B 531 3.61 24.68 -38.43
CA GLU B 531 3.37 25.63 -39.50
C GLU B 531 3.05 24.93 -40.82
N VAL B 532 3.57 23.72 -41.00
CA VAL B 532 3.32 22.96 -42.22
C VAL B 532 2.42 21.76 -42.00
N VAL B 533 2.31 21.26 -40.77
CA VAL B 533 1.55 20.05 -40.46
C VAL B 533 0.81 20.28 -39.16
N ASP B 534 -0.51 20.44 -39.23
CA ASP B 534 -1.28 20.66 -38.01
C ASP B 534 -1.37 19.39 -37.18
N PHE B 535 -1.51 19.57 -35.87
CA PHE B 535 -1.56 18.48 -34.91
C PHE B 535 -2.91 18.43 -34.21
N SER B 536 -3.29 17.24 -33.77
CA SER B 536 -4.55 17.01 -33.08
C SER B 536 -4.41 17.39 -31.61
N VAL B 537 -5.39 17.04 -30.81
CA VAL B 537 -5.32 17.27 -29.36
C VAL B 537 -4.30 16.31 -28.76
N PRO B 538 -3.29 16.79 -28.05
CA PRO B 538 -2.31 15.88 -27.44
C PRO B 538 -2.97 14.97 -26.42
N PHE B 539 -2.53 13.72 -26.38
CA PHE B 539 -3.08 12.73 -25.48
C PHE B 539 -2.21 12.50 -24.25
N ILE B 540 -1.04 13.11 -24.17
CA ILE B 540 -0.16 12.97 -23.02
C ILE B 540 0.79 14.15 -22.98
N GLU B 541 1.01 14.69 -21.79
CA GLU B 541 1.95 15.78 -21.62
C GLU B 541 3.38 15.27 -21.78
N THR B 542 4.24 16.15 -22.28
CA THR B 542 5.66 15.83 -22.46
C THR B 542 6.43 17.13 -22.61
N GLY B 543 7.69 17.01 -23.00
CA GLY B 543 8.52 18.17 -23.25
C GLY B 543 9.99 17.87 -23.12
N ILE B 544 10.73 18.78 -22.50
CA ILE B 544 12.17 18.65 -22.34
C ILE B 544 12.46 18.32 -20.88
N SER B 545 13.38 17.37 -20.67
CA SER B 545 13.74 16.98 -19.32
C SER B 545 15.21 16.59 -19.31
N VAL B 546 15.85 16.87 -18.17
CA VAL B 546 17.25 16.54 -17.96
C VAL B 546 17.31 15.47 -16.88
N MET B 547 17.89 14.32 -17.21
CA MET B 547 18.01 13.23 -16.27
C MET B 547 19.48 12.91 -16.07
N VAL B 548 19.84 12.67 -14.80
CA VAL B 548 21.21 12.42 -14.38
C VAL B 548 21.19 11.28 -13.37
N SER B 549 22.39 10.87 -12.96
CA SER B 549 22.54 9.89 -11.89
C SER B 549 22.65 10.59 -10.54
N ARG B 550 21.67 11.45 -10.27
CA ARG B 550 21.69 12.32 -9.09
C ARG B 550 21.56 11.51 -7.82
N SER B 551 22.70 11.16 -7.22
CA SER B 551 22.68 10.29 -6.05
C SER B 551 23.99 10.47 -5.30
N ASN B 552 23.95 11.22 -4.20
CA ASN B 552 25.08 11.29 -3.29
C ASN B 552 24.71 10.81 -1.90
N GLY B 553 23.77 11.47 -1.24
CA GLY B 553 23.40 11.10 0.11
C GLY B 553 24.20 11.90 1.11
N THR B 554 23.54 12.79 1.85
CA THR B 554 24.18 13.66 2.83
C THR B 554 23.31 13.67 4.07
N VAL B 555 23.70 12.93 5.09
CA VAL B 555 22.98 12.98 6.36
C VAL B 555 23.36 14.26 7.08
N SER B 556 22.38 15.06 7.45
CA SER B 556 22.66 16.35 8.05
C SER B 556 23.42 16.16 9.35
N PRO B 557 24.48 16.92 9.60
CA PRO B 557 25.31 16.65 10.77
C PRO B 557 24.59 16.86 12.08
N SER B 558 23.59 17.72 12.13
CA SER B 558 22.83 17.96 13.34
C SER B 558 21.56 17.14 13.36
N ALA B 559 21.63 15.88 12.95
CA ALA B 559 20.45 15.03 12.98
C ALA B 559 20.15 14.52 14.38
N PHE B 560 21.04 14.70 15.33
CA PHE B 560 20.75 14.26 16.67
C PHE B 560 20.04 15.31 17.49
N LEU B 561 19.93 16.53 16.98
CA LEU B 561 19.17 17.59 17.61
C LEU B 561 17.80 17.76 16.97
N GLU B 562 17.54 17.03 15.90
CA GLU B 562 16.27 17.21 15.19
C GLU B 562 15.04 16.74 15.95
N PRO B 563 15.09 15.70 16.79
CA PRO B 563 13.85 15.29 17.45
C PRO B 563 13.07 16.40 18.10
N PHE B 564 13.71 17.49 18.53
CA PHE B 564 13.01 18.67 19.02
C PHE B 564 13.54 19.89 18.29
N SER B 565 12.72 20.93 18.22
CA SER B 565 13.18 22.17 17.63
C SER B 565 14.02 22.96 18.63
N ALA B 566 14.72 23.98 18.14
CA ALA B 566 15.66 24.70 18.98
C ALA B 566 14.97 25.39 20.14
N ASP B 567 13.74 25.84 19.91
CA ASP B 567 12.92 26.42 20.96
C ASP B 567 12.80 25.49 22.15
N VAL B 568 12.50 24.22 21.89
CA VAL B 568 12.28 23.26 22.97
C VAL B 568 13.60 22.94 23.67
N TRP B 569 14.69 22.79 22.92
CA TRP B 569 15.96 22.47 23.57
C TRP B 569 16.37 23.59 24.53
N VAL B 570 16.25 24.83 24.08
CA VAL B 570 16.65 25.96 24.91
C VAL B 570 15.72 26.09 26.11
N MET B 571 14.43 25.83 25.92
CA MET B 571 13.56 25.88 27.08
C MET B 571 13.84 24.75 28.07
N MET B 572 14.28 23.60 27.57
CA MET B 572 14.70 22.53 28.47
C MET B 572 15.87 22.97 29.34
N PHE B 573 16.86 23.64 28.75
CA PHE B 573 17.98 24.07 29.58
C PHE B 573 17.63 25.23 30.50
N VAL B 574 16.72 26.13 30.11
CA VAL B 574 16.35 27.19 31.05
C VAL B 574 15.52 26.62 32.21
N MET B 575 14.67 25.61 31.95
CA MET B 575 14.03 24.91 33.06
C MET B 575 15.04 24.19 33.94
N LEU B 576 16.02 23.55 33.35
CA LEU B 576 16.99 22.87 34.21
C LEU B 576 17.76 23.87 35.04
N LEU B 577 17.90 25.11 34.57
CA LEU B 577 18.48 26.14 35.41
C LEU B 577 17.53 26.66 36.48
N ILE B 578 16.23 26.79 36.18
CA ILE B 578 15.32 27.36 37.16
C ILE B 578 14.67 26.31 38.04
N VAL B 579 15.03 25.04 37.88
CA VAL B 579 14.61 23.99 38.78
C VAL B 579 15.71 23.61 39.76
N SER B 580 16.95 23.55 39.28
CA SER B 580 18.09 23.36 40.14
C SER B 580 18.38 24.57 41.00
N ALA B 581 17.86 25.73 40.63
CA ALA B 581 18.02 26.93 41.43
C ALA B 581 16.90 27.11 42.43
N VAL B 582 15.89 26.26 42.40
CA VAL B 582 14.90 26.18 43.46
C VAL B 582 15.10 24.94 44.30
N ALA B 583 15.54 23.83 43.71
CA ALA B 583 15.90 22.70 44.55
C ALA B 583 17.09 23.00 45.46
N VAL B 584 17.76 24.13 45.28
CA VAL B 584 18.65 24.68 46.30
C VAL B 584 18.00 25.93 46.92
N PHE B 585 16.68 25.96 46.87
CA PHE B 585 15.83 26.82 47.67
C PHE B 585 14.85 26.05 48.53
N VAL B 586 14.19 25.03 47.97
CA VAL B 586 13.39 24.12 48.76
C VAL B 586 14.29 23.19 49.57
N PHE B 587 15.62 23.37 49.49
CA PHE B 587 16.56 22.56 50.23
C PHE B 587 17.48 23.35 51.16
N GLU B 588 17.44 24.68 51.13
CA GLU B 588 18.12 25.49 52.13
C GLU B 588 17.12 25.98 53.17
N TYR B 589 15.90 25.48 53.12
CA TYR B 589 14.83 25.94 54.00
C TYR B 589 13.91 24.78 54.37
N SER B 609 25.78 20.10 52.33
CA SER B 609 26.59 20.42 51.17
C SER B 609 25.92 19.96 49.91
N PHE B 610 24.96 20.75 49.43
CA PHE B 610 24.25 20.50 48.17
C PHE B 610 24.09 21.85 47.51
N THR B 611 25.02 22.22 46.64
CA THR B 611 25.00 23.54 46.04
C THR B 611 24.43 23.46 44.63
N ILE B 612 24.42 24.58 43.93
CA ILE B 612 23.87 24.59 42.58
C ILE B 612 24.72 23.73 41.68
N GLY B 613 26.03 23.70 41.91
CA GLY B 613 26.88 22.88 41.09
C GLY B 613 26.52 21.42 41.12
N LYS B 614 25.83 20.98 42.16
CA LYS B 614 25.41 19.59 42.25
C LYS B 614 23.94 19.41 41.90
N ALA B 615 23.14 20.47 41.93
CA ALA B 615 21.79 20.38 41.42
C ALA B 615 21.75 20.43 39.89
N ILE B 616 22.67 21.16 39.26
CA ILE B 616 22.83 21.07 37.81
C ILE B 616 23.32 19.68 37.43
N TRP B 617 24.25 19.13 38.20
CA TRP B 617 24.77 17.83 37.84
C TRP B 617 23.81 16.69 38.16
N LEU B 618 22.90 16.88 39.11
CA LEU B 618 21.81 15.92 39.30
C LEU B 618 20.72 16.12 38.27
N LEU B 619 20.01 17.24 38.35
CA LEU B 619 18.89 17.50 37.47
C LEU B 619 19.20 17.21 36.03
N TRP B 620 20.46 17.19 35.67
CA TRP B 620 20.86 16.92 34.31
C TRP B 620 21.26 15.48 34.09
N GLY B 621 21.69 14.79 35.13
CA GLY B 621 21.98 13.39 34.95
C GLY B 621 20.77 12.51 34.90
N LEU B 622 19.59 13.05 35.23
CA LEU B 622 18.33 12.34 35.10
C LEU B 622 17.75 12.46 33.70
N VAL B 623 18.03 13.56 33.01
CA VAL B 623 17.56 13.70 31.64
C VAL B 623 18.18 12.64 30.75
N PHE B 624 19.47 12.38 30.94
CA PHE B 624 20.20 11.45 30.09
C PHE B 624 20.27 10.06 30.75
N ASN B 625 19.12 9.42 30.82
CA ASN B 625 18.93 8.21 31.62
C ASN B 625 19.33 8.58 33.05
N ASN B 626 19.86 7.64 33.80
CA ASN B 626 20.34 7.93 35.16
C ASN B 626 21.69 7.26 35.34
N SER B 627 22.55 7.38 34.34
CA SER B 627 23.77 6.61 34.32
C SER B 627 24.79 7.12 35.34
N VAL B 628 24.93 8.45 35.45
CA VAL B 628 26.05 9.12 36.11
C VAL B 628 25.98 8.95 37.63
N PRO B 629 27.06 9.24 38.34
CA PRO B 629 26.97 9.32 39.81
C PRO B 629 26.56 10.70 40.31
N VAL B 630 25.44 10.79 40.99
CA VAL B 630 24.89 12.07 41.43
C VAL B 630 24.97 12.14 42.95
N GLN B 631 24.62 13.30 43.48
CA GLN B 631 24.56 13.51 44.93
C GLN B 631 23.16 13.99 45.26
N ASN B 632 22.30 13.06 45.70
CA ASN B 632 20.89 13.33 45.87
C ASN B 632 20.65 14.29 47.03
N PRO B 633 19.55 15.02 47.02
CA PRO B 633 19.22 15.84 48.17
C PRO B 633 18.90 15.01 49.39
N LYS B 634 18.43 15.65 50.44
CA LYS B 634 18.02 14.91 51.63
C LYS B 634 16.72 15.40 52.23
N GLY B 635 16.31 16.64 51.98
CA GLY B 635 15.03 17.09 52.47
C GLY B 635 13.88 16.38 51.79
N THR B 636 12.77 16.27 52.49
CA THR B 636 11.67 15.47 51.96
C THR B 636 10.91 16.20 50.87
N THR B 637 10.86 17.52 50.91
CA THR B 637 10.19 18.23 49.83
C THR B 637 11.07 18.49 48.64
N SER B 638 12.35 18.17 48.72
CA SER B 638 13.21 18.31 47.56
C SER B 638 13.28 17.04 46.75
N LYS B 639 13.18 15.88 47.41
CA LYS B 639 13.05 14.64 46.68
C LYS B 639 11.75 14.61 45.88
N ILE B 640 10.71 15.30 46.35
CA ILE B 640 9.48 15.39 45.56
C ILE B 640 9.74 16.12 44.26
N MET B 641 10.56 17.17 44.31
CA MET B 641 10.89 17.89 43.09
C MET B 641 11.81 17.09 42.18
N VAL B 642 12.78 16.37 42.73
CA VAL B 642 13.57 15.51 41.89
C VAL B 642 12.70 14.44 41.24
N SER B 643 11.64 13.98 41.93
CA SER B 643 10.77 12.98 41.31
C SER B 643 9.89 13.57 40.23
N VAL B 644 9.27 14.72 40.48
CA VAL B 644 8.47 15.34 39.43
C VAL B 644 9.34 15.79 38.28
N TRP B 645 10.65 15.83 38.47
CA TRP B 645 11.55 16.02 37.34
C TRP B 645 11.98 14.71 36.70
N ALA B 646 12.04 13.62 37.45
CA ALA B 646 12.38 12.36 36.80
C ALA B 646 11.26 11.86 35.93
N PHE B 647 10.01 12.24 36.24
CA PHE B 647 8.93 11.93 35.33
C PHE B 647 9.06 12.73 34.04
N PHE B 648 9.48 13.99 34.14
CA PHE B 648 9.76 14.76 32.93
C PHE B 648 10.88 14.14 32.13
N ALA B 649 11.90 13.61 32.79
CA ALA B 649 12.96 12.95 32.06
C ALA B 649 12.45 11.72 31.34
N VAL B 650 11.54 10.97 31.96
CA VAL B 650 10.97 9.78 31.30
C VAL B 650 10.21 10.16 30.04
N ILE B 651 9.41 11.23 30.10
CA ILE B 651 8.73 11.69 28.89
C ILE B 651 9.68 12.29 27.87
N PHE B 652 10.74 12.93 28.33
CA PHE B 652 11.72 13.49 27.39
C PHE B 652 12.40 12.39 26.61
N LEU B 653 12.86 11.35 27.27
CA LEU B 653 13.50 10.28 26.53
C LEU B 653 12.52 9.40 25.79
N ALA B 654 11.24 9.43 26.16
CA ALA B 654 10.27 8.70 25.37
C ALA B 654 9.91 9.42 24.08
N SER B 655 9.96 10.75 24.09
CA SER B 655 9.62 11.52 22.90
C SER B 655 10.83 11.96 22.10
N TYR B 656 12.03 11.90 22.68
CA TYR B 656 13.24 12.09 21.89
C TYR B 656 13.52 10.88 21.03
N THR B 657 13.60 9.71 21.63
CA THR B 657 13.99 8.50 20.93
C THR B 657 12.87 7.87 20.14
N ALA B 658 11.71 8.52 20.06
CA ALA B 658 10.59 7.94 19.34
C ALA B 658 10.92 7.75 17.88
N ASN B 659 11.52 8.75 17.25
CA ASN B 659 11.83 8.73 15.83
C ASN B 659 13.31 8.58 15.55
N LEU B 660 14.12 8.36 16.57
CA LEU B 660 15.55 8.67 16.49
C LEU B 660 16.22 7.93 15.35
N ALA B 661 15.99 6.63 15.23
CA ALA B 661 16.67 5.91 14.18
C ALA B 661 16.08 6.16 12.81
N ALA B 662 15.19 7.14 12.67
CA ALA B 662 14.74 7.62 11.37
C ALA B 662 15.24 9.00 11.06
N PHE B 663 15.77 9.72 12.04
CA PHE B 663 16.48 10.97 11.80
C PHE B 663 17.94 10.77 11.52
N MET B 664 18.52 9.67 12.00
CA MET B 664 19.94 9.40 11.86
C MET B 664 20.21 8.60 10.61
N ILE B 665 19.18 8.40 9.79
CA ILE B 665 19.28 7.60 8.59
C ILE B 665 18.70 8.33 7.39
N GLN B 666 18.19 9.54 7.59
CA GLN B 666 17.47 10.31 6.60
C GLN B 666 18.44 11.12 5.75
N GLU B 667 18.63 10.72 4.50
CA GLU B 667 19.62 11.34 3.63
C GLU B 667 18.96 12.37 2.74
N GLU B 668 19.53 13.56 2.68
CA GLU B 668 19.02 14.66 1.86
C GLU B 668 19.84 14.75 0.58
N TYR B 669 19.34 14.13 -0.48
CA TYR B 669 20.04 14.12 -1.77
C TYR B 669 20.05 15.52 -2.35
N VAL B 670 21.22 15.97 -2.82
CA VAL B 670 21.35 17.29 -3.41
C VAL B 670 21.34 17.15 -4.93
N ASP B 671 20.40 17.82 -5.57
CA ASP B 671 20.29 17.77 -7.02
C ASP B 671 21.50 18.43 -7.68
N GLN B 672 21.98 17.82 -8.76
CA GLN B 672 23.23 18.27 -9.37
C GLN B 672 23.07 19.63 -10.04
N VAL B 673 22.00 19.83 -10.81
CA VAL B 673 21.80 21.04 -11.59
C VAL B 673 20.44 21.63 -11.25
N SER B 674 20.43 22.93 -10.92
CA SER B 674 19.18 23.59 -10.55
C SER B 674 18.21 23.66 -11.73
N GLY B 675 18.72 23.94 -12.92
CA GLY B 675 17.87 24.05 -14.09
C GLY B 675 18.70 24.41 -15.30
N LEU B 676 18.00 24.59 -16.43
CA LEU B 676 18.68 24.92 -17.68
C LEU B 676 19.40 26.25 -17.59
N SER B 677 18.75 27.26 -17.00
CA SER B 677 19.29 28.60 -16.95
C SER B 677 20.27 28.81 -15.80
N ASP B 678 20.85 27.74 -15.26
CA ASP B 678 21.82 27.88 -14.19
C ASP B 678 23.14 28.41 -14.73
N LYS B 679 23.96 28.92 -13.81
CA LYS B 679 25.26 29.46 -14.18
C LYS B 679 26.20 28.40 -14.76
N LYS B 680 25.97 27.12 -14.44
CA LYS B 680 26.82 26.07 -14.98
C LYS B 680 26.61 25.90 -16.48
N PHE B 681 25.35 25.79 -16.91
CA PHE B 681 25.10 25.59 -18.34
C PHE B 681 25.39 26.85 -19.15
N GLN B 682 25.15 28.03 -18.58
CA GLN B 682 25.43 29.27 -19.30
C GLN B 682 26.92 29.38 -19.64
N ARG B 683 27.78 29.09 -18.67
CA ARG B 683 29.23 29.16 -18.86
C ARG B 683 29.83 27.83 -18.42
N PRO B 684 29.81 26.82 -19.28
CA PRO B 684 30.38 25.53 -18.90
C PRO B 684 31.87 25.58 -18.60
N ASN B 685 32.59 26.55 -19.17
CA ASN B 685 34.05 26.50 -19.15
C ASN B 685 34.64 27.08 -17.87
N ASP B 686 34.05 28.15 -17.33
CA ASP B 686 34.65 28.87 -16.21
C ASP B 686 34.44 28.16 -14.88
N PHE B 687 34.04 26.89 -14.90
CA PHE B 687 33.85 26.07 -13.72
C PHE B 687 34.83 24.90 -13.77
N SER B 688 34.63 23.94 -12.87
CA SER B 688 35.28 22.64 -12.92
C SER B 688 35.04 22.02 -14.29
N PRO B 689 35.77 20.98 -14.69
CA PRO B 689 35.61 20.43 -16.06
C PRO B 689 34.15 20.26 -16.41
N PRO B 690 33.73 20.84 -17.54
CA PRO B 690 32.29 21.04 -17.77
C PRO B 690 31.51 19.74 -17.81
N PHE B 691 30.25 19.82 -17.40
CA PHE B 691 29.39 18.66 -17.40
C PHE B 691 29.27 18.09 -18.81
N ARG B 692 29.35 16.77 -18.91
CA ARG B 692 29.21 16.08 -20.18
C ARG B 692 27.71 15.88 -20.41
N PHE B 693 27.09 16.81 -21.11
CA PHE B 693 25.67 16.75 -21.40
C PHE B 693 25.45 16.84 -22.89
N GLY B 694 24.53 16.01 -23.39
CA GLY B 694 24.20 15.99 -24.79
C GLY B 694 22.79 15.48 -25.04
N THR B 695 22.47 15.19 -26.30
CA THR B 695 21.16 14.67 -26.65
C THR B 695 21.32 13.76 -27.86
N VAL B 696 20.20 13.47 -28.52
CA VAL B 696 20.21 12.80 -29.81
C VAL B 696 20.05 13.86 -30.90
N PRO B 697 21.02 14.02 -31.80
CA PRO B 697 20.90 15.05 -32.83
C PRO B 697 19.80 14.74 -33.82
N ASN B 698 19.41 15.77 -34.57
CA ASN B 698 18.34 15.67 -35.57
C ASN B 698 17.02 15.31 -34.91
N GLY B 699 16.62 16.14 -33.94
CA GLY B 699 15.38 15.93 -33.23
C GLY B 699 14.82 17.25 -32.73
N SER B 700 13.59 17.19 -32.23
CA SER B 700 12.93 18.40 -31.73
C SER B 700 13.60 18.93 -30.47
N THR B 701 14.13 18.04 -29.63
CA THR B 701 14.80 18.51 -28.41
C THR B 701 16.00 19.37 -28.75
N GLU B 702 16.83 18.94 -29.70
CA GLU B 702 17.95 19.77 -30.13
C GLU B 702 17.44 21.00 -30.89
N ARG B 703 16.31 20.85 -31.57
CA ARG B 703 15.73 21.94 -32.32
C ARG B 703 15.40 23.11 -31.42
N ASN B 704 14.79 22.82 -30.27
CA ASN B 704 14.42 23.90 -29.35
C ASN B 704 15.66 24.51 -28.69
N ILE B 705 16.63 23.67 -28.31
CA ILE B 705 17.78 24.17 -27.56
C ILE B 705 18.67 25.03 -28.44
N ARG B 706 18.80 24.71 -29.73
CA ARG B 706 19.64 25.54 -30.58
C ARG B 706 19.05 26.95 -30.69
N ASN B 707 17.73 27.06 -30.75
CA ASN B 707 17.09 28.36 -30.81
C ASN B 707 17.24 29.11 -29.49
N ASN B 708 16.86 28.48 -28.38
CA ASN B 708 16.83 29.22 -27.12
C ASN B 708 18.22 29.45 -26.54
N TYR B 709 19.12 28.48 -26.71
CA TYR B 709 20.49 28.61 -26.18
C TYR B 709 21.46 28.08 -27.24
N ALA B 710 21.89 28.98 -28.12
CA ALA B 710 22.87 28.59 -29.13
C ALA B 710 24.25 28.39 -28.52
N GLU B 711 24.60 29.18 -27.50
CA GLU B 711 25.89 29.00 -26.84
C GLU B 711 25.99 27.63 -26.19
N MET B 712 24.90 27.18 -25.57
CA MET B 712 24.87 25.82 -25.03
C MET B 712 24.95 24.80 -26.16
N HIS B 713 24.26 25.07 -27.28
CA HIS B 713 24.24 24.15 -28.40
C HIS B 713 25.64 23.92 -28.97
N ALA B 714 26.43 25.00 -29.06
CA ALA B 714 27.77 24.89 -29.60
C ALA B 714 28.61 23.92 -28.78
N TYR B 715 28.50 23.99 -27.45
CA TYR B 715 29.27 23.08 -26.61
C TYR B 715 28.68 21.67 -26.63
N MET B 716 27.36 21.54 -26.58
CA MET B 716 26.76 20.22 -26.43
C MET B 716 26.72 19.44 -27.73
N GLY B 717 27.04 20.06 -28.86
CA GLY B 717 27.10 19.31 -30.10
C GLY B 717 28.12 18.19 -30.06
N LYS B 718 29.19 18.36 -29.29
CA LYS B 718 30.24 17.34 -29.24
C LYS B 718 29.87 16.16 -28.37
N PHE B 719 28.87 16.29 -27.50
CA PHE B 719 28.50 15.23 -26.57
C PHE B 719 27.23 14.50 -26.99
N ASN B 720 26.70 14.78 -28.18
CA ASN B 720 25.49 14.10 -28.62
C ASN B 720 25.77 12.63 -28.90
N GLN B 721 24.73 11.82 -28.76
CA GLN B 721 24.84 10.38 -28.98
C GLN B 721 23.66 9.89 -29.80
N ARG B 722 23.81 8.70 -30.36
CA ARG B 722 22.88 8.22 -31.38
C ARG B 722 21.49 7.96 -30.79
N GLY B 723 21.43 7.25 -29.66
CA GLY B 723 20.16 6.81 -29.14
C GLY B 723 20.09 6.92 -27.63
N VAL B 724 18.89 6.70 -27.11
CA VAL B 724 18.66 6.80 -25.67
C VAL B 724 19.39 5.71 -24.91
N ASP B 725 19.50 4.51 -25.48
CA ASP B 725 20.25 3.44 -24.83
C ASP B 725 21.72 3.82 -24.69
N ASP B 726 22.29 4.46 -25.71
CA ASP B 726 23.66 4.93 -25.61
C ASP B 726 23.80 5.95 -24.50
N ALA B 727 22.82 6.85 -24.37
CA ALA B 727 22.86 7.84 -23.30
C ALA B 727 22.81 7.19 -21.93
N LEU B 728 21.93 6.19 -21.76
CA LEU B 728 21.84 5.51 -20.47
C LEU B 728 23.14 4.80 -20.13
N LEU B 729 23.73 4.11 -21.11
CA LEU B 729 25.00 3.43 -20.87
C LEU B 729 26.09 4.42 -20.54
N SER B 730 26.11 5.57 -21.24
CA SER B 730 27.12 6.58 -20.96
C SER B 730 26.98 7.14 -19.55
N LEU B 731 25.74 7.41 -19.12
CA LEU B 731 25.53 7.93 -17.78
C LEU B 731 25.94 6.92 -16.72
N LYS B 732 25.57 5.65 -16.91
CA LYS B 732 25.97 4.65 -15.93
C LYS B 732 27.49 4.46 -15.89
N THR B 733 28.14 4.48 -17.06
CA THR B 733 29.59 4.36 -17.08
C THR B 733 30.28 5.61 -16.55
N GLY B 734 29.63 6.77 -16.68
CA GLY B 734 30.14 8.00 -16.12
C GLY B 734 30.80 8.93 -17.11
N LYS B 735 31.01 8.50 -18.35
CA LYS B 735 31.58 9.40 -19.36
C LYS B 735 30.66 10.58 -19.63
N LEU B 736 29.36 10.32 -19.67
CA LEU B 736 28.35 11.37 -19.75
C LEU B 736 27.72 11.52 -18.37
N ASP B 737 27.59 12.76 -17.90
CA ASP B 737 27.07 13.00 -16.56
C ASP B 737 25.74 13.75 -16.56
N ALA B 738 25.13 13.96 -17.73
CA ALA B 738 23.81 14.58 -17.81
C ALA B 738 23.24 14.27 -19.18
N PHE B 739 21.92 14.10 -19.23
CA PHE B 739 21.28 13.83 -20.52
C PHE B 739 20.01 14.67 -20.63
N ILE B 740 19.78 15.23 -21.82
CA ILE B 740 18.62 16.08 -22.08
C ILE B 740 17.84 15.45 -23.23
N TYR B 741 16.53 15.28 -23.03
CA TYR B 741 15.75 14.59 -24.05
C TYR B 741 14.26 14.85 -23.78
N ASP B 742 13.41 14.13 -24.50
CA ASP B 742 11.97 14.23 -24.31
C ASP B 742 11.59 13.82 -22.90
N ALA B 743 10.60 14.52 -22.33
CA ALA B 743 10.23 14.30 -20.94
C ALA B 743 9.64 12.91 -20.73
N ALA B 744 8.69 12.51 -21.58
CA ALA B 744 7.97 11.26 -21.35
C ALA B 744 8.90 10.05 -21.46
N VAL B 745 9.77 10.04 -22.45
CA VAL B 745 10.65 8.88 -22.64
C VAL B 745 11.63 8.76 -21.48
N LEU B 746 12.22 9.87 -21.05
CA LEU B 746 13.15 9.83 -19.93
C LEU B 746 12.43 9.43 -18.65
N ASN B 747 11.21 9.91 -18.45
CA ASN B 747 10.42 9.51 -17.30
C ASN B 747 10.19 8.00 -17.32
N TYR B 748 9.90 7.44 -18.49
CA TYR B 748 9.71 6.00 -18.60
C TYR B 748 11.00 5.25 -18.28
N MET B 749 12.13 5.70 -18.83
CA MET B 749 13.39 5.01 -18.59
C MET B 749 13.86 5.15 -17.15
N ALA B 750 13.41 6.17 -16.42
CA ALA B 750 13.85 6.34 -15.04
C ALA B 750 13.41 5.17 -14.17
N GLY B 751 12.17 4.72 -14.32
CA GLY B 751 11.64 3.66 -13.48
C GLY B 751 12.03 2.26 -13.86
N ARG B 752 12.79 2.10 -14.95
CA ARG B 752 13.17 0.80 -15.47
C ARG B 752 14.69 0.61 -15.43
N ASP B 753 15.30 0.98 -14.31
CA ASP B 753 16.74 0.91 -14.15
C ASP B 753 17.08 0.00 -12.99
N GLU B 754 18.27 -0.61 -13.06
CA GLU B 754 18.80 -1.40 -11.96
C GLU B 754 19.14 -0.43 -10.83
N GLY B 755 18.28 -0.38 -9.83
CA GLY B 755 18.36 0.66 -8.81
C GLY B 755 17.73 1.95 -9.29
N CYS B 756 17.64 2.90 -8.37
CA CYS B 756 17.09 4.22 -8.66
C CYS B 756 18.19 5.25 -8.81
N LYS B 757 19.32 4.86 -9.40
CA LYS B 757 20.43 5.78 -9.56
C LYS B 757 20.10 6.89 -10.55
N LEU B 758 19.46 6.56 -11.67
CA LEU B 758 19.14 7.55 -12.69
C LEU B 758 17.78 8.16 -12.40
N VAL B 759 17.72 9.49 -12.37
CA VAL B 759 16.51 10.20 -12.02
C VAL B 759 16.54 11.56 -12.71
N THR B 760 15.38 11.98 -13.21
CA THR B 760 15.28 13.27 -13.88
C THR B 760 15.45 14.41 -12.89
N ILE B 761 16.05 15.50 -13.36
CA ILE B 761 16.30 16.65 -12.51
C ILE B 761 14.99 17.36 -12.21
N GLY B 762 14.82 17.78 -10.96
CA GLY B 762 13.61 18.45 -10.55
C GLY B 762 12.46 17.52 -10.22
N SER B 763 12.76 16.25 -9.95
CA SER B 763 11.73 15.25 -9.62
C SER B 763 10.67 15.18 -10.71
N GLY B 764 11.13 15.17 -11.96
CA GLY B 764 10.23 15.20 -13.09
C GLY B 764 9.91 16.60 -13.58
N LYS B 765 10.84 17.54 -13.45
CA LYS B 765 10.62 18.89 -13.91
C LYS B 765 10.73 18.97 -15.42
N VAL B 766 9.79 19.68 -16.05
CA VAL B 766 9.78 19.88 -17.49
C VAL B 766 9.94 21.37 -17.76
N PHE B 767 10.94 21.72 -18.56
CA PHE B 767 11.23 23.11 -18.86
C PHE B 767 10.52 23.62 -20.11
N ALA B 768 9.75 22.77 -20.79
CA ALA B 768 8.98 23.21 -21.96
C ALA B 768 7.81 22.25 -22.12
N SER B 769 6.61 22.73 -21.85
CA SER B 769 5.42 21.89 -21.89
C SER B 769 4.94 21.74 -23.33
N THR B 770 4.94 20.50 -23.84
CA THR B 770 4.34 20.18 -25.13
C THR B 770 3.52 18.91 -24.97
N GLY B 771 3.04 18.35 -26.08
CA GLY B 771 2.30 17.11 -26.02
C GLY B 771 2.54 16.27 -27.25
N TYR B 772 2.23 14.98 -27.13
CA TYR B 772 2.25 14.08 -28.27
C TYR B 772 0.95 14.22 -29.03
N GLY B 773 1.02 14.80 -30.23
CA GLY B 773 -0.11 14.92 -31.11
C GLY B 773 0.00 13.98 -32.30
N ILE B 774 -1.03 14.03 -33.14
CA ILE B 774 -1.09 13.24 -34.36
C ILE B 774 -0.95 14.20 -35.53
N ALA B 775 0.04 13.95 -36.39
CA ALA B 775 0.31 14.82 -37.52
C ALA B 775 -0.71 14.60 -38.63
N ILE B 776 -1.30 15.68 -39.13
CA ILE B 776 -2.33 15.63 -40.15
C ILE B 776 -1.97 16.61 -41.26
N GLN B 777 -2.49 16.34 -42.45
CA GLN B 777 -2.38 17.30 -43.54
C GLN B 777 -3.33 18.46 -43.33
N LYS B 778 -2.87 19.66 -43.66
CA LYS B 778 -3.63 20.87 -43.37
C LYS B 778 -4.94 20.88 -44.16
N ASP B 779 -5.96 21.48 -43.55
CA ASP B 779 -7.28 21.63 -44.16
C ASP B 779 -7.89 20.26 -44.49
N SER B 780 -7.98 19.42 -43.46
CA SER B 780 -8.56 18.09 -43.58
C SER B 780 -9.61 17.90 -42.51
N GLY B 781 -10.73 17.29 -42.88
CA GLY B 781 -11.85 17.11 -41.97
C GLY B 781 -11.68 16.00 -40.95
N TRP B 782 -10.62 15.19 -41.09
CA TRP B 782 -10.38 14.13 -40.12
C TRP B 782 -9.90 14.66 -38.77
N LYS B 783 -9.43 15.92 -38.74
CA LYS B 783 -8.89 16.47 -37.49
C LYS B 783 -9.94 16.54 -36.39
N ARG B 784 -11.15 16.98 -36.73
CA ARG B 784 -12.21 17.06 -35.74
C ARG B 784 -12.56 15.67 -35.21
N GLN B 785 -12.67 14.69 -36.09
CA GLN B 785 -12.95 13.32 -35.67
C GLN B 785 -11.87 12.80 -34.74
N VAL B 786 -10.60 13.04 -35.10
CA VAL B 786 -9.49 12.57 -34.28
C VAL B 786 -9.52 13.25 -32.91
N ASP B 787 -9.78 14.55 -32.88
CA ASP B 787 -9.83 15.28 -31.62
C ASP B 787 -10.91 14.71 -30.70
N LEU B 788 -12.11 14.50 -31.26
CA LEU B 788 -13.19 13.95 -30.44
C LEU B 788 -12.87 12.54 -29.98
N ALA B 789 -12.26 11.72 -30.85
CA ALA B 789 -11.90 10.36 -30.46
C ALA B 789 -10.87 10.37 -29.34
N ILE B 790 -9.89 11.26 -29.41
CA ILE B 790 -8.88 11.34 -28.35
C ILE B 790 -9.53 11.80 -27.04
N LEU B 791 -10.38 12.83 -27.12
CA LEU B 791 -10.98 13.36 -25.91
C LEU B 791 -11.99 12.42 -25.28
N GLN B 792 -12.58 11.52 -26.07
CA GLN B 792 -13.48 10.54 -25.47
C GLN B 792 -12.74 9.63 -24.50
N LEU B 793 -11.45 9.37 -24.77
CA LEU B 793 -10.64 8.60 -23.84
C LEU B 793 -10.42 9.34 -22.53
N PHE B 794 -10.19 10.66 -22.61
CA PHE B 794 -10.11 11.46 -21.40
C PHE B 794 -11.42 11.45 -20.64
N GLY B 795 -12.53 11.58 -21.35
CA GLY B 795 -13.83 11.65 -20.73
C GLY B 795 -14.24 10.39 -20.02
N ASP B 796 -14.32 9.27 -20.75
CA ASP B 796 -14.72 8.01 -20.14
C ASP B 796 -13.61 7.41 -19.29
N GLY B 797 -12.38 7.92 -19.39
CA GLY B 797 -11.31 7.45 -18.53
C GLY B 797 -10.93 6.00 -18.73
N GLU B 798 -10.94 5.53 -19.97
CA GLU B 798 -10.56 4.17 -20.29
C GLU B 798 -9.08 4.03 -20.65
N MET B 799 -8.32 5.12 -20.62
CA MET B 799 -6.89 5.07 -20.89
C MET B 799 -6.04 5.46 -19.69
N GLU B 800 -6.64 5.94 -18.60
CA GLU B 800 -5.87 6.17 -17.38
C GLU B 800 -5.32 4.86 -16.82
N GLU B 801 -6.08 3.76 -16.96
CA GLU B 801 -5.54 2.45 -16.66
C GLU B 801 -4.45 2.07 -17.67
N LEU B 802 -4.63 2.48 -18.92
CA LEU B 802 -3.59 2.26 -19.92
C LEU B 802 -2.32 3.02 -19.59
N GLU B 803 -2.44 4.13 -18.85
CA GLU B 803 -1.27 4.86 -18.39
C GLU B 803 -0.41 3.98 -17.50
N ALA B 804 -1.05 3.24 -16.58
CA ALA B 804 -0.32 2.37 -15.67
C ALA B 804 0.00 1.02 -16.27
N LEU B 805 -0.63 0.65 -17.38
CA LEU B 805 -0.40 -0.67 -17.96
C LEU B 805 1.04 -0.83 -18.45
N TRP B 806 1.61 0.22 -19.04
CA TRP B 806 2.97 0.17 -19.54
C TRP B 806 3.90 1.17 -18.89
N LEU B 807 3.51 2.44 -18.80
CA LEU B 807 4.41 3.48 -18.31
C LEU B 807 4.41 3.47 -16.78
N THR B 808 5.08 2.45 -16.24
CA THR B 808 5.24 2.29 -14.80
C THR B 808 6.47 1.44 -14.55
N GLY B 809 7.25 1.81 -13.52
CA GLY B 809 8.47 1.12 -13.20
C GLY B 809 8.60 0.87 -11.71
N ILE B 810 9.66 0.14 -11.36
CA ILE B 810 9.91 -0.15 -9.95
C ILE B 810 10.23 1.12 -9.18
N CYS B 811 11.11 1.96 -9.73
CA CYS B 811 11.54 3.17 -9.05
C CYS B 811 10.46 4.25 -9.03
N HIS B 812 9.30 3.99 -9.60
CA HIS B 812 8.24 5.00 -9.65
C HIS B 812 7.74 5.37 -8.27
N ASN B 813 7.92 4.50 -7.28
CA ASN B 813 7.52 4.77 -5.90
C ASN B 813 8.75 4.59 -5.00
N GLU B 814 9.50 5.67 -4.81
CA GLU B 814 10.65 5.64 -3.92
C GLU B 814 10.20 5.47 -2.48
N LYS B 815 10.92 4.64 -1.74
CA LYS B 815 10.60 4.36 -0.34
C LYS B 815 11.23 5.40 0.60
N ASN B 816 10.96 6.67 0.32
CA ASN B 816 11.48 7.80 1.11
C ASN B 816 13.00 7.70 1.14
N GLU B 817 13.62 8.14 2.23
CA GLU B 817 15.06 8.05 2.44
C GLU B 817 15.45 7.09 3.54
N VAL B 818 14.49 6.60 4.31
CA VAL B 818 14.74 5.69 5.42
C VAL B 818 14.68 4.26 4.91
N MET B 819 15.51 3.40 5.51
CA MET B 819 15.60 2.00 5.11
C MET B 819 15.95 1.19 6.34
N SER B 820 16.38 -0.06 6.13
CA SER B 820 16.96 -0.87 7.19
C SER B 820 18.47 -0.90 6.94
N SER B 821 19.13 0.15 7.40
CA SER B 821 20.56 0.29 7.17
C SER B 821 21.28 0.50 8.48
N GLN B 822 22.50 -0.04 8.57
CA GLN B 822 23.35 0.18 9.71
C GLN B 822 23.63 1.67 9.86
N LEU B 823 24.15 2.07 11.01
CA LEU B 823 24.55 3.45 11.24
C LEU B 823 26.06 3.55 11.16
N ASP B 824 26.58 4.17 10.13
CA ASP B 824 28.00 4.37 9.97
C ASP B 824 28.48 5.55 10.77
N ILE B 825 29.76 5.88 10.58
CA ILE B 825 30.28 7.08 11.19
C ILE B 825 29.84 8.28 10.38
N ASP B 826 29.39 8.08 9.15
CA ASP B 826 28.79 9.16 8.38
C ASP B 826 27.46 9.57 8.99
N ASN B 827 26.61 8.60 9.32
CA ASN B 827 25.33 8.88 9.96
C ASN B 827 25.53 9.52 11.31
N MET B 828 26.31 8.88 12.16
CA MET B 828 26.40 9.25 13.57
C MET B 828 27.66 10.07 13.82
N ALA B 829 27.68 11.26 13.22
CA ALA B 829 28.82 12.15 13.32
C ALA B 829 28.42 13.55 13.70
N GLY B 830 27.25 13.75 14.23
CA GLY B 830 26.94 15.01 14.86
C GLY B 830 27.06 14.84 16.35
N VAL B 831 27.14 13.58 16.78
CA VAL B 831 27.37 13.29 18.17
C VAL B 831 28.86 13.40 18.47
N PHE B 832 29.70 12.99 17.53
CA PHE B 832 31.13 13.15 17.74
C PHE B 832 31.55 14.59 17.59
N TYR B 833 30.90 15.38 16.74
CA TYR B 833 31.21 16.80 16.70
C TYR B 833 30.88 17.46 18.02
N MET B 834 29.75 17.12 18.63
CA MET B 834 29.42 17.69 19.93
C MET B 834 30.39 17.23 20.99
N LEU B 835 30.76 15.95 20.97
CA LEU B 835 31.74 15.49 21.95
C LEU B 835 33.08 16.16 21.76
N GLY B 836 33.51 16.38 20.52
CA GLY B 836 34.74 17.11 20.29
C GLY B 836 34.64 18.57 20.70
N ALA B 837 33.48 19.18 20.47
CA ALA B 837 33.32 20.56 20.86
C ALA B 837 33.40 20.71 22.35
N ALA B 838 32.83 19.77 23.11
CA ALA B 838 32.99 19.85 24.55
C ALA B 838 34.39 19.44 24.99
N MET B 839 35.02 18.53 24.25
CA MET B 839 36.41 18.14 24.46
C MET B 839 37.36 19.31 24.30
N ALA B 840 36.95 20.34 23.56
CA ALA B 840 37.73 21.56 23.43
C ALA B 840 37.26 22.69 24.32
N LEU B 841 35.95 22.82 24.56
CA LEU B 841 35.47 23.82 25.50
C LEU B 841 35.90 23.50 26.92
N SER B 842 36.03 22.22 27.27
CA SER B 842 36.52 21.90 28.60
C SER B 842 37.95 22.38 28.78
N LEU B 843 38.76 22.32 27.73
CA LEU B 843 40.13 22.80 27.84
C LEU B 843 40.19 24.32 27.81
N ILE B 844 39.29 24.97 27.07
CA ILE B 844 39.21 26.42 27.12
C ILE B 844 38.90 26.88 28.54
N THR B 845 37.90 26.28 29.16
CA THR B 845 37.58 26.67 30.53
C THR B 845 38.60 26.19 31.54
N PHE B 846 39.35 25.14 31.22
CA PHE B 846 40.46 24.73 32.07
C PHE B 846 41.53 25.82 32.12
N ILE B 847 41.95 26.33 30.97
CA ILE B 847 42.95 27.39 31.03
C ILE B 847 42.33 28.65 31.62
N CYS B 848 41.04 28.88 31.40
CA CYS B 848 40.40 30.04 32.01
C CYS B 848 40.40 29.94 33.52
N GLU B 849 40.27 28.73 34.07
CA GLU B 849 40.49 28.56 35.50
C GLU B 849 41.93 28.83 35.87
N HIS B 850 42.87 28.19 35.18
CA HIS B 850 44.25 28.26 35.62
C HIS B 850 44.86 29.64 35.45
N LEU B 851 44.19 30.57 34.78
CA LEU B 851 44.68 31.95 34.85
C LEU B 851 43.86 32.82 35.80
N PHE B 852 42.55 32.70 35.81
CA PHE B 852 41.72 33.58 36.62
C PHE B 852 41.51 33.03 38.01
N THR C 396 -10.74 43.54 -33.88
CA THR C 396 -10.10 44.47 -32.96
C THR C 396 -10.74 44.42 -31.58
N ARG C 397 -11.98 44.91 -31.50
CA ARG C 397 -12.71 44.91 -30.24
C ARG C 397 -13.11 43.49 -29.85
N LEU C 398 -12.64 43.03 -28.69
CA LEU C 398 -12.88 41.67 -28.24
C LEU C 398 -13.39 41.68 -26.81
N LYS C 399 -14.37 40.82 -26.53
CA LYS C 399 -14.96 40.68 -25.21
C LYS C 399 -14.51 39.36 -24.61
N ILE C 400 -14.00 39.42 -23.38
CA ILE C 400 -13.40 38.27 -22.72
C ILE C 400 -14.05 38.07 -21.36
N VAL C 401 -14.41 36.82 -21.05
CA VAL C 401 -14.96 36.46 -19.76
C VAL C 401 -13.94 35.60 -19.02
N THR C 402 -13.90 35.77 -17.69
CA THR C 402 -12.93 35.08 -16.86
C THR C 402 -13.57 34.69 -15.55
N ILE C 403 -13.08 33.59 -14.97
CA ILE C 403 -13.55 33.11 -13.68
C ILE C 403 -12.44 33.31 -12.66
N HIS C 404 -12.84 33.38 -11.39
CA HIS C 404 -11.88 33.58 -10.31
C HIS C 404 -11.26 32.24 -9.91
N GLN C 405 -9.95 32.12 -10.08
CA GLN C 405 -9.20 30.96 -9.64
C GLN C 405 -7.90 31.44 -9.03
N GLU C 406 -7.69 31.15 -7.76
CA GLU C 406 -6.59 31.74 -6.99
C GLU C 406 -5.22 31.60 -7.65
N PRO C 407 -4.79 30.45 -8.14
CA PRO C 407 -3.46 30.38 -8.74
C PRO C 407 -3.38 30.94 -10.15
N PHE C 408 -4.52 31.24 -10.77
CA PHE C 408 -4.53 31.79 -12.13
C PHE C 408 -5.14 33.17 -12.20
N VAL C 409 -6.25 33.42 -11.51
CA VAL C 409 -6.98 34.67 -11.60
C VAL C 409 -7.15 35.22 -10.19
N TYR C 410 -6.47 36.31 -9.90
CA TYR C 410 -6.65 37.06 -8.67
C TYR C 410 -7.55 38.25 -8.98
N VAL C 411 -8.66 38.35 -8.28
CA VAL C 411 -9.65 39.40 -8.48
C VAL C 411 -9.66 40.29 -7.24
N LYS C 412 -9.61 41.61 -7.45
CA LYS C 412 -9.62 42.52 -6.32
C LYS C 412 -10.47 43.74 -6.66
N PRO C 413 -11.56 43.98 -5.93
CA PRO C 413 -12.36 45.20 -6.16
C PRO C 413 -11.51 46.45 -6.03
N THR C 414 -11.55 47.30 -7.04
CA THR C 414 -10.75 48.52 -7.06
C THR C 414 -11.38 49.58 -6.17
N MET C 415 -10.52 50.46 -5.65
CA MET C 415 -10.92 51.56 -4.79
C MET C 415 -10.46 52.88 -5.39
N SER C 416 -10.71 53.96 -4.66
CA SER C 416 -10.43 55.35 -5.10
C SER C 416 -11.24 55.58 -6.38
N ASP C 417 -10.61 55.98 -7.48
CA ASP C 417 -11.35 56.25 -8.71
C ASP C 417 -11.82 54.99 -9.42
N GLY C 418 -11.17 53.86 -9.16
CA GLY C 418 -11.53 52.64 -9.86
C GLY C 418 -10.32 51.87 -10.38
N THR C 419 -9.13 52.26 -9.94
CA THR C 419 -7.90 51.52 -10.22
C THR C 419 -7.24 51.13 -8.90
N CYS C 420 -6.73 49.91 -8.85
CA CYS C 420 -6.08 49.43 -7.65
C CYS C 420 -4.59 49.77 -7.69
N LYS C 421 -3.82 49.21 -6.77
CA LYS C 421 -2.43 49.59 -6.60
C LYS C 421 -1.59 49.03 -7.75
N GLU C 422 -0.32 49.44 -7.76
CA GLU C 422 0.66 48.95 -8.73
C GLU C 422 1.77 48.24 -7.98
N GLU C 423 1.39 47.36 -7.05
CA GLU C 423 2.35 46.64 -6.24
C GLU C 423 3.27 45.80 -7.11
N PHE C 424 4.51 45.67 -6.66
CA PHE C 424 5.53 44.93 -7.38
C PHE C 424 5.73 43.54 -6.77
N THR C 425 6.30 42.65 -7.58
CA THR C 425 6.56 41.29 -7.14
C THR C 425 7.77 41.27 -6.20
N VAL C 426 8.18 40.08 -5.80
CA VAL C 426 9.32 39.96 -4.90
C VAL C 426 10.60 40.41 -5.59
N ASN C 427 10.73 40.11 -6.88
CA ASN C 427 11.91 40.48 -7.65
C ASN C 427 11.81 41.88 -8.24
N GLY C 428 10.98 42.74 -7.67
CA GLY C 428 10.85 44.11 -8.14
C GLY C 428 10.24 44.23 -9.53
N ASP C 429 9.21 43.44 -9.81
CA ASP C 429 8.54 43.52 -11.10
C ASP C 429 7.08 43.90 -10.89
N PRO C 430 6.52 44.75 -11.75
CA PRO C 430 5.16 45.24 -11.52
C PRO C 430 4.13 44.16 -11.79
N VAL C 431 3.07 44.15 -10.99
CA VAL C 431 1.98 43.21 -11.15
C VAL C 431 0.97 43.87 -12.09
N LYS C 432 0.99 43.45 -13.35
CA LYS C 432 0.11 44.04 -14.36
C LYS C 432 -1.35 43.73 -14.03
N LYS C 433 -2.21 44.71 -14.22
CA LYS C 433 -3.62 44.62 -13.89
C LYS C 433 -4.48 44.84 -15.12
N VAL C 434 -5.67 44.26 -15.11
CA VAL C 434 -6.66 44.52 -16.15
C VAL C 434 -8.00 44.80 -15.50
N ILE C 435 -8.86 45.50 -16.23
CA ILE C 435 -10.17 45.89 -15.73
C ILE C 435 -11.11 44.69 -15.82
N CYS C 436 -11.92 44.51 -14.77
CA CYS C 436 -12.85 43.39 -14.65
C CYS C 436 -14.21 43.96 -14.24
N THR C 437 -15.15 44.03 -15.18
CA THR C 437 -16.50 44.48 -14.85
C THR C 437 -17.35 43.26 -14.50
N GLY C 438 -17.01 42.67 -13.36
CA GLY C 438 -17.68 41.48 -12.88
C GLY C 438 -18.55 41.75 -11.67
N PRO C 439 -19.36 40.77 -11.28
CA PRO C 439 -20.31 40.97 -10.18
C PRO C 439 -19.62 40.89 -8.83
N ASN C 440 -19.94 41.83 -7.95
CA ASN C 440 -19.37 41.85 -6.62
C ASN C 440 -19.89 40.68 -5.80
N ASP C 441 -19.00 40.05 -5.04
CA ASP C 441 -19.33 38.94 -4.13
C ASP C 441 -20.03 37.81 -4.89
N THR C 442 -19.33 37.29 -5.90
CA THR C 442 -19.84 36.19 -6.73
C THR C 442 -21.19 36.55 -7.33
N SER C 443 -22.26 36.01 -6.76
CA SER C 443 -23.60 36.34 -7.23
C SER C 443 -23.89 37.82 -6.98
N PRO C 444 -24.74 38.44 -7.82
CA PRO C 444 -25.04 39.87 -7.65
C PRO C 444 -25.53 40.20 -6.25
N GLY C 445 -26.61 39.56 -5.81
CA GLY C 445 -27.15 39.82 -4.48
C GLY C 445 -27.54 41.28 -4.31
N SER C 446 -27.26 41.82 -3.13
CA SER C 446 -27.47 43.25 -2.90
C SER C 446 -26.60 44.11 -3.80
N PRO C 447 -25.27 43.86 -3.95
CA PRO C 447 -24.54 44.63 -4.99
C PRO C 447 -24.78 44.06 -6.37
N ARG C 448 -26.03 44.16 -6.83
CA ARG C 448 -26.43 43.61 -8.13
C ARG C 448 -25.97 44.56 -9.24
N HIS C 449 -24.64 44.65 -9.38
CA HIS C 449 -24.04 45.49 -10.41
C HIS C 449 -22.63 44.97 -10.69
N THR C 450 -22.24 45.01 -11.95
CA THR C 450 -20.90 44.62 -12.37
C THR C 450 -19.93 45.71 -11.93
N VAL C 451 -19.39 45.56 -10.73
CA VAL C 451 -18.51 46.57 -10.14
C VAL C 451 -17.13 46.46 -10.77
N PRO C 452 -16.55 47.55 -11.26
CA PRO C 452 -15.18 47.49 -11.77
C PRO C 452 -14.21 46.98 -10.70
N GLN C 453 -13.29 46.13 -11.15
CA GLN C 453 -12.28 45.52 -10.29
C GLN C 453 -11.00 45.40 -11.10
N CYS C 454 -9.91 45.03 -10.44
CA CYS C 454 -8.66 44.75 -11.14
C CYS C 454 -8.30 43.28 -10.97
N CYS C 455 -7.94 42.65 -12.08
CA CYS C 455 -7.57 41.25 -12.11
C CYS C 455 -6.13 41.10 -12.56
N TYR C 456 -5.48 40.06 -12.04
CA TYR C 456 -4.08 39.82 -12.35
C TYR C 456 -3.77 38.35 -12.09
N GLY C 457 -2.80 37.83 -12.82
CA GLY C 457 -2.38 36.46 -12.63
C GLY C 457 -1.79 35.88 -13.90
N PHE C 458 -1.70 34.55 -13.89
CA PHE C 458 -1.09 33.81 -14.99
C PHE C 458 -1.81 34.06 -16.30
N CYS C 459 -3.14 33.87 -16.30
CA CYS C 459 -3.91 34.07 -17.51
C CYS C 459 -3.88 35.52 -17.96
N ILE C 460 -3.81 36.46 -17.02
CA ILE C 460 -3.78 37.87 -17.38
C ILE C 460 -2.50 38.21 -18.13
N ASP C 461 -1.36 37.71 -17.63
CA ASP C 461 -0.10 37.94 -18.31
C ASP C 461 -0.06 37.26 -19.68
N LEU C 462 -0.68 36.08 -19.79
CA LEU C 462 -0.80 35.46 -21.11
C LEU C 462 -1.63 36.34 -22.04
N LEU C 463 -2.69 36.95 -21.50
CA LEU C 463 -3.50 37.87 -22.29
C LEU C 463 -2.69 39.05 -22.79
N ILE C 464 -1.87 39.63 -21.92
CA ILE C 464 -1.08 40.80 -22.34
C ILE C 464 -0.05 40.41 -23.38
N LYS C 465 0.57 39.24 -23.23
CA LYS C 465 1.51 38.78 -24.25
C LYS C 465 0.81 38.60 -25.59
N LEU C 466 -0.34 37.94 -25.59
CA LEU C 466 -1.08 37.79 -26.84
C LEU C 466 -1.62 39.13 -27.33
N ALA C 467 -1.83 40.08 -26.43
CA ALA C 467 -2.30 41.40 -26.84
C ALA C 467 -1.24 42.15 -27.62
N ARG C 468 0.01 42.11 -27.15
CA ARG C 468 1.06 42.76 -27.91
C ARG C 468 1.37 42.00 -29.21
N THR C 469 1.26 40.66 -29.18
CA THR C 469 1.56 39.92 -30.40
C THR C 469 0.49 40.11 -31.47
N MET C 470 -0.79 39.95 -31.10
CA MET C 470 -1.88 39.93 -32.07
C MET C 470 -2.42 41.32 -32.39
N GLN C 471 -2.09 42.33 -31.58
CA GLN C 471 -2.54 43.70 -31.80
C GLN C 471 -4.06 43.80 -31.83
N PHE C 472 -4.67 43.51 -30.67
CA PHE C 472 -6.11 43.58 -30.50
C PHE C 472 -6.44 44.29 -29.20
N THR C 473 -7.65 44.82 -29.14
CA THR C 473 -8.20 45.41 -27.92
C THR C 473 -9.12 44.41 -27.24
N TYR C 474 -9.15 44.47 -25.91
CA TYR C 474 -9.90 43.50 -25.13
C TYR C 474 -10.45 44.14 -23.88
N GLU C 475 -11.51 43.54 -23.34
CA GLU C 475 -12.02 43.88 -22.03
C GLU C 475 -12.37 42.58 -21.31
N VAL C 476 -12.25 42.61 -19.98
CA VAL C 476 -12.46 41.43 -19.16
C VAL C 476 -13.65 41.68 -18.24
N HIS C 477 -14.59 40.74 -18.21
CA HIS C 477 -15.71 40.81 -17.29
C HIS C 477 -16.04 39.40 -16.81
N LEU C 478 -16.16 39.24 -15.49
CA LEU C 478 -16.38 37.94 -14.89
C LEU C 478 -17.77 37.42 -15.22
N VAL C 479 -17.89 36.10 -15.30
CA VAL C 479 -19.18 35.47 -15.54
C VAL C 479 -20.07 35.62 -14.32
N ALA C 480 -21.34 35.96 -14.56
CA ALA C 480 -22.26 36.22 -13.45
C ALA C 480 -22.54 34.97 -12.63
N ASP C 481 -22.79 33.84 -13.30
CA ASP C 481 -23.12 32.61 -12.58
C ASP C 481 -21.92 32.02 -11.86
N GLY C 482 -20.70 32.36 -12.27
CA GLY C 482 -19.51 31.84 -11.63
C GLY C 482 -19.30 30.35 -11.81
N LYS C 483 -19.59 29.83 -13.00
CA LYS C 483 -19.40 28.42 -13.30
C LYS C 483 -18.63 28.28 -14.61
N PHE C 484 -17.98 27.12 -14.76
CA PHE C 484 -17.22 26.86 -15.99
C PHE C 484 -18.14 26.54 -17.15
N GLY C 485 -19.18 25.75 -16.92
CA GLY C 485 -20.14 25.47 -17.97
C GLY C 485 -20.45 24.00 -18.17
N THR C 486 -21.74 23.66 -18.15
CA THR C 486 -22.21 22.31 -18.45
C THR C 486 -23.42 22.41 -19.37
N GLN C 487 -23.84 21.27 -19.88
CA GLN C 487 -24.97 21.18 -20.81
C GLN C 487 -26.21 20.73 -20.04
N GLU C 488 -27.22 21.60 -19.99
CA GLU C 488 -28.48 21.31 -19.33
C GLU C 488 -29.63 21.74 -20.23
N ARG C 489 -30.86 21.50 -19.77
CA ARG C 489 -32.06 21.89 -20.47
C ARG C 489 -33.02 22.54 -19.49
N VAL C 490 -33.93 23.36 -20.02
CA VAL C 490 -34.92 24.05 -19.22
C VAL C 490 -36.29 23.87 -19.85
N GLN C 491 -37.32 23.99 -19.02
CA GLN C 491 -38.73 23.90 -19.45
C GLN C 491 -39.04 22.57 -20.12
N ASN C 492 -38.29 21.52 -19.74
CA ASN C 492 -38.48 20.18 -20.30
C ASN C 492 -38.44 20.20 -21.82
N SER C 493 -37.51 20.96 -22.37
CA SER C 493 -37.36 21.11 -23.81
C SER C 493 -36.26 20.20 -24.34
N ASN C 494 -36.41 19.81 -25.60
CA ASN C 494 -35.41 18.94 -26.24
C ASN C 494 -34.07 19.65 -26.36
N LYS C 495 -34.10 20.96 -26.65
CA LYS C 495 -32.86 21.71 -26.82
C LYS C 495 -32.07 21.75 -25.52
N LYS C 496 -30.75 21.73 -25.65
CA LYS C 496 -29.83 21.79 -24.52
C LYS C 496 -29.14 23.14 -24.50
N GLU C 497 -29.07 23.74 -23.32
CA GLU C 497 -28.50 25.07 -23.14
C GLU C 497 -27.22 24.99 -22.31
N TRP C 498 -26.30 25.91 -22.60
CA TRP C 498 -25.02 25.99 -21.90
C TRP C 498 -25.06 27.13 -20.89
N ASN C 499 -24.21 27.01 -19.88
CA ASN C 499 -24.10 28.00 -18.81
C ASN C 499 -22.65 28.41 -18.67
N GLY C 500 -22.40 29.29 -17.71
CA GLY C 500 -21.03 29.68 -17.40
C GLY C 500 -20.36 30.38 -18.56
N MET C 501 -19.20 29.87 -18.95
CA MET C 501 -18.42 30.52 -20.00
C MET C 501 -19.11 30.37 -21.36
N MET C 502 -19.57 29.17 -21.68
CA MET C 502 -20.24 28.93 -22.95
C MET C 502 -21.69 29.41 -22.94
N GLY C 503 -22.23 29.73 -21.77
CA GLY C 503 -23.51 30.42 -21.73
C GLY C 503 -23.45 31.84 -22.25
N GLU C 504 -22.25 32.38 -22.43
CA GLU C 504 -22.05 33.73 -22.95
C GLU C 504 -21.20 33.77 -24.22
N LEU C 505 -20.16 32.94 -24.29
CA LEU C 505 -19.34 32.90 -25.50
C LEU C 505 -20.15 32.40 -26.69
N LEU C 506 -20.95 31.36 -26.49
CA LEU C 506 -21.78 30.85 -27.56
C LEU C 506 -22.86 31.84 -27.98
N SER C 507 -23.24 32.76 -27.10
CA SER C 507 -24.22 33.78 -27.41
C SER C 507 -23.62 34.99 -28.11
N GLY C 508 -22.31 34.96 -28.37
CA GLY C 508 -21.63 36.09 -28.94
C GLY C 508 -21.19 37.14 -27.95
N GLN C 509 -21.54 36.98 -26.67
CA GLN C 509 -21.17 37.95 -25.65
C GLN C 509 -19.68 37.93 -25.36
N ALA C 510 -19.00 36.83 -25.68
CA ALA C 510 -17.56 36.73 -25.46
C ALA C 510 -16.90 36.24 -26.74
N ASP C 511 -15.77 36.88 -27.08
CA ASP C 511 -14.98 36.50 -28.25
C ASP C 511 -13.82 35.59 -27.90
N MET C 512 -13.10 35.90 -26.83
CA MET C 512 -11.97 35.09 -26.38
C MET C 512 -12.25 34.58 -24.97
N ILE C 513 -11.90 33.33 -24.73
CA ILE C 513 -12.04 32.71 -23.41
C ILE C 513 -10.65 32.51 -22.83
N VAL C 514 -10.43 33.07 -21.63
CA VAL C 514 -9.15 32.95 -20.95
C VAL C 514 -9.41 32.55 -19.51
N ALA C 515 -9.36 31.25 -19.25
CA ALA C 515 -9.62 30.70 -17.92
C ALA C 515 -9.10 29.28 -17.88
N PRO C 516 -8.81 28.75 -16.70
CA PRO C 516 -8.36 27.36 -16.61
C PRO C 516 -9.49 26.39 -16.92
N LEU C 517 -9.98 26.41 -18.16
CA LEU C 517 -11.06 25.55 -18.58
C LEU C 517 -10.51 24.24 -19.10
N THR C 518 -10.84 23.15 -18.42
CA THR C 518 -10.35 21.83 -18.81
C THR C 518 -10.95 21.41 -20.15
N ILE C 519 -10.12 20.80 -21.00
CA ILE C 519 -10.58 20.33 -22.29
C ILE C 519 -11.44 19.09 -22.09
N ASN C 520 -12.59 19.05 -22.75
CA ASN C 520 -13.53 17.96 -22.58
C ASN C 520 -14.31 17.75 -23.87
N ASN C 521 -14.91 16.57 -24.00
CA ASN C 521 -15.67 16.24 -25.21
C ASN C 521 -16.85 17.18 -25.38
N GLU C 522 -17.69 17.30 -24.34
CA GLU C 522 -18.84 18.18 -24.42
C GLU C 522 -18.41 19.63 -24.59
N ARG C 523 -17.24 19.97 -24.06
CA ARG C 523 -16.69 21.31 -24.24
C ARG C 523 -16.11 21.51 -25.63
N ALA C 524 -15.51 20.47 -26.21
CA ALA C 524 -14.90 20.59 -27.53
C ALA C 524 -15.91 20.49 -28.67
N GLN C 525 -17.10 19.96 -28.41
CA GLN C 525 -18.10 19.87 -29.47
C GLN C 525 -18.58 21.25 -29.90
N TYR C 526 -18.78 22.15 -28.93
CA TYR C 526 -19.37 23.45 -29.22
C TYR C 526 -18.34 24.51 -29.55
N ILE C 527 -17.13 24.41 -28.98
CA ILE C 527 -16.04 25.32 -29.31
C ILE C 527 -14.78 24.50 -29.55
N GLU C 528 -13.85 25.08 -30.30
CA GLU C 528 -12.58 24.43 -30.62
C GLU C 528 -11.52 24.96 -29.67
N PHE C 529 -10.89 24.05 -28.92
CA PHE C 529 -9.83 24.41 -28.00
C PHE C 529 -8.50 24.50 -28.73
N SER C 530 -7.64 25.38 -28.25
CA SER C 530 -6.29 25.49 -28.77
C SER C 530 -5.42 24.42 -28.12
N LYS C 531 -4.11 24.48 -28.35
CA LYS C 531 -3.21 23.57 -27.66
C LYS C 531 -3.18 23.91 -26.17
N PRO C 532 -3.02 22.90 -25.31
CA PRO C 532 -2.99 23.16 -23.86
C PRO C 532 -1.76 23.97 -23.48
N PHE C 533 -1.99 25.09 -22.80
CA PHE C 533 -0.89 25.92 -22.32
C PHE C 533 -0.38 25.49 -20.96
N LYS C 534 -1.09 24.58 -20.28
CA LYS C 534 -0.60 24.00 -19.02
C LYS C 534 -1.29 22.65 -18.86
N TYR C 535 -0.52 21.58 -19.03
CA TYR C 535 -1.06 20.23 -18.90
C TYR C 535 -1.17 19.87 -17.42
N GLN C 536 -2.31 19.31 -17.03
CA GLN C 536 -2.53 18.98 -15.63
C GLN C 536 -3.58 17.88 -15.55
N GLY C 537 -3.73 17.33 -14.34
CA GLY C 537 -4.74 16.31 -14.10
C GLY C 537 -5.43 16.55 -12.78
N LEU C 538 -6.57 15.88 -12.61
CA LEU C 538 -7.33 16.01 -11.38
C LEU C 538 -6.59 15.37 -10.22
N THR C 539 -6.68 16.00 -9.05
CA THR C 539 -6.06 15.51 -7.84
C THR C 539 -7.00 15.72 -6.66
N ILE C 540 -6.60 15.16 -5.52
CA ILE C 540 -7.41 15.12 -4.31
C ILE C 540 -6.66 15.86 -3.21
N LEU C 541 -7.35 16.79 -2.56
CA LEU C 541 -6.85 17.54 -1.42
C LEU C 541 -7.54 17.03 -0.16
N VAL C 542 -6.76 16.62 0.83
CA VAL C 542 -7.29 16.09 2.07
C VAL C 542 -7.24 17.16 3.14
N LYS C 543 -7.94 16.93 4.25
CA LYS C 543 -8.03 17.93 5.30
C LYS C 543 -6.71 18.07 6.05
N LYS C 544 -6.26 16.99 6.70
CA LYS C 544 -5.00 16.95 7.44
C LYS C 544 -5.00 17.94 8.60
N GLU C 545 -6.12 18.63 8.82
CA GLU C 545 -6.21 19.53 9.97
C GLU C 545 -6.06 18.76 11.27
N ILE C 546 -6.71 17.60 11.36
CA ILE C 546 -6.53 16.67 12.47
C ILE C 546 -6.23 15.30 11.89
N PRO C 547 -5.00 14.80 12.01
CA PRO C 547 -4.72 13.42 11.62
C PRO C 547 -5.22 12.38 12.61
N ARG C 548 -5.99 12.78 13.63
CA ARG C 548 -6.64 11.89 14.59
C ARG C 548 -5.64 11.07 15.39
N SER C 549 -4.39 11.53 15.47
CA SER C 549 -3.38 10.97 16.35
C SER C 549 -2.64 12.09 17.04
N THR C 550 -3.40 13.07 17.55
CA THR C 550 -2.82 14.28 18.10
C THR C 550 -2.67 14.14 19.61
N LEU C 551 -1.43 14.07 20.06
CA LEU C 551 -1.09 14.11 21.47
C LEU C 551 -1.40 15.49 22.00
N ASP C 552 -2.57 15.65 22.58
CA ASP C 552 -2.88 16.85 23.34
C ASP C 552 -2.58 16.71 24.82
N SER C 553 -2.09 15.54 25.24
CA SER C 553 -1.55 15.41 26.58
C SER C 553 -0.55 14.26 26.58
N PHE C 554 0.36 14.29 27.52
CA PHE C 554 1.33 13.22 27.64
C PHE C 554 0.81 12.08 28.48
N MET C 555 -0.37 12.23 29.06
CA MET C 555 -1.03 11.17 29.79
C MET C 555 -1.84 10.29 28.88
N GLN C 556 -1.84 10.56 27.60
CA GLN C 556 -2.61 9.75 26.66
C GLN C 556 -2.16 8.30 26.58
N PRO C 557 -0.88 7.98 26.41
CA PRO C 557 -0.50 6.59 26.22
C PRO C 557 -1.12 5.56 27.15
N PHE C 558 -1.60 5.98 28.32
CA PHE C 558 -2.28 5.11 29.26
C PHE C 558 -3.68 5.65 29.52
N GLN C 559 -4.62 4.77 29.77
CA GLN C 559 -5.98 5.23 30.00
C GLN C 559 -6.20 5.45 31.48
N SER C 560 -7.09 6.37 31.80
CA SER C 560 -7.07 7.01 33.11
C SER C 560 -7.43 6.06 34.24
N THR C 561 -7.95 4.89 33.95
CA THR C 561 -8.08 3.87 34.98
C THR C 561 -6.92 2.90 35.00
N LEU C 562 -5.83 3.21 34.30
CA LEU C 562 -4.56 2.56 34.49
C LEU C 562 -3.53 3.47 35.11
N TRP C 563 -3.64 4.78 34.92
CA TRP C 563 -2.80 5.68 35.70
C TRP C 563 -3.13 5.56 37.17
N LEU C 564 -4.41 5.50 37.51
CA LEU C 564 -4.78 5.35 38.91
C LEU C 564 -4.27 4.05 39.47
N LEU C 565 -4.43 2.97 38.73
CA LEU C 565 -4.05 1.67 39.23
C LEU C 565 -2.54 1.44 39.19
N VAL C 566 -1.78 2.31 38.54
CA VAL C 566 -0.33 2.30 38.68
C VAL C 566 0.11 3.15 39.85
N GLY C 567 -0.58 4.26 40.07
CA GLY C 567 -0.32 5.14 41.19
C GLY C 567 -0.95 4.72 42.49
N LEU C 568 -1.79 3.68 42.46
CA LEU C 568 -2.27 3.02 43.66
C LEU C 568 -1.46 1.79 43.98
N SER C 569 -0.97 1.11 42.97
CA SER C 569 -0.12 -0.06 43.19
C SER C 569 1.27 0.30 43.64
N VAL C 570 1.56 1.57 43.82
CA VAL C 570 2.84 1.98 44.41
C VAL C 570 2.75 1.96 45.92
N HIS C 571 1.68 2.54 46.46
CA HIS C 571 1.49 2.59 47.90
C HIS C 571 1.26 1.21 48.48
N VAL C 572 0.54 0.35 47.79
CA VAL C 572 0.31 -0.99 48.29
C VAL C 572 1.62 -1.75 48.41
N VAL C 573 2.45 -1.68 47.37
CA VAL C 573 3.73 -2.38 47.45
C VAL C 573 4.67 -1.72 48.43
N ALA C 574 4.58 -0.41 48.64
CA ALA C 574 5.41 0.20 49.67
C ALA C 574 5.02 -0.30 51.05
N VAL C 575 3.72 -0.28 51.36
CA VAL C 575 3.26 -0.71 52.68
C VAL C 575 3.31 -2.21 52.84
N MET C 576 3.67 -2.95 51.80
CA MET C 576 4.11 -4.31 52.10
C MET C 576 5.61 -4.48 52.17
N LEU C 577 6.41 -3.67 51.49
CA LEU C 577 7.84 -3.76 51.73
C LEU C 577 8.13 -3.43 53.18
N TYR C 578 7.47 -2.41 53.69
CA TYR C 578 7.71 -2.00 55.06
C TYR C 578 7.29 -3.08 56.04
N LEU C 579 6.15 -3.72 55.81
CA LEU C 579 5.67 -4.71 56.77
C LEU C 579 6.43 -6.02 56.66
N LEU C 580 6.81 -6.44 55.45
CA LEU C 580 7.62 -7.64 55.36
C LEU C 580 9.00 -7.42 55.93
N ASP C 581 9.47 -6.17 56.00
CA ASP C 581 10.77 -5.95 56.63
C ASP C 581 10.65 -5.77 58.13
N ARG C 582 9.59 -5.12 58.59
CA ARG C 582 9.45 -4.83 60.00
C ARG C 582 9.26 -6.10 60.81
N PHE C 583 8.49 -7.04 60.30
CA PHE C 583 8.09 -8.22 61.07
C PHE C 583 8.72 -9.50 60.56
N SER C 584 10.00 -9.49 60.23
CA SER C 584 10.63 -10.73 59.82
C SER C 584 11.57 -11.25 60.90
N THR C 602 12.18 1.24 56.93
CA THR C 602 11.22 2.17 57.51
C THR C 602 10.18 2.62 56.49
N LEU C 603 9.12 3.27 56.95
CA LEU C 603 7.99 3.53 56.06
C LEU C 603 8.33 4.61 55.04
N SER C 604 8.97 5.69 55.46
CA SER C 604 9.35 6.70 54.49
C SER C 604 10.34 6.14 53.48
N SER C 605 11.31 5.37 53.94
CA SER C 605 12.31 4.82 53.03
C SER C 605 11.88 3.54 52.36
N ALA C 606 10.67 3.06 52.62
CA ALA C 606 10.07 2.07 51.77
C ALA C 606 9.26 2.73 50.68
N MET C 607 8.51 3.76 51.06
CA MET C 607 7.73 4.53 50.10
C MET C 607 8.62 5.26 49.13
N TRP C 608 9.89 5.49 49.46
CA TRP C 608 10.84 6.10 48.53
C TRP C 608 11.47 5.09 47.58
N PHE C 609 11.80 3.91 48.06
CA PHE C 609 12.19 2.85 47.14
C PHE C 609 11.09 2.61 46.13
N SER C 610 9.86 2.55 46.61
CA SER C 610 8.74 2.16 45.76
C SER C 610 8.58 3.12 44.59
N TRP C 611 8.71 4.41 44.83
CA TRP C 611 8.62 5.38 43.76
C TRP C 611 9.90 5.42 42.94
N GLY C 612 11.00 5.79 43.55
CA GLY C 612 12.23 5.93 42.81
C GLY C 612 12.69 4.69 42.08
N VAL C 613 11.97 3.59 42.17
CA VAL C 613 12.19 2.51 41.21
C VAL C 613 11.30 2.67 39.99
N LEU C 614 10.13 3.28 40.13
CA LEU C 614 9.24 3.47 39.01
C LEU C 614 9.78 4.55 38.08
N LEU C 615 9.88 5.78 38.59
CA LEU C 615 10.29 6.92 37.80
C LEU C 615 11.72 6.84 37.34
N ASN C 616 12.48 5.88 37.84
CA ASN C 616 13.91 5.80 37.61
C ASN C 616 14.63 7.04 38.11
N SER C 617 14.14 7.65 39.18
CA SER C 617 14.81 8.79 39.74
C SER C 617 15.98 8.42 40.60
N GLY C 618 16.15 7.14 40.91
CA GLY C 618 17.31 6.73 41.68
C GLY C 618 17.42 7.44 43.01
N ILE C 619 16.31 7.84 43.58
CA ILE C 619 16.30 8.60 44.81
C ILE C 619 15.81 7.70 45.92
N GLY C 620 16.38 7.85 47.09
CA GLY C 620 16.09 6.91 48.15
C GLY C 620 16.96 5.70 47.94
N GLU C 621 17.96 5.53 48.80
CA GLU C 621 18.89 4.42 48.66
C GLU C 621 18.53 3.25 49.55
N GLY C 622 17.40 3.30 50.26
CA GLY C 622 16.97 2.17 51.06
C GLY C 622 16.59 1.01 50.17
N ALA C 623 17.14 -0.15 50.45
CA ALA C 623 16.78 -1.36 49.74
C ALA C 623 16.13 -2.33 50.70
N PRO C 624 15.13 -3.09 50.27
CA PRO C 624 14.47 -4.02 51.18
C PRO C 624 15.48 -4.97 51.77
N ARG C 625 15.38 -5.18 53.07
CA ARG C 625 16.41 -5.89 53.80
C ARG C 625 16.14 -7.38 53.86
N SER C 626 14.94 -7.76 54.28
CA SER C 626 14.60 -9.13 54.58
C SER C 626 14.27 -9.93 53.33
N PHE C 627 14.55 -11.23 53.36
CA PHE C 627 14.40 -12.06 52.17
C PHE C 627 12.97 -12.07 51.64
N SER C 628 11.97 -11.90 52.50
CA SER C 628 10.63 -11.83 51.99
C SER C 628 10.45 -10.62 51.11
N ALA C 629 10.97 -9.47 51.52
CA ALA C 629 10.74 -8.23 50.82
C ALA C 629 11.69 -8.00 49.67
N ARG C 630 12.77 -8.76 49.57
CA ARG C 630 13.57 -8.64 48.36
C ARG C 630 12.90 -9.29 47.17
N ILE C 631 12.13 -10.35 47.37
CA ILE C 631 11.36 -10.92 46.27
C ILE C 631 10.33 -9.93 45.76
N LEU C 632 9.60 -9.30 46.67
CA LEU C 632 8.61 -8.34 46.25
C LEU C 632 9.25 -7.10 45.64
N GLY C 633 10.40 -6.67 46.16
CA GLY C 633 11.10 -5.56 45.53
C GLY C 633 11.65 -5.90 44.15
N MET C 634 12.17 -7.12 43.97
CA MET C 634 12.61 -7.55 42.66
C MET C 634 11.45 -7.53 41.66
N VAL C 635 10.33 -8.11 42.05
CA VAL C 635 9.22 -8.15 41.10
C VAL C 635 8.64 -6.77 40.91
N TRP C 636 8.73 -5.90 41.89
CA TRP C 636 8.28 -4.53 41.66
C TRP C 636 9.22 -3.79 40.73
N ALA C 637 10.50 -4.13 40.73
CA ALA C 637 11.38 -3.56 39.71
C ALA C 637 10.98 -4.05 38.33
N GLY C 638 10.64 -5.33 38.21
CA GLY C 638 10.17 -5.82 36.93
C GLY C 638 8.89 -5.16 36.47
N PHE C 639 7.95 -4.99 37.38
CA PHE C 639 6.72 -4.30 37.06
C PHE C 639 6.97 -2.86 36.66
N ALA C 640 7.88 -2.18 37.36
CA ALA C 640 8.19 -0.81 36.99
C ALA C 640 8.79 -0.72 35.61
N MET C 641 9.70 -1.65 35.25
CA MET C 641 10.25 -1.61 33.91
C MET C 641 9.19 -1.85 32.86
N ILE C 642 8.30 -2.82 33.07
CA ILE C 642 7.32 -3.10 32.02
C ILE C 642 6.33 -1.96 31.91
N ILE C 643 5.96 -1.33 33.03
CA ILE C 643 5.05 -0.20 32.96
C ILE C 643 5.67 0.95 32.21
N VAL C 644 6.90 1.33 32.56
CA VAL C 644 7.52 2.48 31.91
C VAL C 644 7.84 2.18 30.46
N ALA C 645 8.28 0.97 30.15
CA ALA C 645 8.54 0.62 28.76
C ALA C 645 7.28 0.54 27.93
N SER C 646 6.14 0.21 28.53
CA SER C 646 4.89 0.28 27.77
C SER C 646 4.45 1.70 27.56
N TYR C 647 4.62 2.57 28.55
CA TYR C 647 4.35 3.99 28.31
C TYR C 647 5.22 4.51 27.18
N THR C 648 6.51 4.20 27.21
CA THR C 648 7.42 4.70 26.19
C THR C 648 7.08 4.16 24.81
N ALA C 649 6.87 2.85 24.70
CA ALA C 649 6.60 2.27 23.40
C ALA C 649 5.27 2.75 22.85
N ASN C 650 4.30 3.00 23.71
CA ASN C 650 3.02 3.49 23.23
C ASN C 650 3.05 4.96 22.89
N LEU C 651 3.82 5.76 23.62
CA LEU C 651 4.05 7.12 23.19
C LEU C 651 4.70 7.15 21.82
N ALA C 652 5.72 6.32 21.61
CA ALA C 652 6.35 6.24 20.29
C ALA C 652 5.33 5.89 19.22
N ALA C 653 4.55 4.84 19.42
CA ALA C 653 3.54 4.49 18.43
C ALA C 653 2.53 5.61 18.21
N PHE C 654 2.35 6.51 19.17
CA PHE C 654 1.55 7.70 18.93
C PHE C 654 2.30 8.75 18.11
N LEU C 655 3.60 8.93 18.36
CA LEU C 655 4.39 9.95 17.69
C LEU C 655 4.92 9.51 16.34
N VAL C 656 5.04 8.21 16.12
CA VAL C 656 5.64 7.67 14.92
C VAL C 656 4.48 7.51 13.95
N LEU C 657 3.46 8.36 14.13
CA LEU C 657 2.31 8.33 13.26
C LEU C 657 2.66 8.97 11.94
N ASP C 658 3.64 8.40 11.25
CA ASP C 658 3.91 8.74 9.86
C ASP C 658 3.00 7.98 8.91
N ARG C 659 2.53 6.80 9.32
CA ARG C 659 1.63 6.01 8.49
C ARG C 659 0.35 6.75 8.08
N PRO C 660 -0.33 7.50 8.94
CA PRO C 660 -1.55 8.21 8.50
C PRO C 660 -1.33 9.14 7.31
N GLU C 661 -0.08 9.36 6.87
CA GLU C 661 0.15 10.01 5.59
C GLU C 661 -0.41 9.20 4.43
N GLU C 662 -0.60 7.90 4.63
CA GLU C 662 -1.27 7.06 3.64
C GLU C 662 -2.77 7.31 3.70
N ARG C 663 -3.32 7.85 2.62
CA ARG C 663 -4.72 8.26 2.58
C ARG C 663 -5.27 7.85 1.22
N ILE C 664 -6.41 8.44 0.84
CA ILE C 664 -7.05 8.12 -0.44
C ILE C 664 -6.03 8.20 -1.56
N THR C 665 -5.90 7.12 -2.32
CA THR C 665 -4.93 7.03 -3.42
C THR C 665 -5.72 7.09 -4.73
N GLY C 666 -5.96 8.31 -5.20
CA GLY C 666 -6.59 8.50 -6.48
C GLY C 666 -8.07 8.10 -6.49
N ILE C 667 -8.60 8.01 -7.71
CA ILE C 667 -9.98 7.58 -7.88
C ILE C 667 -10.15 6.13 -7.45
N ASN C 668 -9.09 5.33 -7.57
CA ASN C 668 -9.15 3.91 -7.24
C ASN C 668 -9.11 3.77 -5.73
N ASP C 669 -10.29 3.91 -5.10
CA ASP C 669 -10.39 3.75 -3.67
C ASP C 669 -11.76 3.16 -3.36
N PRO C 670 -11.81 2.06 -2.59
CA PRO C 670 -13.11 1.48 -2.25
C PRO C 670 -14.02 2.43 -1.49
N ARG C 671 -13.48 3.32 -0.66
CA ARG C 671 -14.32 4.27 0.05
C ARG C 671 -14.93 5.31 -0.88
N LEU C 672 -14.32 5.55 -2.05
CA LEU C 672 -14.94 6.43 -3.04
C LEU C 672 -16.05 5.73 -3.80
N ARG C 673 -15.99 4.40 -3.93
CA ARG C 673 -17.03 3.69 -4.65
C ARG C 673 -18.38 3.84 -3.96
N ASN C 674 -18.40 3.75 -2.64
CA ASN C 674 -19.64 3.78 -1.89
C ASN C 674 -19.72 5.00 -0.97
N PRO C 675 -20.85 5.70 -0.95
CA PRO C 675 -21.02 6.79 0.02
C PRO C 675 -21.08 6.26 1.44
N SER C 676 -20.69 7.11 2.38
CA SER C 676 -20.76 6.77 3.79
C SER C 676 -21.02 8.04 4.60
N ASP C 677 -21.50 7.83 5.83
CA ASP C 677 -21.80 8.98 6.69
C ASP C 677 -20.55 9.76 7.05
N LYS C 678 -19.47 9.06 7.39
CA LYS C 678 -18.23 9.75 7.76
C LYS C 678 -17.60 10.45 6.56
N PHE C 679 -17.46 9.73 5.46
CA PHE C 679 -16.71 10.23 4.31
C PHE C 679 -17.63 11.06 3.42
N ILE C 680 -17.29 12.32 3.23
CA ILE C 680 -18.00 13.22 2.34
C ILE C 680 -16.98 13.91 1.44
N TYR C 681 -17.31 13.99 0.15
CA TYR C 681 -16.44 14.61 -0.83
C TYR C 681 -17.30 15.15 -1.96
N ALA C 682 -16.85 16.24 -2.57
CA ALA C 682 -17.63 16.88 -3.62
C ALA C 682 -16.71 17.79 -4.43
N THR C 683 -17.29 18.47 -5.40
CA THR C 683 -16.58 19.40 -6.27
C THR C 683 -17.46 20.63 -6.50
N VAL C 684 -17.09 21.43 -7.49
CA VAL C 684 -17.84 22.64 -7.81
C VAL C 684 -19.02 22.29 -8.71
N LYS C 685 -20.16 22.93 -8.45
CA LYS C 685 -21.34 22.72 -9.28
C LYS C 685 -21.05 23.11 -10.72
N GLN C 686 -21.60 22.31 -11.65
CA GLN C 686 -21.50 22.57 -13.09
C GLN C 686 -20.05 22.80 -13.51
N SER C 687 -19.20 21.86 -13.14
CA SER C 687 -17.77 21.93 -13.44
C SER C 687 -17.35 20.69 -14.22
N SER C 688 -16.09 20.66 -14.62
CA SER C 688 -15.57 19.55 -15.41
C SER C 688 -15.63 18.25 -14.62
N VAL C 689 -15.37 18.32 -13.31
CA VAL C 689 -15.36 17.10 -12.51
C VAL C 689 -16.75 16.49 -12.42
N ASP C 690 -17.80 17.33 -12.40
CA ASP C 690 -19.16 16.81 -12.41
C ASP C 690 -19.42 16.01 -13.70
N ILE C 691 -18.99 16.54 -14.83
CA ILE C 691 -19.14 15.82 -16.09
C ILE C 691 -18.37 14.50 -16.02
N TYR C 692 -17.13 14.54 -15.51
CA TYR C 692 -16.34 13.33 -15.40
C TYR C 692 -17.02 12.31 -14.50
N PHE C 693 -17.69 12.78 -13.44
CA PHE C 693 -18.45 11.88 -12.59
C PHE C 693 -19.59 11.22 -13.37
N ARG C 694 -20.32 12.01 -14.16
CA ARG C 694 -21.37 11.41 -14.97
C ARG C 694 -20.83 10.76 -16.25
N ARG C 695 -19.59 11.06 -16.63
CA ARG C 695 -18.97 10.45 -17.79
C ARG C 695 -18.27 9.14 -17.45
N GLN C 696 -18.24 8.74 -16.19
CA GLN C 696 -17.60 7.52 -15.75
C GLN C 696 -18.64 6.45 -15.49
N VAL C 697 -18.33 5.22 -15.91
CA VAL C 697 -19.31 4.14 -15.85
C VAL C 697 -19.66 3.80 -14.40
N GLU C 698 -18.64 3.58 -13.58
CA GLU C 698 -18.88 3.20 -12.19
C GLU C 698 -19.29 4.38 -11.32
N LEU C 699 -18.96 5.60 -11.73
CA LEU C 699 -19.16 6.77 -10.88
C LEU C 699 -20.61 7.27 -10.87
N SER C 700 -21.50 6.65 -11.64
CA SER C 700 -22.90 7.02 -11.56
C SER C 700 -23.58 6.50 -10.30
N THR C 701 -23.01 5.46 -9.66
CA THR C 701 -23.67 4.86 -8.51
C THR C 701 -23.65 5.79 -7.31
N MET C 702 -22.49 6.36 -6.99
CA MET C 702 -22.39 7.27 -5.86
C MET C 702 -22.59 8.73 -6.26
N TYR C 703 -22.95 8.98 -7.51
CA TYR C 703 -23.22 10.34 -7.97
C TYR C 703 -24.34 10.99 -7.18
N ARG C 704 -25.17 10.18 -6.52
CA ARG C 704 -26.19 10.72 -5.62
C ARG C 704 -25.56 11.54 -4.50
N HIS C 705 -24.43 11.07 -3.96
CA HIS C 705 -23.84 11.66 -2.77
C HIS C 705 -23.41 13.11 -2.96
N MET C 706 -22.39 13.36 -3.79
CA MET C 706 -21.85 14.71 -3.87
C MET C 706 -22.83 15.69 -4.47
N GLU C 707 -23.92 15.21 -5.07
CA GLU C 707 -24.96 16.10 -5.55
C GLU C 707 -25.52 16.96 -4.41
N LYS C 708 -25.52 16.44 -3.19
CA LYS C 708 -25.96 17.24 -2.05
C LYS C 708 -24.81 17.93 -1.32
N HIS C 709 -23.56 17.64 -1.69
CA HIS C 709 -22.40 18.26 -1.06
C HIS C 709 -21.61 19.17 -1.99
N ASN C 710 -21.93 19.20 -3.27
CA ASN C 710 -21.17 20.03 -4.21
C ASN C 710 -21.31 21.51 -3.89
N TYR C 711 -20.23 22.25 -4.12
CA TYR C 711 -20.16 23.66 -3.77
C TYR C 711 -20.32 24.53 -5.02
N GLU C 712 -20.66 25.80 -4.78
CA GLU C 712 -20.84 26.75 -5.87
C GLU C 712 -19.52 27.14 -6.50
N SER C 713 -18.44 27.18 -5.71
CA SER C 713 -17.13 27.56 -6.21
C SER C 713 -16.07 26.83 -5.40
N ALA C 714 -14.86 26.78 -5.96
CA ALA C 714 -13.78 26.05 -5.31
C ALA C 714 -13.24 26.77 -4.09
N ALA C 715 -13.40 28.10 -4.01
CA ALA C 715 -12.85 28.83 -2.88
C ALA C 715 -13.48 28.38 -1.56
N GLU C 716 -14.82 28.39 -1.49
CA GLU C 716 -15.48 27.95 -0.27
C GLU C 716 -15.35 26.45 -0.07
N ALA C 717 -15.17 25.68 -1.14
CA ALA C 717 -14.90 24.26 -0.98
C ALA C 717 -13.58 24.04 -0.25
N ILE C 718 -12.53 24.77 -0.63
CA ILE C 718 -11.25 24.65 0.04
C ILE C 718 -11.33 25.18 1.46
N GLN C 719 -12.11 26.23 1.68
CA GLN C 719 -12.33 26.70 3.05
C GLN C 719 -12.98 25.60 3.89
N ALA C 720 -13.93 24.88 3.31
CA ALA C 720 -14.56 23.77 4.02
C ALA C 720 -13.55 22.66 4.30
N VAL C 721 -12.66 22.39 3.35
CA VAL C 721 -11.63 21.37 3.57
C VAL C 721 -10.72 21.78 4.72
N ARG C 722 -10.36 23.06 4.79
CA ARG C 722 -9.51 23.53 5.87
C ARG C 722 -10.15 23.30 7.23
N ASP C 723 -11.43 23.62 7.35
CA ASP C 723 -12.17 23.35 8.58
C ASP C 723 -12.66 21.91 8.57
N ASN C 724 -13.41 21.54 9.61
CA ASN C 724 -13.97 20.19 9.69
C ASN C 724 -15.34 20.12 9.04
N LYS C 725 -15.42 20.57 7.80
CA LYS C 725 -16.66 20.54 7.02
C LYS C 725 -16.58 19.69 5.77
N LEU C 726 -15.41 19.58 5.16
CA LEU C 726 -15.19 18.68 4.04
C LEU C 726 -13.90 17.90 4.29
N HIS C 727 -13.95 16.60 4.02
CA HIS C 727 -12.77 15.75 4.26
C HIS C 727 -11.87 15.68 3.03
N ALA C 728 -12.42 15.30 1.89
CA ALA C 728 -11.66 15.18 0.66
C ALA C 728 -12.28 16.05 -0.43
N PHE C 729 -11.43 16.69 -1.22
CA PHE C 729 -11.87 17.54 -2.32
C PHE C 729 -11.13 17.11 -3.58
N ILE C 730 -11.80 17.27 -4.73
CA ILE C 730 -11.23 16.90 -6.02
C ILE C 730 -11.22 18.13 -6.91
N TRP C 731 -10.08 18.43 -7.50
CA TRP C 731 -9.99 19.58 -8.40
C TRP C 731 -8.69 19.49 -9.20
N ASP C 732 -8.48 20.47 -10.08
CA ASP C 732 -7.29 20.49 -10.91
C ASP C 732 -6.04 20.60 -10.05
N SER C 733 -4.98 19.94 -10.49
CA SER C 733 -3.74 19.93 -9.72
C SER C 733 -3.13 21.32 -9.63
N ALA C 734 -3.25 22.10 -10.70
CA ALA C 734 -2.65 23.43 -10.73
C ALA C 734 -3.25 24.35 -9.69
N VAL C 735 -4.41 24.01 -9.14
CA VAL C 735 -5.06 24.80 -8.11
C VAL C 735 -4.84 24.21 -6.72
N LEU C 736 -5.12 22.92 -6.56
CA LEU C 736 -4.99 22.29 -5.26
C LEU C 736 -3.53 22.25 -4.81
N GLU C 737 -2.60 22.01 -5.73
CA GLU C 737 -1.19 22.02 -5.37
C GLU C 737 -0.77 23.40 -4.87
N PHE C 738 -1.19 24.46 -5.54
CA PHE C 738 -0.86 25.80 -5.08
C PHE C 738 -1.45 26.07 -3.71
N GLU C 739 -2.70 25.69 -3.50
CA GLU C 739 -3.33 25.91 -2.21
C GLU C 739 -2.62 25.13 -1.11
N ALA C 740 -2.19 23.90 -1.40
CA ALA C 740 -1.45 23.12 -0.43
C ALA C 740 -0.05 23.68 -0.20
N SER C 741 0.50 24.39 -1.17
CA SER C 741 1.79 25.04 -0.96
C SER C 741 1.66 26.30 -0.10
N GLN C 742 0.55 27.01 -0.21
CA GLN C 742 0.37 28.21 0.58
C GLN C 742 0.03 27.90 2.04
N LYS C 743 -0.70 26.82 2.30
CA LYS C 743 -1.15 26.49 3.64
C LYS C 743 -0.64 25.11 4.04
N CYS C 744 -0.02 25.02 5.22
CA CYS C 744 0.54 23.77 5.69
C CYS C 744 -0.53 22.78 6.15
N ASP C 745 -1.72 23.25 6.48
CA ASP C 745 -2.74 22.35 7.01
C ASP C 745 -3.30 21.44 5.92
N LEU C 746 -3.27 21.88 4.67
CA LEU C 746 -3.84 21.13 3.56
C LEU C 746 -2.74 20.55 2.69
N VAL C 747 -2.84 19.26 2.38
CA VAL C 747 -1.97 18.63 1.41
C VAL C 747 -2.82 17.78 0.47
N THR C 748 -2.23 17.44 -0.67
CA THR C 748 -2.89 16.64 -1.69
C THR C 748 -2.26 15.25 -1.75
N THR C 749 -3.08 14.28 -2.12
CA THR C 749 -2.63 12.90 -2.24
C THR C 749 -3.39 12.21 -3.36
N GLY C 750 -2.81 11.13 -3.85
CA GLY C 750 -3.42 10.35 -4.90
C GLY C 750 -2.83 10.67 -6.26
N GLU C 751 -2.84 9.68 -7.15
CA GLU C 751 -2.33 9.86 -8.49
C GLU C 751 -3.21 10.85 -9.26
N LEU C 752 -2.60 11.55 -10.20
CA LEU C 752 -3.30 12.56 -10.99
C LEU C 752 -4.07 11.85 -12.09
N PHE C 753 -5.33 11.57 -11.83
CA PHE C 753 -6.20 10.95 -12.82
C PHE C 753 -6.82 12.03 -13.71
N PHE C 754 -7.27 11.60 -14.90
CA PHE C 754 -7.85 12.50 -15.89
C PHE C 754 -6.84 13.61 -16.25
N ARG C 755 -5.74 13.18 -16.85
CA ARG C 755 -4.64 14.09 -17.18
C ARG C 755 -5.01 14.91 -18.42
N SER C 756 -5.96 15.82 -18.22
CA SER C 756 -6.45 16.69 -19.28
C SER C 756 -6.10 18.12 -18.91
N GLY C 757 -5.31 18.78 -19.76
CA GLY C 757 -4.86 20.13 -19.48
C GLY C 757 -5.93 21.16 -19.73
N PHE C 758 -5.55 22.42 -19.50
CA PHE C 758 -6.41 23.54 -19.83
C PHE C 758 -6.29 23.86 -21.32
N GLY C 759 -6.96 24.92 -21.75
CA GLY C 759 -6.88 25.32 -23.14
C GLY C 759 -7.71 26.56 -23.38
N ILE C 760 -7.54 27.11 -24.58
CA ILE C 760 -8.26 28.29 -25.02
C ILE C 760 -9.25 27.86 -26.09
N GLY C 761 -10.53 27.84 -25.75
CA GLY C 761 -11.55 27.52 -26.74
C GLY C 761 -11.73 28.64 -27.74
N MET C 762 -12.16 28.26 -28.94
CA MET C 762 -12.40 29.21 -30.01
C MET C 762 -13.72 28.90 -30.68
N ARG C 763 -14.32 29.93 -31.27
CA ARG C 763 -15.56 29.73 -32.01
C ARG C 763 -15.28 29.00 -33.32
N LYS C 764 -16.35 28.42 -33.87
CA LYS C 764 -16.20 27.59 -35.07
C LYS C 764 -15.71 28.41 -36.25
N ASP C 765 -16.23 29.63 -36.41
CA ASP C 765 -15.90 30.48 -37.55
C ASP C 765 -14.91 31.59 -37.20
N SER C 766 -14.42 31.64 -35.98
CA SER C 766 -13.47 32.68 -35.61
C SER C 766 -12.14 32.42 -36.31
N PRO C 767 -11.57 33.40 -37.03
CA PRO C 767 -10.34 33.18 -37.78
C PRO C 767 -9.09 33.47 -36.95
N TRP C 768 -8.96 32.79 -35.81
CA TRP C 768 -7.79 32.94 -34.97
C TRP C 768 -7.28 31.63 -34.39
N LYS C 769 -7.91 30.49 -34.70
CA LYS C 769 -7.53 29.23 -34.08
C LYS C 769 -6.07 28.89 -34.35
N GLN C 770 -5.69 28.88 -35.63
CA GLN C 770 -4.34 28.48 -36.01
C GLN C 770 -3.31 29.43 -35.44
N GLN C 771 -3.56 30.73 -35.53
CA GLN C 771 -2.54 31.70 -35.14
C GLN C 771 -2.41 31.78 -33.62
N VAL C 772 -3.52 31.66 -32.89
CA VAL C 772 -3.44 31.63 -31.43
C VAL C 772 -2.73 30.37 -30.96
N SER C 773 -3.01 29.24 -31.60
CA SER C 773 -2.30 28.01 -31.26
C SER C 773 -0.80 28.15 -31.50
N LEU C 774 -0.42 28.74 -32.64
CA LEU C 774 0.99 28.98 -32.88
C LEU C 774 1.59 29.93 -31.86
N SER C 775 0.81 30.94 -31.43
CA SER C 775 1.31 31.89 -30.45
C SER C 775 1.60 31.21 -29.12
N ILE C 776 0.69 30.37 -28.65
CA ILE C 776 0.92 29.71 -27.36
C ILE C 776 2.06 28.70 -27.48
N LEU C 777 2.16 28.00 -28.61
CA LEU C 777 3.30 27.10 -28.79
C LEU C 777 4.61 27.87 -28.80
N LYS C 778 4.62 29.05 -29.41
CA LYS C 778 5.81 29.90 -29.39
C LYS C 778 6.14 30.34 -27.98
N SER C 779 5.11 30.68 -27.20
CA SER C 779 5.34 31.02 -25.79
C SER C 779 5.89 29.84 -25.02
N HIS C 780 5.51 28.62 -25.40
CA HIS C 780 6.10 27.42 -24.78
C HIS C 780 7.58 27.31 -25.13
N GLU C 781 7.92 27.43 -26.41
CA GLU C 781 9.29 27.12 -26.82
C GLU C 781 10.28 28.18 -26.34
N ASN C 782 9.86 29.44 -26.23
CA ASN C 782 10.75 30.49 -25.76
C ASN C 782 10.81 30.60 -24.24
N GLY C 783 10.00 29.81 -23.54
CA GLY C 783 10.04 29.81 -22.09
C GLY C 783 9.40 31.00 -21.42
N PHE C 784 8.45 31.66 -22.08
CA PHE C 784 7.80 32.82 -21.46
C PHE C 784 6.91 32.38 -20.30
N MET C 785 6.07 31.37 -20.51
CA MET C 785 5.21 30.96 -19.41
C MET C 785 5.92 30.04 -18.42
N GLU C 786 7.12 29.56 -18.72
CA GLU C 786 7.95 29.02 -17.65
C GLU C 786 8.31 30.10 -16.65
N ASP C 787 8.68 31.28 -17.16
CA ASP C 787 8.89 32.43 -16.29
C ASP C 787 7.60 32.81 -15.59
N LEU C 788 6.46 32.69 -16.27
CA LEU C 788 5.18 32.95 -15.61
C LEU C 788 4.93 31.96 -14.48
N ASP C 789 5.27 30.69 -14.68
CA ASP C 789 5.13 29.70 -13.61
C ASP C 789 5.99 30.07 -12.41
N LYS C 790 7.24 30.45 -12.66
CA LYS C 790 8.09 30.84 -11.54
C LYS C 790 7.59 32.10 -10.85
N THR C 791 7.02 33.04 -11.62
CA THR C 791 6.55 34.29 -11.04
C THR C 791 5.26 34.10 -10.24
N TRP C 792 4.29 33.37 -10.81
CA TRP C 792 2.93 33.36 -10.29
C TRP C 792 2.73 32.26 -9.25
N VAL C 793 2.97 31.00 -9.62
CA VAL C 793 2.82 29.92 -8.67
C VAL C 793 4.11 29.12 -8.56
N ARG C 794 5.02 29.59 -7.71
CA ARG C 794 6.22 28.82 -7.37
C ARG C 794 6.65 29.06 -5.93
N TYR C 795 5.77 29.54 -5.07
CA TYR C 795 6.19 30.00 -3.74
C TYR C 795 6.77 28.86 -2.92
N GLN C 796 6.06 27.73 -2.87
CA GLN C 796 6.49 26.56 -2.10
C GLN C 796 6.79 26.96 -0.66
N GLU C 797 5.73 27.38 0.04
CA GLU C 797 5.84 27.79 1.43
C GLU C 797 5.85 26.61 2.39
N CYS C 798 5.46 25.43 1.92
CA CYS C 798 5.32 24.25 2.77
C CYS C 798 6.43 23.26 2.48
N ASP C 799 6.79 22.48 3.49
CA ASP C 799 7.85 21.49 3.33
C ASP C 799 7.36 20.31 2.50
N SER C 800 8.16 19.91 1.52
CA SER C 800 7.82 18.81 0.63
C SER C 800 8.38 17.48 1.09
N ARG C 801 9.08 17.45 2.24
CA ARG C 801 9.64 16.20 2.76
C ARG C 801 8.54 15.41 3.47
N SER C 802 7.65 14.85 2.67
CA SER C 802 6.70 13.89 3.19
C SER C 802 7.43 12.59 3.51
N ASN C 803 6.86 11.83 4.44
CA ASN C 803 7.50 10.64 5.01
C ASN C 803 8.79 10.97 5.74
N ALA C 804 9.05 12.24 6.02
CA ALA C 804 10.13 12.64 6.91
C ALA C 804 9.59 12.82 8.31
N PRO C 805 10.25 12.26 9.32
CA PRO C 805 9.71 12.34 10.67
C PRO C 805 9.66 13.78 11.15
N ALA C 806 8.62 14.09 11.92
CA ALA C 806 8.41 15.48 12.29
C ALA C 806 9.25 15.86 13.50
N THR C 807 9.33 17.17 13.73
CA THR C 807 10.06 17.74 14.85
C THR C 807 9.06 18.28 15.86
N LEU C 808 9.24 17.90 17.13
CA LEU C 808 8.28 18.21 18.17
C LEU C 808 8.48 19.65 18.63
N THR C 809 7.65 20.54 18.15
CA THR C 809 7.76 21.95 18.47
C THR C 809 7.46 22.17 19.95
N PHE C 810 7.64 23.39 20.42
CA PHE C 810 6.92 23.85 21.59
C PHE C 810 5.44 23.96 21.23
N GLU C 811 4.59 23.85 22.24
CA GLU C 811 3.15 23.61 22.12
C GLU C 811 2.90 22.20 21.64
N ASN C 812 3.96 21.47 21.31
CA ASN C 812 3.93 20.06 21.08
C ASN C 812 4.76 19.33 22.12
N MET C 813 5.37 20.07 23.04
CA MET C 813 6.02 19.58 24.24
C MET C 813 5.76 20.51 25.40
N ALA C 814 4.65 21.24 25.39
CA ALA C 814 4.37 22.23 26.43
C ALA C 814 3.87 21.60 27.71
N GLY C 815 3.31 20.40 27.63
CA GLY C 815 2.77 19.78 28.82
C GLY C 815 3.84 19.40 29.82
N VAL C 816 4.97 18.89 29.35
CA VAL C 816 6.02 18.54 30.29
C VAL C 816 6.56 19.79 30.96
N PHE C 817 6.59 20.90 30.24
CA PHE C 817 7.03 22.14 30.86
C PHE C 817 6.06 22.54 31.94
N MET C 818 4.75 22.45 31.66
CA MET C 818 3.78 22.73 32.70
C MET C 818 3.86 21.74 33.85
N LEU C 819 4.28 20.51 33.58
CA LEU C 819 4.42 19.53 34.65
C LEU C 819 5.49 19.94 35.63
N VAL C 820 6.67 20.28 35.12
CA VAL C 820 7.75 20.69 36.03
C VAL C 820 7.42 22.03 36.69
N ALA C 821 6.78 22.94 35.96
CA ALA C 821 6.36 24.20 36.58
C ALA C 821 5.38 23.96 37.72
N GLY C 822 4.38 23.11 37.49
CA GLY C 822 3.44 22.80 38.54
C GLY C 822 4.10 22.08 39.69
N GLY C 823 5.14 21.31 39.42
CA GLY C 823 5.90 20.74 40.52
C GLY C 823 6.57 21.79 41.36
N ILE C 824 7.05 22.86 40.73
CA ILE C 824 7.65 23.95 41.50
C ILE C 824 6.61 24.61 42.38
N VAL C 825 5.46 24.96 41.80
CA VAL C 825 4.48 25.69 42.60
C VAL C 825 3.92 24.81 43.70
N ALA C 826 3.81 23.51 43.47
CA ALA C 826 3.38 22.65 44.56
C ALA C 826 4.47 22.47 45.59
N GLY C 827 5.73 22.59 45.19
CA GLY C 827 6.80 22.44 46.15
C GLY C 827 6.92 23.62 47.07
N ILE C 828 6.63 24.82 46.58
CA ILE C 828 6.72 25.94 47.50
C ILE C 828 5.64 25.85 48.57
N PHE C 829 4.57 25.07 48.33
CA PHE C 829 3.60 24.80 49.37
C PHE C 829 4.06 23.66 50.27
N LEU C 830 4.59 22.61 49.67
CA LEU C 830 5.03 21.47 50.45
C LEU C 830 6.18 21.83 51.38
N ILE C 831 6.98 22.85 51.04
CA ILE C 831 8.07 23.24 51.93
C ILE C 831 7.53 23.94 53.17
N PHE C 832 6.49 24.77 53.02
CA PHE C 832 5.81 25.32 54.18
C PHE C 832 5.27 24.21 55.05
N ILE C 833 4.65 23.21 54.42
CA ILE C 833 4.11 22.09 55.19
C ILE C 833 5.21 21.36 55.94
N GLU C 834 6.36 21.16 55.29
CA GLU C 834 7.44 20.41 55.94
C GLU C 834 8.06 21.19 57.09
N ILE C 835 8.34 22.48 56.91
CA ILE C 835 8.89 23.23 58.02
C ILE C 835 7.91 23.24 59.17
N ALA C 836 6.61 23.32 58.87
CA ALA C 836 5.63 23.24 59.94
C ALA C 836 5.58 21.87 60.58
N TYR C 837 5.99 20.83 59.86
CA TYR C 837 5.84 19.48 60.39
C TYR C 837 6.65 19.27 61.66
N LYS C 838 7.89 19.72 61.67
CA LYS C 838 8.74 19.52 62.84
C LYS C 838 8.27 20.39 64.00
N ASP D 413 -33.60 -17.35 -35.16
CA ASP D 413 -33.17 -15.97 -34.91
C ASP D 413 -32.32 -15.89 -33.66
N ASP D 414 -31.44 -14.88 -33.60
CA ASP D 414 -30.53 -14.72 -32.48
C ASP D 414 -31.14 -13.90 -31.34
N HIS D 415 -32.32 -13.32 -31.52
CA HIS D 415 -32.92 -12.49 -30.49
C HIS D 415 -33.62 -13.36 -29.47
N LEU D 416 -33.08 -13.37 -28.25
CA LEU D 416 -33.67 -14.11 -27.14
C LEU D 416 -33.74 -13.19 -25.92
N SER D 417 -34.81 -13.34 -25.15
CA SER D 417 -35.05 -12.46 -24.02
C SER D 417 -34.21 -12.89 -22.83
N ILE D 418 -34.04 -11.96 -21.89
CA ILE D 418 -33.28 -12.20 -20.67
C ILE D 418 -34.16 -11.83 -19.49
N VAL D 419 -34.09 -12.63 -18.43
CA VAL D 419 -34.84 -12.38 -17.22
C VAL D 419 -33.87 -12.32 -16.05
N THR D 420 -34.24 -11.53 -15.04
CA THR D 420 -33.37 -11.28 -13.90
C THR D 420 -34.22 -10.97 -12.67
N LEU D 421 -33.57 -10.96 -11.51
CA LEU D 421 -34.22 -10.62 -10.25
C LEU D 421 -33.44 -9.49 -9.59
N GLU D 422 -34.16 -8.48 -9.11
CA GLU D 422 -33.52 -7.34 -8.46
C GLU D 422 -32.98 -7.75 -7.10
N GLU D 423 -31.70 -8.14 -7.06
CA GLU D 423 -31.09 -8.61 -5.83
C GLU D 423 -29.58 -8.56 -6.02
N ALA D 424 -28.87 -8.26 -4.92
CA ALA D 424 -27.41 -8.27 -4.86
C ALA D 424 -26.81 -7.16 -5.72
N PRO D 425 -25.53 -6.84 -5.57
CA PRO D 425 -24.93 -5.83 -6.44
C PRO D 425 -24.92 -6.21 -7.90
N PHE D 426 -25.08 -7.49 -8.23
CA PHE D 426 -25.12 -7.90 -9.62
C PHE D 426 -26.31 -7.29 -10.35
N VAL D 427 -27.42 -7.07 -9.65
CA VAL D 427 -28.64 -6.53 -10.24
C VAL D 427 -29.06 -5.33 -9.40
N ILE D 428 -28.61 -4.15 -9.79
CA ILE D 428 -28.99 -2.88 -9.18
C ILE D 428 -29.76 -2.09 -10.21
N VAL D 429 -30.96 -1.65 -9.86
CA VAL D 429 -31.88 -1.03 -10.80
C VAL D 429 -31.93 0.47 -10.54
N GLU D 430 -31.95 1.24 -11.62
CA GLU D 430 -32.09 2.69 -11.59
C GLU D 430 -33.22 3.10 -12.51
N SER D 431 -33.80 4.26 -12.25
CA SER D 431 -34.91 4.77 -13.03
C SER D 431 -34.38 5.63 -14.19
N VAL D 432 -35.30 6.27 -14.90
CA VAL D 432 -34.94 7.10 -16.05
C VAL D 432 -34.65 8.52 -15.57
N ASP D 433 -33.87 9.24 -16.36
CA ASP D 433 -33.55 10.63 -16.03
C ASP D 433 -34.80 11.49 -16.14
N PRO D 434 -35.05 12.37 -15.18
CA PRO D 434 -36.22 13.26 -15.28
C PRO D 434 -36.19 14.16 -16.50
N LEU D 435 -35.00 14.59 -16.94
CA LEU D 435 -34.90 15.46 -18.11
C LEU D 435 -34.77 14.69 -19.42
N SER D 436 -34.19 13.49 -19.39
CA SER D 436 -34.00 12.69 -20.59
C SER D 436 -35.10 11.66 -20.81
N GLY D 437 -35.62 11.06 -19.73
CA GLY D 437 -36.72 10.11 -19.84
C GLY D 437 -36.33 8.72 -20.28
N THR D 438 -35.04 8.45 -20.46
CA THR D 438 -34.56 7.14 -20.90
C THR D 438 -33.48 6.66 -19.94
N CYS D 439 -32.99 5.45 -20.19
CA CYS D 439 -31.85 4.94 -19.43
C CYS D 439 -30.61 5.75 -19.78
N MET D 440 -29.61 5.65 -18.91
CA MET D 440 -28.34 6.33 -19.14
C MET D 440 -27.62 5.66 -20.31
N ARG D 441 -26.43 6.17 -20.61
CA ARG D 441 -25.63 5.56 -21.65
C ARG D 441 -25.18 4.16 -21.20
N ASN D 442 -24.79 3.34 -22.18
CA ASN D 442 -24.26 1.99 -21.95
C ASN D 442 -25.12 1.18 -20.98
N THR D 443 -26.41 1.48 -20.93
CA THR D 443 -27.36 0.79 -20.05
C THR D 443 -28.44 0.12 -20.89
N VAL D 444 -28.44 -1.21 -20.88
CA VAL D 444 -29.51 -1.98 -21.52
C VAL D 444 -30.82 -1.76 -20.79
N PRO D 445 -31.93 -1.56 -21.49
CA PRO D 445 -33.21 -1.34 -20.81
C PRO D 445 -33.69 -2.56 -20.04
N CYS D 446 -34.51 -2.30 -19.02
CA CYS D 446 -35.12 -3.35 -18.22
C CYS D 446 -36.61 -3.09 -18.07
N GLN D 447 -37.35 -4.17 -17.88
CA GLN D 447 -38.80 -4.14 -17.74
C GLN D 447 -39.19 -4.94 -16.51
N LYS D 448 -40.30 -4.54 -15.88
CA LYS D 448 -40.79 -5.22 -14.70
C LYS D 448 -42.31 -5.33 -14.77
N ARG D 449 -42.82 -6.49 -14.41
CA ARG D 449 -44.25 -6.78 -14.48
C ARG D 449 -44.98 -6.22 -13.26
N ILE D 450 -46.14 -5.63 -13.50
CA ILE D 450 -46.91 -4.99 -12.44
C ILE D 450 -48.33 -5.56 -12.45
N ILE D 451 -48.96 -5.53 -11.27
CA ILE D 451 -50.32 -6.00 -11.08
C ILE D 451 -51.10 -4.95 -10.29
N SER D 452 -52.33 -4.69 -10.71
CA SER D 452 -53.17 -3.68 -10.08
C SER D 452 -54.62 -4.01 -10.40
N GLU D 453 -55.50 -3.04 -10.16
CA GLU D 453 -56.94 -3.16 -10.44
C GLU D 453 -57.58 -4.25 -9.60
N ASN D 454 -57.25 -4.28 -8.31
CA ASN D 454 -57.91 -5.13 -7.31
C ASN D 454 -57.70 -6.60 -7.69
N LYS D 455 -58.75 -7.44 -7.70
CA LYS D 455 -58.56 -8.86 -7.94
C LYS D 455 -58.09 -9.14 -9.36
N THR D 456 -58.64 -8.45 -10.35
CA THR D 456 -58.27 -8.69 -11.73
C THR D 456 -56.88 -8.13 -12.01
N ASP D 457 -56.40 -8.38 -13.23
CA ASP D 457 -55.10 -7.89 -13.67
C ASP D 457 -55.28 -6.61 -14.46
N GLU D 458 -54.50 -5.59 -14.12
CA GLU D 458 -54.62 -4.29 -14.75
C GLU D 458 -53.86 -4.25 -16.07
N GLU D 459 -53.84 -3.08 -16.69
CA GLU D 459 -53.10 -2.90 -17.93
C GLU D 459 -51.59 -2.94 -17.65
N PRO D 460 -50.80 -3.36 -18.64
CA PRO D 460 -49.34 -3.41 -18.44
C PRO D 460 -48.77 -2.03 -18.14
N GLY D 461 -47.74 -2.01 -17.30
CA GLY D 461 -47.09 -0.76 -16.94
C GLY D 461 -46.07 -0.31 -17.97
N TYR D 462 -45.23 -1.24 -18.42
CA TYR D 462 -44.13 -0.95 -19.35
C TYR D 462 -43.25 0.19 -18.83
N ILE D 463 -42.71 -0.02 -17.64
CA ILE D 463 -41.79 0.93 -17.04
C ILE D 463 -40.40 0.73 -17.60
N LYS D 464 -39.67 1.82 -17.79
CA LYS D 464 -38.34 1.81 -18.38
C LYS D 464 -37.32 1.76 -17.25
N LYS D 465 -36.81 0.57 -16.97
CA LYS D 465 -35.86 0.37 -15.89
C LYS D 465 -34.45 0.15 -16.44
N CYS D 466 -33.46 0.40 -15.59
CA CYS D 466 -32.05 0.29 -15.96
C CYS D 466 -31.37 -0.60 -14.91
N CYS D 467 -31.38 -1.90 -15.13
CA CYS D 467 -30.82 -2.86 -14.18
C CYS D 467 -29.43 -3.29 -14.65
N LYS D 468 -28.41 -2.99 -13.83
CA LYS D 468 -27.02 -3.25 -14.18
C LYS D 468 -26.28 -3.94 -13.04
N GLY D 469 -24.96 -4.05 -13.16
CA GLY D 469 -24.16 -4.64 -12.12
C GLY D 469 -23.01 -5.44 -12.71
N PHE D 470 -22.61 -6.48 -11.98
CA PHE D 470 -21.53 -7.35 -12.42
C PHE D 470 -22.03 -8.39 -13.43
N CYS D 471 -23.09 -9.12 -13.06
CA CYS D 471 -23.66 -10.11 -13.97
C CYS D 471 -24.21 -9.46 -15.23
N ILE D 472 -24.74 -8.25 -15.12
CA ILE D 472 -25.25 -7.56 -16.30
C ILE D 472 -24.13 -7.20 -17.25
N ASP D 473 -22.98 -6.77 -16.72
CA ASP D 473 -21.84 -6.49 -17.59
C ASP D 473 -21.32 -7.77 -18.22
N ILE D 474 -21.34 -8.87 -17.46
CA ILE D 474 -21.00 -10.17 -18.04
C ILE D 474 -21.92 -10.49 -19.21
N LEU D 475 -23.22 -10.25 -19.02
CA LEU D 475 -24.18 -10.45 -20.09
C LEU D 475 -23.87 -9.56 -21.28
N LYS D 476 -23.46 -8.32 -21.03
CA LYS D 476 -23.14 -7.40 -22.11
C LYS D 476 -22.00 -7.93 -22.96
N LYS D 477 -20.87 -8.28 -22.34
CA LYS D 477 -19.77 -8.72 -23.17
C LYS D 477 -19.95 -10.12 -23.72
N ILE D 478 -20.75 -10.99 -23.10
CA ILE D 478 -21.02 -12.26 -23.78
C ILE D 478 -21.96 -12.06 -24.96
N SER D 479 -22.88 -11.09 -24.86
CA SER D 479 -23.75 -10.80 -26.00
C SER D 479 -22.95 -10.22 -27.16
N LYS D 480 -21.96 -9.37 -26.86
CA LYS D 480 -21.07 -8.93 -27.93
C LYS D 480 -20.16 -10.07 -28.42
N SER D 481 -19.85 -11.04 -27.57
CA SER D 481 -19.04 -12.17 -28.00
C SER D 481 -19.80 -13.06 -28.98
N VAL D 482 -21.09 -13.30 -28.70
CA VAL D 482 -21.90 -14.20 -29.53
C VAL D 482 -22.70 -13.43 -30.59
N LYS D 483 -22.74 -12.10 -30.50
CA LYS D 483 -23.44 -11.25 -31.46
C LYS D 483 -24.95 -11.55 -31.47
N PHE D 484 -25.57 -11.34 -30.31
CA PHE D 484 -27.01 -11.43 -30.21
C PHE D 484 -27.52 -10.24 -29.40
N THR D 485 -28.71 -9.77 -29.77
CA THR D 485 -29.41 -8.77 -28.99
C THR D 485 -30.37 -9.45 -28.01
N TYR D 486 -30.93 -8.64 -27.11
CA TYR D 486 -31.77 -9.18 -26.05
C TYR D 486 -32.52 -8.05 -25.38
N ASP D 487 -33.41 -8.42 -24.45
CA ASP D 487 -34.09 -7.48 -23.58
C ASP D 487 -34.12 -8.09 -22.18
N LEU D 488 -34.31 -7.22 -21.19
CA LEU D 488 -34.27 -7.62 -19.79
C LEU D 488 -35.65 -7.42 -19.17
N TYR D 489 -36.12 -8.42 -18.43
CA TYR D 489 -37.34 -8.26 -17.65
C TYR D 489 -37.18 -9.01 -16.33
N LEU D 490 -38.03 -8.66 -15.37
CA LEU D 490 -37.90 -9.11 -13.99
C LEU D 490 -39.00 -10.11 -13.63
N VAL D 491 -38.65 -11.07 -12.78
CA VAL D 491 -39.59 -12.06 -12.27
C VAL D 491 -40.43 -11.42 -11.16
N THR D 492 -41.73 -11.69 -11.18
CA THR D 492 -42.63 -11.24 -10.13
C THR D 492 -43.27 -12.39 -9.36
N ASN D 493 -43.56 -13.51 -10.03
CA ASN D 493 -44.07 -14.69 -9.35
C ASN D 493 -42.88 -15.50 -8.85
N GLY D 494 -42.57 -15.38 -7.58
CA GLY D 494 -41.39 -15.98 -7.00
C GLY D 494 -40.16 -15.12 -7.20
N LYS D 495 -39.12 -15.43 -6.42
CA LYS D 495 -37.85 -14.71 -6.53
C LYS D 495 -36.73 -15.60 -7.02
N HIS D 496 -36.46 -16.72 -6.33
CA HIS D 496 -35.40 -17.64 -6.72
C HIS D 496 -35.94 -18.92 -7.34
N GLY D 497 -37.00 -19.49 -6.80
CA GLY D 497 -37.59 -20.68 -7.36
C GLY D 497 -37.69 -21.84 -6.39
N LYS D 498 -38.91 -22.33 -6.18
CA LYS D 498 -39.16 -23.49 -5.35
C LYS D 498 -40.13 -24.41 -6.08
N LYS D 499 -39.83 -25.71 -6.09
CA LYS D 499 -40.70 -26.71 -6.71
C LYS D 499 -41.81 -27.07 -5.72
N ILE D 500 -42.63 -26.08 -5.42
CA ILE D 500 -43.72 -26.25 -4.47
C ILE D 500 -44.90 -26.93 -5.15
N ASN D 501 -45.41 -27.99 -4.53
CA ASN D 501 -46.50 -28.79 -5.07
C ASN D 501 -46.18 -29.33 -6.46
N GLY D 502 -44.90 -29.55 -6.73
CA GLY D 502 -44.46 -30.05 -8.01
C GLY D 502 -44.35 -29.01 -9.10
N THR D 503 -44.65 -27.75 -8.81
CA THR D 503 -44.60 -26.67 -9.78
C THR D 503 -43.43 -25.75 -9.45
N TRP D 504 -42.57 -25.52 -10.44
CA TRP D 504 -41.45 -24.62 -10.24
C TRP D 504 -41.93 -23.18 -10.14
N ASN D 505 -41.13 -22.35 -9.50
CA ASN D 505 -41.49 -20.97 -9.23
C ASN D 505 -40.32 -20.07 -9.60
N GLY D 506 -40.57 -18.77 -9.55
CA GLY D 506 -39.51 -17.80 -9.71
C GLY D 506 -38.75 -17.97 -11.00
N MET D 507 -37.43 -18.09 -10.88
CA MET D 507 -36.57 -18.24 -12.05
C MET D 507 -36.91 -19.52 -12.81
N ILE D 508 -36.96 -20.65 -12.11
CA ILE D 508 -37.30 -21.90 -12.76
C ILE D 508 -38.75 -21.89 -13.22
N GLY D 509 -39.64 -21.23 -12.48
CA GLY D 509 -41.01 -21.10 -12.93
C GLY D 509 -41.09 -20.42 -14.28
N GLU D 510 -40.30 -19.37 -14.49
CA GLU D 510 -40.24 -18.72 -15.79
C GLU D 510 -39.60 -19.64 -16.83
N VAL D 511 -38.50 -20.28 -16.50
CA VAL D 511 -37.75 -21.05 -17.49
C VAL D 511 -38.57 -22.25 -17.97
N VAL D 512 -39.26 -22.94 -17.06
CA VAL D 512 -40.07 -24.08 -17.44
C VAL D 512 -41.31 -23.64 -18.21
N MET D 513 -41.74 -22.38 -18.04
CA MET D 513 -42.85 -21.82 -18.79
C MET D 513 -42.38 -20.97 -19.95
N LYS D 514 -41.10 -21.07 -20.30
CA LYS D 514 -40.47 -20.31 -21.37
C LYS D 514 -40.73 -18.82 -21.23
N ARG D 515 -41.01 -18.14 -22.34
CA ARG D 515 -41.24 -16.70 -22.39
C ARG D 515 -40.02 -15.91 -21.92
N ALA D 516 -38.93 -16.60 -21.58
CA ALA D 516 -37.64 -15.97 -21.35
C ALA D 516 -36.50 -16.65 -22.10
N TYR D 517 -36.50 -17.99 -22.14
CA TYR D 517 -35.46 -18.79 -22.78
C TYR D 517 -34.07 -18.55 -22.19
N MET D 518 -33.96 -17.69 -21.18
CA MET D 518 -32.65 -17.38 -20.62
C MET D 518 -32.88 -16.87 -19.20
N ALA D 519 -31.82 -16.89 -18.40
CA ALA D 519 -31.94 -16.41 -17.02
C ALA D 519 -30.56 -16.02 -16.50
N VAL D 520 -30.39 -14.74 -16.19
CA VAL D 520 -29.16 -14.22 -15.62
C VAL D 520 -29.50 -13.54 -14.30
N GLY D 521 -28.78 -13.92 -13.24
CA GLY D 521 -29.02 -13.34 -11.94
C GLY D 521 -28.29 -14.12 -10.86
N SER D 522 -28.69 -13.89 -9.61
CA SER D 522 -28.11 -14.57 -8.46
C SER D 522 -28.78 -15.93 -8.28
N LEU D 523 -28.48 -16.82 -9.23
CA LEU D 523 -29.06 -18.16 -9.26
C LEU D 523 -27.98 -19.19 -8.91
N THR D 524 -28.30 -20.05 -7.95
CA THR D 524 -27.33 -21.01 -7.42
C THR D 524 -27.45 -22.33 -8.14
N ILE D 525 -26.31 -22.92 -8.48
CA ILE D 525 -26.27 -24.21 -9.17
C ILE D 525 -26.38 -25.33 -8.14
N ASN D 526 -27.36 -26.20 -8.32
CA ASN D 526 -27.48 -27.41 -7.51
C ASN D 526 -28.25 -28.45 -8.31
N GLU D 527 -28.23 -29.69 -7.80
CA GLU D 527 -28.78 -30.82 -8.54
C GLU D 527 -30.28 -30.64 -8.79
N GLU D 528 -31.02 -30.18 -7.78
CA GLU D 528 -32.45 -30.01 -7.95
C GLU D 528 -32.77 -28.96 -9.01
N ARG D 529 -32.02 -27.84 -9.01
CA ARG D 529 -32.23 -26.84 -10.04
C ARG D 529 -31.67 -27.24 -11.39
N SER D 530 -30.81 -28.26 -11.43
CA SER D 530 -30.19 -28.69 -12.68
C SER D 530 -30.94 -29.83 -13.35
N GLU D 531 -31.72 -30.61 -12.60
CA GLU D 531 -32.42 -31.74 -13.20
C GLU D 531 -33.41 -31.30 -14.25
N VAL D 532 -33.94 -30.09 -14.13
CA VAL D 532 -34.91 -29.57 -15.09
C VAL D 532 -34.34 -28.43 -15.93
N VAL D 533 -33.29 -27.76 -15.47
CA VAL D 533 -32.73 -26.60 -16.16
C VAL D 533 -31.22 -26.70 -16.07
N ASP D 534 -30.56 -27.01 -17.19
CA ASP D 534 -29.11 -27.09 -17.19
C ASP D 534 -28.49 -25.71 -17.03
N PHE D 535 -27.31 -25.67 -16.42
CA PHE D 535 -26.59 -24.43 -16.16
C PHE D 535 -25.28 -24.40 -16.92
N SER D 536 -24.82 -23.18 -17.21
CA SER D 536 -23.59 -22.96 -17.95
C SER D 536 -22.39 -23.06 -17.00
N VAL D 537 -21.22 -22.66 -17.47
CA VAL D 537 -20.03 -22.60 -16.65
C VAL D 537 -20.17 -21.45 -15.66
N PRO D 538 -20.08 -21.71 -14.35
CA PRO D 538 -20.19 -20.62 -13.38
C PRO D 538 -19.07 -19.60 -13.56
N PHE D 539 -19.41 -18.33 -13.38
CA PHE D 539 -18.45 -17.25 -13.54
C PHE D 539 -17.90 -16.73 -12.22
N ILE D 540 -18.42 -17.20 -11.10
CA ILE D 540 -17.92 -16.77 -9.79
C ILE D 540 -18.29 -17.84 -8.77
N GLU D 541 -17.36 -18.12 -7.87
CA GLU D 541 -17.62 -19.07 -6.80
C GLU D 541 -18.59 -18.47 -5.80
N THR D 542 -19.38 -19.34 -5.17
CA THR D 542 -20.32 -18.91 -4.15
C THR D 542 -20.74 -20.14 -3.34
N GLY D 543 -21.77 -19.97 -2.52
CA GLY D 543 -22.29 -21.06 -1.74
C GLY D 543 -23.00 -20.60 -0.49
N ILE D 544 -22.86 -21.36 0.58
CA ILE D 544 -23.52 -21.05 1.85
C ILE D 544 -22.49 -20.45 2.80
N SER D 545 -22.89 -19.43 3.53
CA SER D 545 -21.99 -18.77 4.47
C SER D 545 -22.79 -18.22 5.63
N VAL D 546 -22.17 -18.26 6.81
CA VAL D 546 -22.75 -17.73 8.03
C VAL D 546 -21.98 -16.48 8.40
N MET D 547 -22.68 -15.36 8.50
CA MET D 547 -22.07 -14.11 8.90
C MET D 547 -22.74 -13.63 10.18
N VAL D 548 -21.90 -13.15 11.11
CA VAL D 548 -22.31 -12.68 12.42
C VAL D 548 -21.62 -11.35 12.68
N SER D 549 -22.05 -10.68 13.74
CA SER D 549 -21.38 -9.48 14.22
C SER D 549 -20.17 -9.87 15.08
N ARG D 550 -19.23 -10.59 14.43
CA ARG D 550 -18.09 -11.17 15.11
C ARG D 550 -17.25 -10.10 15.77
N SER D 551 -17.22 -10.10 17.10
CA SER D 551 -16.57 -9.06 17.85
C SER D 551 -16.38 -9.51 19.27
N ASN D 552 -15.36 -8.95 19.92
CA ASN D 552 -15.03 -9.20 21.31
C ASN D 552 -13.76 -8.47 21.65
N GLY D 553 -12.64 -9.14 21.45
CA GLY D 553 -11.36 -8.55 21.78
C GLY D 553 -10.82 -9.09 23.07
N THR D 554 -9.90 -10.05 22.98
CA THR D 554 -9.32 -10.72 24.14
C THR D 554 -7.81 -10.55 24.06
N VAL D 555 -7.28 -9.53 24.73
CA VAL D 555 -5.82 -9.39 24.81
C VAL D 555 -5.31 -10.48 25.74
N SER D 556 -4.41 -11.32 25.23
CA SER D 556 -3.95 -12.45 26.00
C SER D 556 -3.26 -11.97 27.27
N PRO D 557 -3.56 -12.55 28.43
CA PRO D 557 -3.03 -11.98 29.68
C PRO D 557 -1.52 -12.01 29.75
N SER D 558 -0.88 -13.03 29.20
CA SER D 558 0.58 -13.06 29.20
C SER D 558 1.11 -12.45 27.92
N ALA D 559 0.74 -11.21 27.64
CA ALA D 559 1.28 -10.48 26.52
C ALA D 559 2.56 -9.75 26.87
N PHE D 560 2.92 -9.69 28.14
CA PHE D 560 4.15 -9.06 28.53
C PHE D 560 5.33 -10.02 28.55
N LEU D 561 5.07 -11.30 28.35
CA LEU D 561 6.11 -12.29 28.23
C LEU D 561 6.31 -12.73 26.79
N GLU D 562 5.47 -12.28 25.88
CA GLU D 562 5.53 -12.69 24.50
C GLU D 562 6.73 -12.16 23.72
N PRO D 563 7.37 -11.06 24.10
CA PRO D 563 8.55 -10.64 23.35
C PRO D 563 9.62 -11.70 23.21
N PHE D 564 9.76 -12.61 24.17
CA PHE D 564 10.66 -13.74 24.04
C PHE D 564 9.89 -15.01 24.31
N SER D 565 10.38 -16.13 23.79
CA SER D 565 9.76 -17.40 24.09
C SER D 565 10.24 -17.91 25.44
N ALA D 566 9.64 -19.03 25.89
CA ALA D 566 9.94 -19.52 27.23
C ALA D 566 11.38 -19.98 27.36
N ASP D 567 11.95 -20.51 26.28
CA ASP D 567 13.36 -20.90 26.28
C ASP D 567 14.24 -19.75 26.71
N VAL D 568 14.03 -18.58 26.11
CA VAL D 568 14.89 -17.44 26.34
C VAL D 568 14.70 -16.89 27.75
N TRP D 569 13.46 -16.83 28.24
CA TRP D 569 13.25 -16.32 29.58
C TRP D 569 13.94 -17.21 30.60
N VAL D 570 13.75 -18.53 30.47
CA VAL D 570 14.33 -19.45 31.43
C VAL D 570 15.84 -19.45 31.32
N MET D 571 16.38 -19.33 30.12
CA MET D 571 17.83 -19.26 30.01
C MET D 571 18.38 -17.95 30.53
N MET D 572 17.60 -16.87 30.47
CA MET D 572 18.02 -15.63 31.12
C MET D 572 18.16 -15.83 32.63
N PHE D 573 17.19 -16.47 33.26
CA PHE D 573 17.32 -16.68 34.70
C PHE D 573 18.22 -17.85 35.07
N VAL D 574 18.70 -18.64 34.11
CA VAL D 574 19.78 -19.57 34.41
C VAL D 574 21.13 -18.90 34.26
N MET D 575 21.33 -18.10 33.21
CA MET D 575 22.55 -17.30 33.11
C MET D 575 22.69 -16.35 34.27
N LEU D 576 21.60 -15.81 34.79
CA LEU D 576 21.73 -14.88 35.90
C LEU D 576 22.25 -15.59 37.14
N LEU D 577 21.77 -16.81 37.41
CA LEU D 577 22.32 -17.59 38.50
C LEU D 577 23.77 -17.97 38.25
N ILE D 578 24.11 -18.31 37.01
CA ILE D 578 25.49 -18.70 36.73
C ILE D 578 26.43 -17.52 36.93
N VAL D 579 26.04 -16.34 36.45
CA VAL D 579 26.90 -15.18 36.53
C VAL D 579 27.01 -14.68 37.96
N SER D 580 25.89 -14.60 38.68
CA SER D 580 25.95 -14.19 40.07
C SER D 580 26.66 -15.20 40.94
N ALA D 581 26.73 -16.45 40.52
CA ALA D 581 27.45 -17.47 41.27
C ALA D 581 28.90 -17.55 40.90
N VAL D 582 29.35 -16.78 39.90
CA VAL D 582 30.77 -16.64 39.62
C VAL D 582 31.27 -15.26 40.01
N ALA D 583 30.44 -14.22 39.86
CA ALA D 583 30.86 -12.93 40.40
C ALA D 583 31.02 -12.96 41.92
N VAL D 584 30.69 -14.07 42.58
CA VAL D 584 31.09 -14.29 43.97
C VAL D 584 32.06 -15.47 43.94
N PHE D 585 32.78 -15.58 42.84
CA PHE D 585 33.96 -16.42 42.70
C PHE D 585 35.11 -15.58 42.22
N VAL D 586 34.88 -14.79 41.15
CA VAL D 586 35.85 -13.80 40.72
C VAL D 586 35.96 -12.68 41.70
N PHE D 587 35.15 -12.69 42.77
CA PHE D 587 35.21 -11.65 43.79
C PHE D 587 35.71 -12.12 45.15
N GLU D 588 35.62 -13.41 45.49
CA GLU D 588 36.35 -13.86 46.66
C GLU D 588 37.83 -13.92 46.36
N TYR D 589 38.20 -14.53 45.24
CA TYR D 589 39.61 -14.71 44.89
C TYR D 589 40.14 -13.52 44.10
N SER D 609 31.80 -8.06 52.26
CA SER D 609 30.42 -8.49 52.41
C SER D 609 29.67 -8.33 51.10
N PHE D 610 29.86 -9.29 50.19
CA PHE D 610 29.17 -9.32 48.91
C PHE D 610 28.84 -10.79 48.65
N THR D 611 27.65 -11.20 49.05
CA THR D 611 27.28 -12.60 48.95
C THR D 611 26.40 -12.83 47.73
N ILE D 612 25.94 -14.05 47.54
CA ILE D 612 25.09 -14.35 46.39
C ILE D 612 23.80 -13.58 46.49
N GLY D 613 23.29 -13.39 47.69
CA GLY D 613 22.06 -12.64 47.84
C GLY D 613 22.15 -11.24 47.31
N LYS D 614 23.35 -10.70 47.17
CA LYS D 614 23.52 -9.37 46.61
C LYS D 614 24.01 -9.39 45.17
N ALA D 615 24.56 -10.49 44.71
CA ALA D 615 24.85 -10.62 43.29
C ALA D 615 23.60 -10.95 42.49
N ILE D 616 22.65 -11.68 43.07
CA ILE D 616 21.34 -11.83 42.43
C ILE D 616 20.61 -10.51 42.40
N TRP D 617 20.70 -9.74 43.46
CA TRP D 617 19.99 -8.47 43.49
C TRP D 617 20.67 -7.40 42.66
N LEU D 618 21.97 -7.50 42.42
CA LEU D 618 22.63 -6.62 41.45
C LEU D 618 22.39 -7.10 40.03
N LEU D 619 22.93 -8.26 39.68
CA LEU D 619 22.83 -8.78 38.33
C LEU D 619 21.41 -8.72 37.79
N TRP D 620 20.44 -8.60 38.66
CA TRP D 620 19.05 -8.54 38.25
C TRP D 620 18.53 -7.13 38.21
N GLY D 621 19.10 -6.23 38.98
CA GLY D 621 18.66 -4.85 38.89
C GLY D 621 19.19 -4.13 37.69
N LEU D 622 20.14 -4.73 36.98
CA LEU D 622 20.65 -4.18 35.72
C LEU D 622 19.80 -4.60 34.54
N VAL D 623 19.17 -5.78 34.60
CA VAL D 623 18.30 -6.20 33.53
C VAL D 623 17.12 -5.26 33.40
N PHE D 624 16.55 -4.83 34.53
CA PHE D 624 15.36 -4.00 34.54
C PHE D 624 15.74 -2.53 34.70
N ASN D 625 16.35 -2.00 33.66
CA ASN D 625 17.01 -0.69 33.70
C ASN D 625 18.03 -0.76 34.83
N ASN D 626 18.28 0.34 35.51
CA ASN D 626 19.18 0.34 36.66
C ASN D 626 18.54 1.16 37.77
N SER D 627 17.26 0.94 37.99
CA SER D 627 16.49 1.80 38.87
C SER D 627 16.86 1.58 40.33
N VAL D 628 17.01 0.32 40.74
CA VAL D 628 17.03 -0.12 42.14
C VAL D 628 18.31 0.31 42.84
N PRO D 629 18.38 0.24 44.17
CA PRO D 629 19.65 0.44 44.87
C PRO D 629 20.39 -0.88 45.04
N VAL D 630 21.59 -0.96 44.48
CA VAL D 630 22.37 -2.18 44.47
C VAL D 630 23.60 -1.98 45.32
N GLN D 631 24.36 -3.05 45.51
CA GLN D 631 25.62 -3.01 46.25
C GLN D 631 26.69 -3.55 45.32
N ASN D 632 27.44 -2.65 44.68
CA ASN D 632 28.37 -3.03 43.64
C ASN D 632 29.56 -3.79 44.20
N PRO D 633 30.22 -4.60 43.40
CA PRO D 633 31.43 -5.25 43.87
C PRO D 633 32.55 -4.25 44.09
N LYS D 634 33.75 -4.74 44.36
CA LYS D 634 34.89 -3.86 44.50
C LYS D 634 36.14 -4.35 43.82
N GLY D 635 36.27 -5.64 43.55
CA GLY D 635 37.42 -6.13 42.82
C GLY D 635 37.38 -5.65 41.38
N THR D 636 38.57 -5.53 40.79
CA THR D 636 38.65 -4.95 39.46
C THR D 636 38.20 -5.92 38.38
N THR D 637 38.40 -7.22 38.58
CA THR D 637 37.93 -8.16 37.59
C THR D 637 36.48 -8.54 37.75
N SER D 638 35.83 -8.11 38.83
CA SER D 638 34.41 -8.36 38.97
C SER D 638 33.58 -7.25 38.39
N LYS D 639 34.07 -6.03 38.42
CA LYS D 639 33.39 -4.97 37.71
C LYS D 639 33.42 -5.21 36.20
N ILE D 640 34.42 -5.92 35.70
CA ILE D 640 34.44 -6.26 34.28
C ILE D 640 33.28 -7.18 33.97
N MET D 641 32.99 -8.12 34.86
CA MET D 641 31.84 -9.00 34.66
C MET D 641 30.52 -8.24 34.81
N VAL D 642 30.41 -7.36 35.78
CA VAL D 642 29.19 -6.56 35.84
C VAL D 642 29.02 -5.73 34.58
N SER D 643 30.11 -5.26 33.97
CA SER D 643 29.98 -4.47 32.75
C SER D 643 29.60 -5.32 31.55
N VAL D 644 30.26 -6.46 31.37
CA VAL D 644 29.88 -7.32 30.25
C VAL D 644 28.49 -7.89 30.47
N TRP D 645 27.94 -7.77 31.67
CA TRP D 645 26.53 -8.06 31.87
C TRP D 645 25.64 -6.85 31.66
N ALA D 646 26.13 -5.65 31.91
CA ALA D 646 25.30 -4.49 31.65
C ALA D 646 25.11 -4.27 30.16
N PHE D 647 26.07 -4.70 29.35
CA PHE D 647 25.87 -4.66 27.91
C PHE D 647 24.80 -5.66 27.49
N PHE D 648 24.77 -6.83 28.12
CA PHE D 648 23.69 -7.77 27.86
C PHE D 648 22.36 -7.19 28.28
N ALA D 649 22.31 -6.46 29.38
CA ALA D 649 21.05 -5.83 29.77
C ALA D 649 20.62 -4.81 28.74
N VAL D 650 21.55 -4.05 28.17
CA VAL D 650 21.20 -3.06 27.15
C VAL D 650 20.59 -3.72 25.92
N ILE D 651 21.17 -4.84 25.48
CA ILE D 651 20.58 -5.56 24.35
C ILE D 651 19.27 -6.24 24.72
N PHE D 652 19.13 -6.69 25.97
CA PHE D 652 17.88 -7.30 26.39
C PHE D 652 16.75 -6.30 26.37
N LEU D 653 16.95 -5.12 26.92
CA LEU D 653 15.88 -4.13 26.88
C LEU D 653 15.72 -3.50 25.51
N ALA D 654 16.71 -3.59 24.64
CA ALA D 654 16.50 -3.10 23.29
C ALA D 654 15.69 -4.06 22.46
N SER D 655 15.80 -5.36 22.73
CA SER D 655 15.06 -6.36 21.96
C SER D 655 13.78 -6.81 22.64
N TYR D 656 13.61 -6.53 23.92
CA TYR D 656 12.33 -6.75 24.57
C TYR D 656 11.33 -5.69 24.14
N THR D 657 11.68 -4.42 24.31
CA THR D 657 10.76 -3.33 24.07
C THR D 657 10.65 -2.96 22.61
N ALA D 658 11.27 -3.72 21.72
CA ALA D 658 11.21 -3.37 20.30
C ALA D 658 9.79 -3.41 19.79
N ASN D 659 9.03 -4.45 20.15
CA ASN D 659 7.68 -4.65 19.66
C ASN D 659 6.63 -4.41 20.72
N LEU D 660 7.04 -3.94 21.90
CA LEU D 660 6.22 -4.12 23.10
C LEU D 660 4.84 -3.51 22.94
N ALA D 661 4.75 -2.30 22.45
CA ALA D 661 3.42 -1.70 22.35
C ALA D 661 2.61 -2.24 21.19
N ALA D 662 3.07 -3.32 20.56
CA ALA D 662 2.27 -4.06 19.60
C ALA D 662 1.86 -5.42 20.12
N PHE D 663 2.45 -5.90 21.20
CA PHE D 663 1.97 -7.08 21.88
C PHE D 663 0.92 -6.78 22.92
N MET D 664 0.92 -5.58 23.49
CA MET D 664 -0.04 -5.17 24.51
C MET D 664 -1.33 -4.71 23.91
N ILE D 665 -1.40 -4.59 22.59
CA ILE D 665 -2.54 -4.04 21.90
C ILE D 665 -3.12 -5.03 20.92
N GLN D 666 -2.56 -6.23 20.84
CA GLN D 666 -2.93 -7.25 19.86
C GLN D 666 -4.07 -8.09 20.40
N GLU D 667 -5.26 -7.93 19.81
CA GLU D 667 -6.45 -8.59 20.30
C GLU D 667 -6.75 -9.82 19.45
N GLU D 668 -7.01 -10.94 20.12
CA GLU D 668 -7.31 -12.20 19.45
C GLU D 668 -8.82 -12.43 19.49
N TYR D 669 -9.49 -12.07 18.41
CA TYR D 669 -10.94 -12.23 18.33
C TYR D 669 -11.30 -13.70 18.29
N VAL D 670 -12.31 -14.10 19.07
CA VAL D 670 -12.74 -15.49 19.12
C VAL D 670 -14.02 -15.62 18.30
N ASP D 671 -13.98 -16.49 17.28
CA ASP D 671 -15.14 -16.70 16.43
C ASP D 671 -16.27 -17.35 17.21
N GLN D 672 -17.50 -16.88 16.98
CA GLN D 672 -18.63 -17.32 17.79
C GLN D 672 -18.98 -18.78 17.54
N VAL D 673 -19.01 -19.20 16.27
CA VAL D 673 -19.46 -20.54 15.89
C VAL D 673 -18.37 -21.19 15.05
N SER D 674 -17.98 -22.41 15.44
CA SER D 674 -16.94 -23.11 14.71
C SER D 674 -17.39 -23.49 13.30
N GLY D 675 -18.63 -23.94 13.16
CA GLY D 675 -19.14 -24.34 11.86
C GLY D 675 -20.57 -24.82 11.99
N LEU D 676 -21.10 -25.29 10.85
CA LEU D 676 -22.47 -25.76 10.82
C LEU D 676 -22.67 -26.97 11.73
N SER D 677 -21.72 -27.92 11.70
CA SER D 677 -21.84 -29.16 12.42
C SER D 677 -21.38 -29.05 13.87
N ASP D 678 -21.37 -27.85 14.43
CA ASP D 678 -20.99 -27.69 15.83
C ASP D 678 -22.10 -28.17 16.75
N LYS D 679 -21.73 -28.41 18.01
CA LYS D 679 -22.69 -28.89 18.99
C LYS D 679 -23.77 -27.86 19.28
N LYS D 680 -23.51 -26.57 19.03
CA LYS D 680 -24.52 -25.56 19.27
C LYS D 680 -25.69 -25.68 18.30
N PHE D 681 -25.38 -25.77 16.99
CA PHE D 681 -26.46 -25.85 16.01
C PHE D 681 -27.19 -27.19 16.07
N GLN D 682 -26.47 -28.27 16.37
CA GLN D 682 -27.11 -29.58 16.47
C GLN D 682 -28.18 -29.59 17.54
N ARG D 683 -27.87 -29.05 18.72
CA ARG D 683 -28.79 -29.01 19.85
C ARG D 683 -28.86 -27.57 20.35
N PRO D 684 -29.68 -26.73 19.69
CA PRO D 684 -29.78 -25.33 20.13
C PRO D 684 -30.33 -25.19 21.54
N ASN D 685 -31.14 -26.14 22.01
CA ASN D 685 -31.90 -25.92 23.24
C ASN D 685 -31.09 -26.22 24.49
N ASP D 686 -30.24 -27.25 24.47
CA ASP D 686 -29.55 -27.69 25.68
C ASP D 686 -28.38 -26.79 26.08
N PHE D 687 -28.31 -25.60 25.51
CA PHE D 687 -27.29 -24.62 25.83
C PHE D 687 -27.97 -23.37 26.41
N SER D 688 -27.18 -22.31 26.56
CA SER D 688 -27.70 -20.98 26.84
C SER D 688 -28.76 -20.64 25.79
N PRO D 689 -29.60 -19.63 25.99
CA PRO D 689 -30.73 -19.41 25.06
C PRO D 689 -30.26 -19.41 23.61
N PRO D 690 -30.91 -20.21 22.77
CA PRO D 690 -30.30 -20.59 21.49
C PRO D 690 -30.03 -19.40 20.60
N PHE D 691 -28.99 -19.53 19.77
CA PHE D 691 -28.63 -18.47 18.84
C PHE D 691 -29.81 -18.18 17.91
N ARG D 692 -30.07 -16.91 17.69
CA ARG D 692 -31.11 -16.48 16.77
C ARG D 692 -30.50 -16.47 15.38
N PHE D 693 -30.70 -17.56 14.64
CA PHE D 693 -30.18 -17.67 13.29
C PHE D 693 -31.30 -18.05 12.33
N GLY D 694 -31.30 -17.40 11.16
CA GLY D 694 -32.30 -17.66 10.15
C GLY D 694 -31.79 -17.34 8.76
N THR D 695 -32.69 -17.31 7.79
CA THR D 695 -32.32 -16.99 6.42
C THR D 695 -33.51 -16.31 5.76
N VAL D 696 -33.48 -16.23 4.44
CA VAL D 696 -34.63 -15.81 3.63
C VAL D 696 -35.31 -17.07 3.11
N PRO D 697 -36.56 -17.32 3.50
CA PRO D 697 -37.22 -18.55 3.04
C PRO D 697 -37.52 -18.50 1.54
N ASN D 698 -37.88 -19.67 1.01
CA ASN D 698 -38.15 -19.84 -0.42
C ASN D 698 -36.92 -19.50 -1.24
N GLY D 699 -35.81 -20.17 -0.93
CA GLY D 699 -34.56 -19.98 -1.62
C GLY D 699 -33.72 -21.24 -1.59
N SER D 700 -32.64 -21.21 -2.37
CA SER D 700 -31.76 -22.37 -2.46
C SER D 700 -31.02 -22.62 -1.15
N THR D 701 -30.70 -21.54 -0.42
CA THR D 701 -30.01 -21.71 0.86
C THR D 701 -30.86 -22.50 1.85
N GLU D 702 -32.14 -22.14 1.99
CA GLU D 702 -33.01 -22.92 2.85
C GLU D 702 -33.26 -24.30 2.25
N ARG D 703 -33.23 -24.39 0.93
CA ARG D 703 -33.46 -25.66 0.25
C ARG D 703 -32.40 -26.68 0.63
N ASN D 704 -31.14 -26.26 0.67
CA ASN D 704 -30.08 -27.20 1.04
C ASN D 704 -30.15 -27.56 2.52
N ILE D 705 -30.42 -26.57 3.38
CA ILE D 705 -30.36 -26.82 4.81
C ILE D 705 -31.51 -27.72 5.26
N ARG D 706 -32.69 -27.60 4.64
CA ARG D 706 -33.76 -28.49 5.04
C ARG D 706 -33.44 -29.94 4.70
N ASN D 707 -32.71 -30.17 3.61
CA ASN D 707 -32.31 -31.53 3.26
C ASN D 707 -31.23 -32.05 4.19
N ASN D 708 -30.16 -31.27 4.38
CA ASN D 708 -29.01 -31.80 5.11
C ASN D 708 -29.23 -31.77 6.62
N TYR D 709 -29.89 -30.74 7.14
CA TYR D 709 -30.16 -30.62 8.57
C TYR D 709 -31.62 -30.19 8.75
N ALA D 710 -32.51 -31.16 8.80
CA ALA D 710 -33.93 -30.85 9.01
C ALA D 710 -34.21 -30.45 10.45
N GLU D 711 -33.48 -31.01 11.41
CA GLU D 711 -33.66 -30.63 12.79
C GLU D 711 -33.30 -29.16 13.00
N MET D 712 -32.24 -28.70 12.35
CA MET D 712 -31.91 -27.28 12.37
C MET D 712 -32.99 -26.46 11.67
N HIS D 713 -33.52 -27.00 10.57
CA HIS D 713 -34.53 -26.28 9.80
C HIS D 713 -35.79 -26.03 10.62
N ALA D 714 -36.19 -27.03 11.41
CA ALA D 714 -37.38 -26.89 12.23
C ALA D 714 -37.25 -25.72 13.20
N TYR D 715 -36.07 -25.56 13.81
CA TYR D 715 -35.88 -24.45 14.73
C TYR D 715 -35.74 -23.13 13.99
N MET D 716 -34.97 -23.12 12.89
CA MET D 716 -34.66 -21.85 12.23
C MET D 716 -35.80 -21.32 11.39
N GLY D 717 -36.86 -22.11 11.17
CA GLY D 717 -38.00 -21.60 10.45
C GLY D 717 -38.64 -20.39 11.12
N LYS D 718 -38.53 -20.29 12.45
CA LYS D 718 -39.14 -19.17 13.16
C LYS D 718 -38.32 -17.90 13.07
N PHE D 719 -37.05 -17.99 12.70
CA PHE D 719 -36.17 -16.83 12.64
C PHE D 719 -35.92 -16.34 11.22
N ASN D 720 -36.62 -16.89 10.24
CA ASN D 720 -36.44 -16.45 8.86
C ASN D 720 -36.92 -15.01 8.70
N GLN D 721 -36.30 -14.30 7.74
CA GLN D 721 -36.63 -12.90 7.52
C GLN D 721 -36.77 -12.64 6.02
N ARG D 722 -37.43 -11.54 5.70
CA ARG D 722 -37.85 -11.29 4.32
C ARG D 722 -36.66 -11.07 3.40
N GLY D 723 -35.73 -10.20 3.79
CA GLY D 723 -34.66 -9.81 2.91
C GLY D 723 -33.35 -9.67 3.67
N VAL D 724 -32.27 -9.49 2.88
CA VAL D 724 -30.93 -9.39 3.45
C VAL D 724 -30.78 -8.11 4.27
N ASP D 725 -31.43 -7.02 3.85
CA ASP D 725 -31.38 -5.79 4.62
C ASP D 725 -32.00 -5.97 6.00
N ASP D 726 -33.11 -6.71 6.05
CA ASP D 726 -33.71 -7.03 7.34
C ASP D 726 -32.75 -7.83 8.21
N ALA D 727 -32.02 -8.76 7.60
CA ALA D 727 -31.04 -9.54 8.35
C ALA D 727 -29.94 -8.67 8.92
N LEU D 728 -29.43 -7.74 8.10
CA LEU D 728 -28.37 -6.85 8.57
C LEU D 728 -28.86 -5.97 9.72
N LEU D 729 -30.07 -5.41 9.57
CA LEU D 729 -30.62 -4.58 10.64
C LEU D 729 -30.85 -5.39 11.90
N SER D 730 -31.33 -6.62 11.76
CA SER D 730 -31.57 -7.46 12.93
C SER D 730 -30.27 -7.79 13.64
N LEU D 731 -29.22 -8.10 12.88
CA LEU D 731 -27.93 -8.41 13.50
C LEU D 731 -27.36 -7.20 14.22
N LYS D 732 -27.43 -6.03 13.60
CA LYS D 732 -26.91 -4.84 14.25
C LYS D 732 -27.72 -4.50 15.51
N THR D 733 -29.03 -4.66 15.46
CA THR D 733 -29.86 -4.40 16.64
C THR D 733 -29.65 -5.46 17.71
N GLY D 734 -29.30 -6.68 17.32
CA GLY D 734 -28.99 -7.73 18.27
C GLY D 734 -30.08 -8.76 18.47
N LYS D 735 -31.29 -8.53 17.96
CA LYS D 735 -32.35 -9.51 18.09
C LYS D 735 -31.99 -10.81 17.38
N LEU D 736 -31.37 -10.70 16.21
CA LEU D 736 -30.82 -11.83 15.48
C LEU D 736 -29.30 -11.80 15.66
N ASP D 737 -28.72 -12.94 16.02
CA ASP D 737 -27.29 -12.97 16.32
C ASP D 737 -26.49 -13.84 15.34
N ALA D 738 -27.11 -14.33 14.27
CA ALA D 738 -26.39 -15.05 13.23
C ALA D 738 -27.24 -15.07 11.99
N PHE D 739 -26.59 -15.05 10.83
CA PHE D 739 -27.33 -15.09 9.57
C PHE D 739 -26.66 -16.06 8.61
N ILE D 740 -27.47 -16.84 7.89
CA ILE D 740 -26.98 -17.81 6.92
C ILE D 740 -27.57 -17.48 5.56
N TYR D 741 -26.73 -17.41 4.54
CA TYR D 741 -27.22 -16.97 3.24
C TYR D 741 -26.17 -17.33 2.19
N ASP D 742 -26.37 -16.85 0.96
CA ASP D 742 -25.42 -17.06 -0.11
C ASP D 742 -24.08 -16.41 0.22
N ALA D 743 -23.00 -17.08 -0.20
CA ALA D 743 -21.65 -16.64 0.19
C ALA D 743 -21.31 -15.29 -0.43
N ALA D 744 -21.51 -15.15 -1.74
CA ALA D 744 -21.04 -13.95 -2.43
C ALA D 744 -21.75 -12.70 -1.93
N VAL D 745 -23.06 -12.77 -1.75
CA VAL D 745 -23.82 -11.60 -1.31
C VAL D 745 -23.38 -11.19 0.09
N LEU D 746 -23.24 -12.16 0.99
CA LEU D 746 -22.81 -11.84 2.35
C LEU D 746 -21.40 -11.26 2.37
N ASN D 747 -20.51 -11.79 1.53
CA ASN D 747 -19.17 -11.23 1.44
C ASN D 747 -19.21 -9.79 0.95
N TYR D 748 -20.09 -9.50 -0.01
CA TYR D 748 -20.24 -8.12 -0.46
C TYR D 748 -20.74 -7.23 0.67
N MET D 749 -21.77 -7.68 1.39
CA MET D 749 -22.33 -6.85 2.46
C MET D 749 -21.38 -6.68 3.63
N ALA D 750 -20.46 -7.62 3.84
CA ALA D 750 -19.53 -7.50 4.96
C ALA D 750 -18.62 -6.29 4.80
N GLY D 751 -18.11 -6.06 3.59
CA GLY D 751 -17.18 -4.98 3.37
C GLY D 751 -17.80 -3.61 3.23
N ARG D 752 -19.12 -3.52 3.24
CA ARG D 752 -19.84 -2.26 3.06
C ARG D 752 -20.69 -1.94 4.29
N ASP D 753 -20.11 -2.05 5.47
CA ASP D 753 -20.80 -1.78 6.71
C ASP D 753 -20.10 -0.66 7.47
N GLU D 754 -20.88 -0.01 8.33
CA GLU D 754 -20.34 1.02 9.22
C GLU D 754 -19.46 0.32 10.26
N GLY D 755 -18.15 0.35 10.04
CA GLY D 755 -17.23 -0.44 10.83
C GLY D 755 -17.15 -1.86 10.30
N CYS D 756 -16.22 -2.62 10.88
CA CYS D 756 -16.03 -4.02 10.51
C CYS D 756 -16.64 -4.96 11.55
N LYS D 757 -17.78 -4.57 12.11
CA LYS D 757 -18.45 -5.41 13.09
C LYS D 757 -18.99 -6.68 12.47
N LEU D 758 -19.57 -6.59 11.27
CA LEU D 758 -20.19 -7.73 10.62
C LEU D 758 -19.19 -8.39 9.69
N VAL D 759 -18.98 -9.70 9.86
CA VAL D 759 -18.04 -10.45 9.05
C VAL D 759 -18.44 -11.91 9.07
N THR D 760 -18.23 -12.59 7.95
CA THR D 760 -18.62 -13.99 7.82
C THR D 760 -17.77 -14.88 8.73
N ILE D 761 -18.39 -15.96 9.19
CA ILE D 761 -17.69 -16.91 10.05
C ILE D 761 -16.68 -17.69 9.25
N GLY D 762 -15.50 -17.90 9.83
CA GLY D 762 -14.45 -18.62 9.15
C GLY D 762 -13.62 -17.77 8.21
N SER D 763 -13.65 -16.45 8.37
CA SER D 763 -12.90 -15.53 7.52
C SER D 763 -13.23 -15.75 6.05
N GLY D 764 -14.51 -15.91 5.75
CA GLY D 764 -14.94 -16.20 4.40
C GLY D 764 -15.00 -17.67 4.08
N LYS D 765 -15.31 -18.53 5.06
CA LYS D 765 -15.44 -19.95 4.81
C LYS D 765 -16.79 -20.26 4.21
N VAL D 766 -16.79 -21.15 3.21
CA VAL D 766 -18.01 -21.60 2.54
C VAL D 766 -18.19 -23.08 2.83
N PHE D 767 -19.35 -23.45 3.33
CA PHE D 767 -19.63 -24.83 3.69
C PHE D 767 -20.23 -25.64 2.54
N ALA D 768 -20.48 -25.01 1.39
CA ALA D 768 -21.00 -25.74 0.23
C ALA D 768 -20.61 -24.95 -1.01
N SER D 769 -19.67 -25.46 -1.78
CA SER D 769 -19.17 -24.75 -2.95
C SER D 769 -20.14 -24.91 -4.12
N THR D 770 -20.65 -23.79 -4.63
CA THR D 770 -21.43 -23.77 -5.86
C THR D 770 -20.99 -22.57 -6.70
N GLY D 771 -21.72 -22.29 -7.78
CA GLY D 771 -21.39 -21.14 -8.60
C GLY D 771 -22.64 -20.51 -9.16
N TYR D 772 -22.51 -19.25 -9.56
CA TYR D 772 -23.57 -18.57 -10.29
C TYR D 772 -23.52 -18.99 -11.75
N GLY D 773 -24.51 -19.76 -12.19
CA GLY D 773 -24.64 -20.16 -13.56
C GLY D 773 -25.77 -19.43 -14.28
N ILE D 774 -25.90 -19.73 -15.55
CA ILE D 774 -26.94 -19.15 -16.40
C ILE D 774 -27.91 -20.26 -16.75
N ALA D 775 -29.19 -20.06 -16.42
CA ALA D 775 -30.20 -21.08 -16.59
C ALA D 775 -30.62 -21.18 -18.05
N ILE D 776 -30.58 -22.38 -18.61
CA ILE D 776 -30.85 -22.62 -20.02
C ILE D 776 -31.90 -23.71 -20.13
N GLN D 777 -32.69 -23.65 -21.20
CA GLN D 777 -33.58 -24.76 -21.52
C GLN D 777 -32.76 -25.96 -22.01
N LYS D 778 -33.16 -27.15 -21.57
CA LYS D 778 -32.38 -28.34 -21.84
C LYS D 778 -32.35 -28.66 -23.33
N ASP D 779 -31.26 -29.29 -23.76
CA ASP D 779 -31.07 -29.73 -25.13
C ASP D 779 -31.14 -28.54 -26.09
N SER D 780 -30.29 -27.55 -25.82
CA SER D 780 -30.20 -26.35 -26.65
C SER D 780 -28.74 -26.10 -27.00
N GLY D 781 -28.52 -25.69 -28.25
CA GLY D 781 -27.17 -25.45 -28.73
C GLY D 781 -26.52 -24.18 -28.21
N TRP D 782 -27.28 -23.34 -27.52
CA TRP D 782 -26.73 -22.11 -26.98
C TRP D 782 -25.81 -22.36 -25.78
N LYS D 783 -25.91 -23.53 -25.14
CA LYS D 783 -25.10 -23.78 -23.95
C LYS D 783 -23.61 -23.80 -24.26
N ARG D 784 -23.24 -24.45 -25.37
CA ARG D 784 -21.83 -24.47 -25.79
C ARG D 784 -21.33 -23.06 -26.06
N GLN D 785 -22.13 -22.27 -26.77
CA GLN D 785 -21.74 -20.90 -27.07
C GLN D 785 -21.60 -20.08 -25.80
N VAL D 786 -22.52 -20.26 -24.86
CA VAL D 786 -22.47 -19.49 -23.61
C VAL D 786 -21.25 -19.87 -22.80
N ASP D 787 -20.93 -21.17 -22.73
CA ASP D 787 -19.74 -21.59 -21.99
C ASP D 787 -18.47 -20.99 -22.60
N LEU D 788 -18.32 -21.13 -23.92
CA LEU D 788 -17.14 -20.57 -24.56
C LEU D 788 -17.15 -19.06 -24.60
N ALA D 789 -18.31 -18.42 -24.36
CA ALA D 789 -18.40 -16.98 -24.27
C ALA D 789 -18.15 -16.47 -22.86
N ILE D 790 -18.29 -17.32 -21.86
CA ILE D 790 -17.90 -16.94 -20.50
C ILE D 790 -16.40 -17.16 -20.29
N LEU D 791 -15.84 -18.20 -20.89
CA LEU D 791 -14.49 -18.59 -20.53
C LEU D 791 -13.40 -17.64 -21.04
N GLN D 792 -13.66 -16.86 -22.09
CA GLN D 792 -12.61 -15.93 -22.50
C GLN D 792 -12.44 -14.79 -21.51
N LEU D 793 -13.46 -14.52 -20.70
CA LEU D 793 -13.31 -13.57 -19.61
C LEU D 793 -12.28 -14.06 -18.60
N PHE D 794 -12.29 -15.36 -18.30
CA PHE D 794 -11.23 -15.94 -17.49
C PHE D 794 -9.90 -15.89 -18.22
N GLY D 795 -9.89 -16.28 -19.50
CA GLY D 795 -8.63 -16.43 -20.21
C GLY D 795 -7.90 -15.13 -20.41
N ASP D 796 -8.57 -14.13 -20.98
CA ASP D 796 -7.95 -12.83 -21.21
C ASP D 796 -7.90 -11.97 -19.96
N GLY D 797 -8.64 -12.34 -18.91
CA GLY D 797 -8.60 -11.61 -17.66
C GLY D 797 -9.13 -10.20 -17.77
N GLU D 798 -10.22 -10.00 -18.50
CA GLU D 798 -10.85 -8.69 -18.61
C GLU D 798 -11.98 -8.50 -17.61
N MET D 799 -12.28 -9.50 -16.79
CA MET D 799 -13.30 -9.36 -15.75
C MET D 799 -12.73 -9.44 -14.34
N GLU D 800 -11.46 -9.78 -14.18
CA GLU D 800 -10.83 -9.67 -12.86
C GLU D 800 -10.80 -8.22 -12.41
N GLU D 801 -10.65 -7.28 -13.34
CA GLU D 801 -10.85 -5.88 -13.01
C GLU D 801 -12.32 -5.59 -12.72
N LEU D 802 -13.23 -6.26 -13.43
CA LEU D 802 -14.65 -6.15 -13.10
C LEU D 802 -14.93 -6.66 -11.70
N GLU D 803 -14.13 -7.62 -11.22
CA GLU D 803 -14.30 -8.09 -9.85
C GLU D 803 -14.09 -6.97 -8.84
N ALA D 804 -13.06 -6.15 -9.06
CA ALA D 804 -12.80 -5.01 -8.17
C ALA D 804 -13.66 -3.80 -8.50
N LEU D 805 -14.29 -3.77 -9.68
CA LEU D 805 -15.09 -2.62 -10.06
C LEU D 805 -16.28 -2.42 -9.13
N TRP D 806 -16.95 -3.51 -8.74
CA TRP D 806 -18.11 -3.43 -7.87
C TRP D 806 -17.93 -4.13 -6.53
N LEU D 807 -17.47 -5.38 -6.55
CA LEU D 807 -17.42 -6.19 -5.32
C LEU D 807 -16.13 -5.88 -4.56
N THR D 808 -16.14 -4.74 -3.88
CA THR D 808 -15.02 -4.33 -3.05
C THR D 808 -15.52 -3.39 -1.97
N GLY D 809 -15.05 -3.59 -0.74
CA GLY D 809 -15.47 -2.78 0.38
C GLY D 809 -14.30 -2.32 1.21
N ILE D 810 -14.58 -1.40 2.13
CA ILE D 810 -13.54 -0.87 3.01
C ILE D 810 -13.01 -1.96 3.94
N CYS D 811 -13.92 -2.67 4.61
CA CYS D 811 -13.51 -3.72 5.54
C CYS D 811 -12.92 -4.93 4.85
N HIS D 812 -13.06 -5.03 3.53
CA HIS D 812 -12.49 -6.15 2.79
C HIS D 812 -10.97 -6.17 2.85
N ASN D 813 -10.35 -5.06 3.25
CA ASN D 813 -8.90 -4.98 3.35
C ASN D 813 -8.39 -5.03 4.79
N GLU D 814 -9.15 -4.46 5.74
CA GLU D 814 -8.85 -4.50 7.16
C GLU D 814 -7.54 -3.79 7.51
N LYS D 815 -7.26 -3.65 8.80
CA LYS D 815 -6.05 -2.98 9.28
C LYS D 815 -5.46 -3.75 10.46
N ASN D 816 -5.41 -5.08 10.36
CA ASN D 816 -4.86 -5.95 11.39
C ASN D 816 -5.55 -5.75 12.74
N GLU D 817 -4.87 -6.12 13.83
CA GLU D 817 -5.38 -5.95 15.18
C GLU D 817 -4.72 -4.82 15.95
N VAL D 818 -3.59 -4.33 15.47
CA VAL D 818 -2.88 -3.23 16.12
C VAL D 818 -3.41 -1.92 15.56
N MET D 819 -3.43 -0.90 16.41
CA MET D 819 -3.96 0.41 16.05
C MET D 819 -3.18 1.45 16.83
N SER D 820 -3.73 2.65 16.94
CA SER D 820 -3.21 3.69 17.82
C SER D 820 -4.24 3.83 18.93
N SER D 821 -4.11 2.98 19.95
CA SER D 821 -5.07 2.94 21.02
C SER D 821 -4.35 3.03 22.36
N GLN D 822 -4.99 3.71 23.31
CA GLN D 822 -4.49 3.76 24.67
C GLN D 822 -4.41 2.35 25.23
N LEU D 823 -3.73 2.20 26.36
CA LEU D 823 -3.62 0.93 27.05
C LEU D 823 -4.48 0.97 28.31
N ASP D 824 -5.60 0.25 28.31
CA ASP D 824 -6.44 0.13 29.48
C ASP D 824 -5.86 -0.87 30.43
N ILE D 825 -6.62 -1.23 31.47
CA ILE D 825 -6.18 -2.35 32.28
C ILE D 825 -6.29 -3.63 31.48
N ASP D 826 -7.33 -3.76 30.66
CA ASP D 826 -7.51 -5.00 29.90
C ASP D 826 -6.24 -5.35 29.15
N ASN D 827 -5.63 -4.35 28.50
CA ASN D 827 -4.33 -4.54 27.87
C ASN D 827 -3.29 -4.92 28.91
N MET D 828 -3.05 -4.03 29.86
CA MET D 828 -1.94 -4.18 30.78
C MET D 828 -2.42 -4.77 32.11
N ALA D 829 -2.86 -6.03 32.03
CA ALA D 829 -3.29 -6.77 33.21
C ALA D 829 -2.65 -8.13 33.27
N GLY D 830 -1.54 -8.33 32.60
CA GLY D 830 -0.74 -9.50 32.86
C GLY D 830 0.44 -9.08 33.70
N VAL D 831 0.65 -7.77 33.78
CA VAL D 831 1.67 -7.23 34.66
C VAL D 831 1.14 -7.14 36.07
N PHE D 832 -0.14 -6.81 36.22
CA PHE D 832 -0.71 -6.79 37.56
C PHE D 832 -0.92 -8.18 38.09
N TYR D 833 -1.20 -9.17 37.24
CA TYR D 833 -1.27 -10.53 37.74
C TYR D 833 0.06 -10.98 38.27
N MET D 834 1.16 -10.66 37.57
CA MET D 834 2.47 -11.04 38.07
C MET D 834 2.80 -10.29 39.35
N LEU D 835 2.47 -9.00 39.42
CA LEU D 835 2.72 -8.27 40.65
C LEU D 835 1.90 -8.82 41.80
N GLY D 836 0.64 -9.16 41.58
CA GLY D 836 -0.14 -9.79 42.63
C GLY D 836 0.36 -11.17 43.00
N ALA D 837 0.88 -11.91 42.05
CA ALA D 837 1.37 -13.23 42.38
C ALA D 837 2.64 -13.14 43.19
N ALA D 838 3.50 -12.16 42.93
CA ALA D 838 4.63 -11.98 43.82
C ALA D 838 4.21 -11.37 45.14
N MET D 839 3.16 -10.55 45.14
CA MET D 839 2.56 -9.99 46.33
C MET D 839 2.01 -11.07 47.24
N ALA D 840 1.72 -12.25 46.70
CA ALA D 840 1.30 -13.39 47.50
C ALA D 840 2.41 -14.40 47.77
N LEU D 841 3.32 -14.60 46.83
CA LEU D 841 4.46 -15.46 47.09
C LEU D 841 5.40 -14.86 48.12
N SER D 842 5.49 -13.55 48.20
CA SER D 842 6.30 -12.94 49.24
C SER D 842 5.72 -13.24 50.60
N LEU D 843 4.40 -13.27 50.74
CA LEU D 843 3.81 -13.61 52.02
C LEU D 843 3.90 -15.09 52.32
N ILE D 844 3.83 -15.94 51.30
CA ILE D 844 4.05 -17.36 51.51
C ILE D 844 5.44 -17.60 52.06
N THR D 845 6.45 -17.00 51.45
CA THR D 845 7.80 -17.18 51.95
C THR D 845 8.06 -16.43 53.25
N PHE D 846 7.28 -15.38 53.54
CA PHE D 846 7.36 -14.73 54.84
C PHE D 846 6.92 -15.68 55.95
N ILE D 847 5.78 -16.34 55.80
CA ILE D 847 5.39 -17.28 56.84
C ILE D 847 6.32 -18.46 56.83
N CYS D 848 6.86 -18.85 55.67
CA CYS D 848 7.81 -19.94 55.66
C CYS D 848 9.10 -19.59 56.41
N GLU D 849 9.48 -18.31 56.43
CA GLU D 849 10.56 -17.90 57.31
C GLU D 849 10.12 -17.96 58.77
N HIS D 850 8.99 -17.33 59.08
CA HIS D 850 8.62 -17.18 60.48
C HIS D 850 8.32 -18.52 61.14
N LEU D 851 8.09 -19.58 60.38
CA LEU D 851 7.99 -20.88 61.05
C LEU D 851 9.33 -21.61 61.08
N PHE D 852 10.05 -21.63 59.97
CA PHE D 852 11.25 -22.45 59.89
C PHE D 852 12.50 -21.69 60.34
#